data_3ORX
#
_entry.id   3ORX
#
_cell.length_a   40.289
_cell.length_b   115.870
_cell.length_c   145.718
_cell.angle_alpha   91.76
_cell.angle_beta   89.99
_cell.angle_gamma   95.41
#
_symmetry.space_group_name_H-M   'P 1'
#
loop_
_entity.id
_entity.type
_entity.pdbx_description
1 polymer '3-phosphoinositide-dependent protein kinase 1'
2 non-polymer 2-methyl-N-(2-sulfanylethyl)-1-benzofuran-3-carboxamide
3 non-polymer 'CHLORIDE ION'
4 water water
#
_entity_poly.entity_id   1
_entity_poly.type   'polypeptide(L)'
_entity_poly.pdbx_seq_one_letter_code
;GAMDPEFMDGTAAEPRPGAGSLQHAQPPPQPRKKRPEDFKFGKILGEGSFSTVVLARELATSREYAIKILEKRHIIKENK
VPYVTRERDVMSRLDHPFFVKLYFCFQDDEKLYFGLSYAKNGELLKYIRKIGSFDETCTRFYTAEIVSALEYLHGKGIIH
RDLKPENILLNEDMHIQITDFGTAKVLSPESKQARAN(SEP)FVGTAQYVSPELLTEKSACKSSDLWALGCIIYQLVAGL
PPFRAGNEYLIFQKIIKLEYDFPEKFFPKARDLVEKLLVLDATKRLGCEEMEGYGPLKAHPFFESVTWENLHQQTPPKLT
;
_entity_poly.pdbx_strand_id   A,B,C,D,E,F,G,H
#
loop_
_chem_comp.id
_chem_comp.type
_chem_comp.name
_chem_comp.formula
1F8 non-polymer 2-methyl-N-(2-sulfanylethyl)-1-benzofuran-3-carboxamide 'C12 H13 N O2 S'
CL non-polymer 'CHLORIDE ION' 'Cl -1'
#
# COMPACT_ATOMS: atom_id res chain seq x y z
N ARG A 32 -51.69 -17.99 -6.64
CA ARG A 32 -51.61 -16.86 -5.73
C ARG A 32 -50.26 -16.81 -5.01
N LYS A 33 -50.25 -16.26 -3.80
CA LYS A 33 -49.00 -16.11 -3.04
C LYS A 33 -49.00 -16.91 -1.74
N LYS A 34 -47.79 -17.25 -1.29
CA LYS A 34 -47.61 -18.05 -0.10
C LYS A 34 -47.35 -17.19 1.13
N ARG A 35 -47.74 -17.71 2.30
CA ARG A 35 -47.52 -17.02 3.55
C ARG A 35 -46.93 -17.98 4.57
N PRO A 36 -46.24 -17.45 5.59
CA PRO A 36 -45.57 -18.29 6.58
C PRO A 36 -46.48 -19.38 7.13
N GLU A 37 -47.77 -19.08 7.23
CA GLU A 37 -48.73 -20.01 7.83
C GLU A 37 -48.95 -21.22 6.94
N ASP A 38 -48.58 -21.11 5.67
CA ASP A 38 -48.66 -22.21 4.71
C ASP A 38 -47.61 -23.29 4.99
N PHE A 39 -46.67 -22.99 5.87
CA PHE A 39 -45.56 -23.91 6.16
C PHE A 39 -45.47 -24.30 7.63
N LYS A 40 -44.93 -25.48 7.88
CA LYS A 40 -44.49 -25.87 9.22
C LYS A 40 -42.97 -25.74 9.25
N PHE A 41 -42.45 -24.97 10.20
CA PHE A 41 -41.01 -24.72 10.28
C PHE A 41 -40.30 -25.65 11.25
N GLY A 42 -39.27 -26.32 10.76
CA GLY A 42 -38.53 -27.30 11.54
C GLY A 42 -37.12 -26.89 11.92
N LYS A 43 -36.19 -27.82 11.81
CA LYS A 43 -34.82 -27.58 12.29
C LYS A 43 -34.08 -26.53 11.47
N ILE A 44 -33.20 -25.80 12.15
CA ILE A 44 -32.33 -24.84 11.47
C ILE A 44 -31.25 -25.56 10.67
N LEU A 45 -31.19 -25.26 9.37
CA LEU A 45 -30.24 -25.90 8.48
C LEU A 45 -28.96 -25.08 8.41
N GLY A 46 -29.10 -23.79 8.66
CA GLY A 46 -27.97 -22.87 8.54
C GLY A 46 -28.17 -21.62 9.37
N GLU A 47 -27.07 -21.07 9.84
CA GLU A 47 -27.11 -19.85 10.65
C GLU A 47 -26.09 -18.83 10.18
N GLY A 48 -26.60 -17.74 9.59
CA GLY A 48 -25.80 -16.57 9.30
C GLY A 48 -26.06 -15.56 10.40
N SER A 49 -25.40 -14.40 10.32
CA SER A 49 -25.59 -13.38 11.34
C SER A 49 -26.95 -12.71 11.14
N PHE A 50 -27.22 -12.36 9.89
CA PHE A 50 -28.40 -11.60 9.51
C PHE A 50 -29.49 -12.51 8.96
N SER A 51 -29.29 -13.82 9.06
CA SER A 51 -30.18 -14.75 8.41
C SER A 51 -30.15 -16.15 8.99
N THR A 52 -31.16 -16.93 8.62
CA THR A 52 -31.26 -18.33 8.99
C THR A 52 -31.75 -19.06 7.76
N VAL A 53 -31.49 -20.36 7.71
CA VAL A 53 -32.11 -21.23 6.74
C VAL A 53 -32.77 -22.33 7.56
N VAL A 54 -34.08 -22.51 7.33
CA VAL A 54 -34.85 -23.47 8.11
C VAL A 54 -35.51 -24.49 7.21
N LEU A 55 -35.56 -25.74 7.67
CA LEU A 55 -36.32 -26.78 6.98
C LEU A 55 -37.82 -26.52 7.11
N ALA A 56 -38.51 -26.40 5.98
CA ALA A 56 -39.93 -26.06 5.98
C ALA A 56 -40.74 -27.07 5.18
N ARG A 57 -41.82 -27.57 5.76
CA ARG A 57 -42.74 -28.39 4.99
C ARG A 57 -43.96 -27.59 4.59
N GLU A 58 -44.25 -27.58 3.29
CA GLU A 58 -45.47 -26.99 2.76
C GLU A 58 -46.64 -27.92 3.05
N LEU A 59 -47.47 -27.55 4.02
CA LEU A 59 -48.54 -28.41 4.50
C LEU A 59 -49.40 -28.95 3.37
N ALA A 60 -49.81 -28.08 2.46
CA ALA A 60 -50.62 -28.47 1.31
C ALA A 60 -50.06 -29.70 0.61
N THR A 61 -48.83 -29.61 0.13
CA THR A 61 -48.23 -30.64 -0.71
C THR A 61 -47.35 -31.63 0.06
N SER A 62 -46.87 -31.21 1.23
CA SER A 62 -45.90 -31.99 2.00
C SER A 62 -44.47 -31.94 1.46
N ARG A 63 -44.24 -31.13 0.44
CA ARG A 63 -42.90 -30.89 -0.10
C ARG A 63 -42.01 -30.14 0.90
N GLU A 64 -40.77 -30.58 1.03
CA GLU A 64 -39.82 -29.91 1.92
C GLU A 64 -39.01 -28.83 1.19
N TYR A 65 -38.78 -27.74 1.87
CA TYR A 65 -37.99 -26.64 1.31
C TYR A 65 -37.00 -26.19 2.36
N ALA A 66 -35.85 -25.69 1.92
CA ALA A 66 -34.97 -24.95 2.82
C ALA A 66 -35.33 -23.50 2.64
N ILE A 67 -35.90 -22.87 3.66
CA ILE A 67 -36.35 -21.50 3.51
C ILE A 67 -35.34 -20.54 4.13
N LYS A 68 -34.85 -19.63 3.32
CA LYS A 68 -33.94 -18.62 3.82
C LYS A 68 -34.75 -17.46 4.34
N ILE A 69 -34.57 -17.14 5.62
CA ILE A 69 -35.34 -16.08 6.28
C ILE A 69 -34.46 -14.89 6.63
N LEU A 70 -34.74 -13.74 6.01
CA LEU A 70 -33.99 -12.52 6.27
C LEU A 70 -34.82 -11.52 7.06
N GLU A 71 -34.27 -11.02 8.17
CA GLU A 71 -34.90 -9.95 8.93
C GLU A 71 -34.70 -8.64 8.19
N LYS A 72 -35.81 -8.00 7.79
CA LYS A 72 -35.72 -6.77 7.01
C LYS A 72 -35.00 -5.68 7.79
N ARG A 73 -35.37 -5.56 9.07
CA ARG A 73 -34.76 -4.59 9.97
C ARG A 73 -33.28 -4.45 9.68
N HIS A 74 -32.55 -5.55 9.75
CA HIS A 74 -31.11 -5.53 9.52
C HIS A 74 -30.74 -5.07 8.10
N ILE A 75 -31.51 -5.51 7.12
CA ILE A 75 -31.27 -5.15 5.73
C ILE A 75 -31.54 -3.67 5.51
N ILE A 76 -32.67 -3.21 6.05
CA ILE A 76 -33.04 -1.81 5.97
C ILE A 76 -31.94 -0.96 6.64
N LYS A 77 -31.64 -1.30 7.88
CA LYS A 77 -30.69 -0.55 8.70
C LYS A 77 -29.30 -0.41 8.07
N GLU A 78 -28.84 -1.44 7.37
CA GLU A 78 -27.52 -1.39 6.75
C GLU A 78 -27.59 -0.94 5.29
N ASN A 79 -28.78 -0.51 4.86
CA ASN A 79 -29.00 -0.03 3.50
C ASN A 79 -28.51 -1.01 2.43
N LYS A 80 -28.75 -2.30 2.64
CA LYS A 80 -28.25 -3.35 1.75
C LYS A 80 -29.34 -4.01 0.89
N VAL A 81 -30.48 -3.35 0.72
CA VAL A 81 -31.56 -3.90 -0.08
C VAL A 81 -31.11 -4.32 -1.48
N PRO A 82 -30.39 -3.45 -2.21
CA PRO A 82 -29.87 -3.81 -3.53
C PRO A 82 -29.08 -5.13 -3.53
N TYR A 83 -28.38 -5.41 -2.43
CA TYR A 83 -27.58 -6.63 -2.33
C TYR A 83 -28.46 -7.87 -2.17
N VAL A 84 -29.56 -7.72 -1.43
CA VAL A 84 -30.45 -8.84 -1.22
C VAL A 84 -31.20 -9.16 -2.52
N THR A 85 -31.58 -8.13 -3.26
CA THR A 85 -32.27 -8.36 -4.52
C THR A 85 -31.30 -9.02 -5.48
N ARG A 86 -30.04 -8.61 -5.42
CA ARG A 86 -28.99 -9.21 -6.26
C ARG A 86 -28.90 -10.71 -5.99
N GLU A 87 -28.82 -11.12 -4.73
CA GLU A 87 -28.85 -12.53 -4.39
C GLU A 87 -30.07 -13.22 -4.99
N ARG A 88 -31.24 -12.61 -4.82
CA ARG A 88 -32.49 -13.18 -5.34
C ARG A 88 -32.41 -13.39 -6.84
N ASP A 89 -31.99 -12.36 -7.57
CA ASP A 89 -31.90 -12.43 -9.02
C ASP A 89 -30.86 -13.46 -9.50
N VAL A 90 -29.63 -13.39 -8.97
CA VAL A 90 -28.60 -14.36 -9.33
C VAL A 90 -29.14 -15.76 -9.21
N MET A 91 -29.89 -16.04 -8.15
CA MET A 91 -30.41 -17.38 -7.91
C MET A 91 -31.50 -17.79 -8.89
N SER A 92 -32.24 -16.80 -9.40
CA SER A 92 -33.33 -17.08 -10.34
C SER A 92 -32.76 -17.43 -11.72
N ARG A 93 -31.47 -17.16 -11.93
CA ARG A 93 -30.78 -17.53 -13.16
C ARG A 93 -30.20 -18.97 -13.11
N LEU A 94 -30.34 -19.67 -11.98
CA LEU A 94 -29.70 -20.98 -11.83
C LEU A 94 -30.67 -22.13 -12.11
N ASP A 95 -30.39 -22.93 -13.12
CA ASP A 95 -31.22 -24.09 -13.40
C ASP A 95 -30.32 -25.29 -13.71
N HIS A 96 -29.72 -25.86 -12.67
CA HIS A 96 -28.72 -26.89 -12.86
C HIS A 96 -28.77 -27.80 -11.67
N PRO A 97 -28.63 -29.11 -11.90
CA PRO A 97 -28.66 -30.14 -10.84
C PRO A 97 -27.68 -29.87 -9.67
N PHE A 98 -26.53 -29.25 -9.93
CA PHE A 98 -25.53 -29.03 -8.88
C PHE A 98 -25.70 -27.74 -8.10
N PHE A 99 -26.80 -27.03 -8.34
CA PHE A 99 -27.00 -25.74 -7.70
C PHE A 99 -28.35 -25.69 -7.03
N VAL A 100 -28.42 -24.93 -5.93
CA VAL A 100 -29.69 -24.73 -5.25
C VAL A 100 -30.66 -24.09 -6.25
N LYS A 101 -31.96 -24.32 -6.07
CA LYS A 101 -32.96 -23.70 -6.92
C LYS A 101 -33.86 -22.77 -6.09
N LEU A 102 -34.17 -21.60 -6.65
CA LEU A 102 -35.12 -20.70 -6.00
C LEU A 102 -36.51 -21.03 -6.53
N TYR A 103 -37.38 -21.49 -5.64
CA TYR A 103 -38.74 -21.85 -6.04
C TYR A 103 -39.72 -20.70 -5.90
N PHE A 104 -39.69 -20.02 -4.75
CA PHE A 104 -40.65 -18.96 -4.47
C PHE A 104 -40.09 -17.92 -3.50
N CYS A 105 -40.76 -16.77 -3.46
CA CYS A 105 -40.42 -15.69 -2.50
C CYS A 105 -41.69 -15.11 -1.95
N PHE A 106 -41.75 -14.92 -0.63
CA PHE A 106 -42.86 -14.18 -0.05
C PHE A 106 -42.39 -13.32 1.12
N GLN A 107 -43.30 -12.50 1.63
CA GLN A 107 -42.94 -11.43 2.54
C GLN A 107 -43.83 -11.36 3.78
N ASP A 108 -43.23 -10.89 4.87
CA ASP A 108 -43.88 -10.83 6.17
C ASP A 108 -43.82 -9.40 6.67
N ASP A 109 -44.26 -9.18 7.89
CA ASP A 109 -44.15 -7.86 8.51
C ASP A 109 -42.68 -7.54 8.79
N GLU A 110 -41.98 -8.51 9.35
CA GLU A 110 -40.59 -8.31 9.77
C GLU A 110 -39.58 -9.16 8.99
N LYS A 111 -40.06 -10.01 8.08
CA LYS A 111 -39.17 -10.99 7.46
C LYS A 111 -39.35 -11.17 5.96
N LEU A 112 -38.23 -11.50 5.29
CA LEU A 112 -38.26 -11.90 3.89
C LEU A 112 -37.92 -13.39 3.75
N TYR A 113 -38.68 -14.11 2.93
CA TYR A 113 -38.55 -15.56 2.80
C TYR A 113 -38.17 -16.02 1.37
N PHE A 114 -37.06 -16.74 1.24
CA PHE A 114 -36.75 -17.41 -0.04
C PHE A 114 -36.85 -18.92 0.11
N GLY A 115 -37.70 -19.52 -0.71
CA GLY A 115 -37.86 -20.96 -0.72
C GLY A 115 -36.84 -21.60 -1.66
N LEU A 116 -35.96 -22.42 -1.09
CA LEU A 116 -34.89 -23.04 -1.87
C LEU A 116 -34.97 -24.55 -1.83
N SER A 117 -34.35 -25.20 -2.81
CA SER A 117 -34.25 -26.66 -2.74
C SER A 117 -33.65 -27.06 -1.40
N TYR A 118 -34.06 -28.21 -0.90
CA TYR A 118 -33.54 -28.71 0.36
C TYR A 118 -32.52 -29.79 0.08
N ALA A 119 -31.32 -29.60 0.61
CA ALA A 119 -30.26 -30.62 0.49
C ALA A 119 -30.19 -31.46 1.78
N LYS A 120 -30.80 -32.62 1.71
CA LYS A 120 -31.07 -33.45 2.87
C LYS A 120 -29.81 -33.86 3.64
N ASN A 121 -28.71 -34.04 2.94
CA ASN A 121 -27.54 -34.62 3.60
C ASN A 121 -26.53 -33.62 4.17
N GLY A 122 -26.84 -32.32 4.05
CA GLY A 122 -26.07 -31.30 4.75
C GLY A 122 -24.75 -30.94 4.10
N GLU A 123 -23.82 -30.42 4.90
CA GLU A 123 -22.59 -29.84 4.39
C GLU A 123 -21.52 -30.86 4.04
N LEU A 124 -20.88 -30.66 2.91
CA LEU A 124 -19.69 -31.43 2.55
C LEU A 124 -18.72 -31.48 3.73
N LEU A 125 -18.53 -30.36 4.41
CA LEU A 125 -17.62 -30.28 5.55
C LEU A 125 -17.91 -31.37 6.60
N LYS A 126 -19.18 -31.74 6.75
CA LYS A 126 -19.60 -32.72 7.74
C LYS A 126 -18.96 -34.05 7.40
N TYR A 127 -18.92 -34.36 6.11
CA TYR A 127 -18.36 -35.62 5.66
C TYR A 127 -16.85 -35.61 5.78
N ILE A 128 -16.22 -34.47 5.52
CA ILE A 128 -14.77 -34.36 5.64
C ILE A 128 -14.37 -34.63 7.09
N ARG A 129 -15.18 -34.07 7.98
CA ARG A 129 -14.92 -34.20 9.39
C ARG A 129 -15.09 -35.66 9.85
N LYS A 130 -16.15 -36.32 9.40
CA LYS A 130 -16.47 -37.71 9.79
C LYS A 130 -15.46 -38.79 9.38
N ILE A 131 -14.99 -38.73 8.14
CA ILE A 131 -14.04 -39.74 7.68
C ILE A 131 -12.59 -39.22 7.57
N GLY A 132 -12.36 -37.97 7.97
CA GLY A 132 -11.02 -37.43 7.97
C GLY A 132 -10.54 -36.84 6.65
N SER A 133 -10.57 -37.64 5.60
CA SER A 133 -10.15 -37.22 4.28
C SER A 133 -10.79 -38.18 3.28
N PHE A 134 -10.97 -37.73 2.05
CA PHE A 134 -11.56 -38.55 0.99
C PHE A 134 -10.54 -39.44 0.32
N ASP A 135 -10.95 -40.66 -0.03
CA ASP A 135 -10.06 -41.54 -0.77
C ASP A 135 -10.06 -41.04 -2.22
N GLU A 136 -9.27 -41.64 -3.08
CA GLU A 136 -9.02 -41.05 -4.40
C GLU A 136 -10.26 -41.08 -5.30
N THR A 137 -11.00 -42.19 -5.22
CA THR A 137 -12.24 -42.35 -5.95
C THR A 137 -13.25 -41.26 -5.62
N CYS A 138 -13.42 -41.01 -4.33
CA CYS A 138 -14.33 -39.99 -3.82
C CYS A 138 -13.84 -38.55 -4.10
N THR A 139 -12.53 -38.35 -3.98
CA THR A 139 -11.94 -37.06 -4.30
C THR A 139 -12.18 -36.72 -5.78
N ARG A 140 -11.92 -37.69 -6.64
CA ARG A 140 -12.09 -37.45 -8.07
C ARG A 140 -13.55 -37.12 -8.35
N PHE A 141 -14.46 -37.90 -7.78
CA PHE A 141 -15.86 -37.78 -8.10
C PHE A 141 -16.42 -36.41 -7.71
N TYR A 142 -16.20 -36.02 -6.46
CA TYR A 142 -16.68 -34.74 -5.93
C TYR A 142 -15.97 -33.50 -6.47
N THR A 143 -14.67 -33.60 -6.69
CA THR A 143 -13.95 -32.55 -7.42
C THR A 143 -14.54 -32.32 -8.82
N ALA A 144 -14.79 -33.40 -9.55
CA ALA A 144 -15.39 -33.32 -10.88
C ALA A 144 -16.78 -32.66 -10.89
N GLU A 145 -17.64 -33.00 -9.93
CA GLU A 145 -18.92 -32.31 -9.81
C GLU A 145 -18.71 -30.82 -9.53
N ILE A 146 -17.75 -30.51 -8.68
CA ILE A 146 -17.53 -29.11 -8.35
C ILE A 146 -17.02 -28.36 -9.60
N VAL A 147 -16.07 -28.95 -10.31
CA VAL A 147 -15.52 -28.33 -11.52
C VAL A 147 -16.62 -28.12 -12.56
N SER A 148 -17.47 -29.13 -12.73
CA SER A 148 -18.58 -29.05 -13.65
C SER A 148 -19.58 -27.97 -13.22
N ALA A 149 -19.78 -27.82 -11.93
CA ALA A 149 -20.66 -26.79 -11.40
C ALA A 149 -20.07 -25.41 -11.69
N LEU A 150 -18.78 -25.28 -11.48
CA LEU A 150 -18.13 -23.99 -11.68
C LEU A 150 -18.14 -23.57 -13.14
N GLU A 151 -17.95 -24.53 -14.04
CA GLU A 151 -17.94 -24.20 -15.46
C GLU A 151 -19.30 -23.65 -15.93
N TYR A 152 -20.38 -24.28 -15.50
CA TYR A 152 -21.72 -23.77 -15.66
C TYR A 152 -21.92 -22.35 -15.07
N LEU A 153 -21.47 -22.13 -13.84
CA LEU A 153 -21.70 -20.87 -13.15
C LEU A 153 -20.99 -19.75 -13.88
N HIS A 154 -19.73 -20.01 -14.16
CA HIS A 154 -18.87 -19.03 -14.77
C HIS A 154 -19.32 -18.76 -16.22
N GLY A 155 -19.80 -19.79 -16.90
CA GLY A 155 -20.40 -19.62 -18.21
C GLY A 155 -21.58 -18.67 -18.22
N LYS A 156 -22.07 -18.28 -17.05
CA LYS A 156 -23.15 -17.29 -16.97
C LYS A 156 -22.63 -15.94 -16.52
N GLY A 157 -21.31 -15.81 -16.46
CA GLY A 157 -20.68 -14.59 -15.96
C GLY A 157 -20.86 -14.39 -14.46
N ILE A 158 -21.31 -15.43 -13.78
CA ILE A 158 -21.46 -15.35 -12.32
C ILE A 158 -20.26 -15.90 -11.54
N ILE A 159 -19.72 -15.12 -10.60
CA ILE A 159 -18.76 -15.69 -9.66
C ILE A 159 -19.36 -15.79 -8.28
N HIS A 160 -19.13 -16.92 -7.62
CA HIS A 160 -19.63 -17.16 -6.29
C HIS A 160 -19.05 -16.33 -5.16
N ARG A 161 -17.73 -16.31 -5.09
CA ARG A 161 -16.97 -15.50 -4.14
C ARG A 161 -16.87 -16.01 -2.68
N ASP A 162 -17.51 -17.09 -2.34
CA ASP A 162 -17.39 -17.65 -1.01
C ASP A 162 -17.44 -19.14 -1.12
N LEU A 163 -16.75 -19.70 -2.09
CA LEU A 163 -16.73 -21.12 -2.23
C LEU A 163 -15.97 -21.86 -1.10
N LYS A 164 -16.59 -22.87 -0.50
CA LYS A 164 -15.95 -23.58 0.59
C LYS A 164 -16.84 -24.74 0.97
N PRO A 165 -16.29 -25.73 1.69
CA PRO A 165 -17.06 -26.95 1.99
C PRO A 165 -18.36 -26.71 2.76
N GLU A 166 -18.44 -25.68 3.59
CA GLU A 166 -19.73 -25.45 4.25
C GLU A 166 -20.85 -24.96 3.32
N ASN A 167 -20.50 -24.37 2.16
CA ASN A 167 -21.51 -23.93 1.18
C ASN A 167 -21.73 -24.95 0.06
N ILE A 168 -21.12 -26.10 0.18
CA ILE A 168 -21.38 -27.17 -0.76
C ILE A 168 -22.16 -28.23 -0.02
N LEU A 169 -23.44 -28.35 -0.35
CA LEU A 169 -24.29 -29.29 0.37
C LEU A 169 -24.41 -30.56 -0.44
N LEU A 170 -24.99 -31.57 0.18
CA LEU A 170 -25.28 -32.84 -0.49
C LEU A 170 -26.77 -33.13 -0.43
N ASN A 171 -27.36 -33.47 -1.58
CA ASN A 171 -28.78 -33.81 -1.64
C ASN A 171 -29.07 -35.27 -1.31
N GLU A 172 -30.33 -35.67 -1.42
CA GLU A 172 -30.74 -37.00 -0.98
C GLU A 172 -29.96 -38.06 -1.72
N ASP A 173 -29.61 -37.77 -2.95
CA ASP A 173 -28.84 -38.68 -3.79
C ASP A 173 -27.32 -38.50 -3.64
N MET A 174 -26.91 -37.56 -2.79
CA MET A 174 -25.48 -37.37 -2.46
C MET A 174 -24.72 -36.74 -3.60
N HIS A 175 -25.44 -36.10 -4.52
CA HIS A 175 -24.81 -35.15 -5.43
C HIS A 175 -24.70 -33.82 -4.72
N ILE A 176 -23.75 -33.02 -5.11
CA ILE A 176 -23.55 -31.69 -4.60
C ILE A 176 -24.66 -30.70 -4.95
N GLN A 177 -24.89 -29.79 -4.05
CA GLN A 177 -25.73 -28.65 -4.24
C GLN A 177 -25.01 -27.41 -3.72
N ILE A 178 -24.57 -26.58 -4.61
CA ILE A 178 -23.87 -25.38 -4.24
C ILE A 178 -24.84 -24.28 -3.91
N THR A 179 -24.59 -23.62 -2.82
CA THR A 179 -25.53 -22.75 -2.20
C THR A 179 -24.89 -21.47 -1.71
N ASP A 180 -25.68 -20.64 -1.04
CA ASP A 180 -25.25 -19.38 -0.45
C ASP A 180 -24.74 -18.34 -1.42
N PHE A 181 -25.67 -17.76 -2.13
CA PHE A 181 -25.38 -16.87 -3.21
C PHE A 181 -25.31 -15.41 -2.86
N GLY A 182 -25.27 -15.13 -1.56
CA GLY A 182 -25.26 -13.81 -0.98
C GLY A 182 -24.07 -13.00 -1.36
N THR A 183 -23.01 -13.64 -1.71
CA THR A 183 -21.78 -12.95 -2.11
C THR A 183 -21.54 -13.00 -3.62
N ALA A 184 -22.40 -13.70 -4.33
CA ALA A 184 -22.22 -13.87 -5.78
C ALA A 184 -22.34 -12.56 -6.55
N LYS A 185 -21.58 -12.45 -7.64
CA LYS A 185 -21.51 -11.24 -8.46
C LYS A 185 -21.65 -11.64 -9.92
N VAL A 186 -22.33 -10.83 -10.70
CA VAL A 186 -22.31 -10.97 -12.14
C VAL A 186 -21.12 -10.20 -12.66
N LEU A 187 -20.32 -10.85 -13.47
CA LEU A 187 -19.12 -10.27 -14.02
C LEU A 187 -19.25 -9.82 -15.46
N SER A 188 -18.47 -8.81 -15.81
CA SER A 188 -18.31 -8.30 -17.16
C SER A 188 -16.87 -8.15 -17.49
N PRO A 189 -16.52 -8.00 -18.75
CA PRO A 189 -15.13 -7.83 -19.10
C PRO A 189 -14.48 -6.60 -18.48
N GLU A 190 -15.17 -5.48 -18.35
CA GLU A 190 -14.62 -4.33 -17.63
C GLU A 190 -14.47 -4.57 -16.15
N SER A 191 -15.45 -5.25 -15.60
CA SER A 191 -15.51 -5.66 -14.22
C SER A 191 -14.38 -6.59 -13.93
N LYS A 192 -14.14 -7.45 -14.88
CA LYS A 192 -13.43 -8.65 -14.61
C LYS A 192 -12.18 -8.20 -13.94
N GLN A 193 -11.61 -7.12 -14.46
CA GLN A 193 -10.40 -6.48 -13.94
C GLN A 193 -10.65 -5.11 -13.39
N ARG A 195 -10.29 -3.33 -9.71
CA ARG A 195 -9.78 -3.18 -8.36
C ARG A 195 -10.79 -2.46 -7.46
N ALA A 196 -12.03 -2.92 -7.50
CA ALA A 196 -13.10 -2.31 -6.72
C ALA A 196 -13.75 -3.30 -5.73
N ASN A 197 -13.35 -4.56 -5.79
CA ASN A 197 -14.02 -5.64 -5.07
C ASN A 197 -14.40 -5.29 -3.62
N SEP A 198 -15.68 -5.43 -3.33
CA SEP A 198 -16.25 -5.00 -2.05
CB SEP A 198 -17.74 -4.66 -2.26
OG SEP A 198 -18.51 -5.84 -2.47
C SEP A 198 -16.14 -6.07 -0.98
O SEP A 198 -16.04 -5.76 0.21
P SEP A 198 -19.40 -5.79 -3.82
O1P SEP A 198 -20.12 -4.35 -3.94
O2P SEP A 198 -18.56 -6.06 -5.15
O3P SEP A 198 -20.54 -6.93 -3.68
N PHE A 199 -16.15 -7.33 -1.40
CA PHE A 199 -16.31 -8.43 -0.44
C PHE A 199 -15.17 -9.42 -0.39
N VAL A 200 -14.70 -9.67 0.83
CA VAL A 200 -13.64 -10.65 1.07
C VAL A 200 -14.23 -11.86 1.81
N GLY A 201 -14.38 -12.97 1.09
CA GLY A 201 -14.93 -14.19 1.67
C GLY A 201 -14.13 -14.75 2.83
N THR A 202 -14.40 -16.00 3.16
CA THR A 202 -13.74 -16.66 4.29
C THR A 202 -12.23 -16.70 4.08
N ALA A 203 -11.48 -16.30 5.11
CA ALA A 203 -10.02 -16.15 5.04
C ALA A 203 -9.25 -17.34 4.44
N GLN A 204 -9.66 -18.55 4.78
CA GLN A 204 -8.92 -19.73 4.32
C GLN A 204 -9.01 -19.97 2.82
N TYR A 205 -10.03 -19.44 2.18
CA TYR A 205 -10.26 -19.73 0.77
C TYR A 205 -10.07 -18.50 -0.10
N VAL A 206 -9.62 -17.39 0.47
CA VAL A 206 -9.50 -16.13 -0.31
C VAL A 206 -8.21 -16.09 -1.15
N SER A 207 -8.30 -15.64 -2.40
CA SER A 207 -7.11 -15.57 -3.27
C SER A 207 -6.29 -14.33 -2.96
N PRO A 208 -5.00 -14.35 -3.33
CA PRO A 208 -4.12 -13.21 -3.06
C PRO A 208 -4.62 -11.90 -3.70
N GLU A 209 -5.21 -11.97 -4.91
CA GLU A 209 -5.65 -10.77 -5.63
C GLU A 209 -6.79 -10.08 -4.96
N LEU A 210 -7.66 -10.85 -4.29
CA LEU A 210 -8.71 -10.19 -3.53
C LEU A 210 -8.07 -9.37 -2.40
N LEU A 211 -7.01 -9.90 -1.81
CA LEU A 211 -6.41 -9.26 -0.65
C LEU A 211 -5.66 -7.98 -1.07
N THR A 212 -4.88 -8.06 -2.14
CA THR A 212 -3.90 -7.01 -2.43
C THR A 212 -4.39 -5.92 -3.38
N GLU A 213 -5.24 -6.26 -4.34
CA GLU A 213 -5.71 -5.26 -5.28
C GLU A 213 -7.21 -5.15 -5.33
N LYS A 214 -7.89 -5.97 -4.54
CA LYS A 214 -9.34 -5.91 -4.49
C LYS A 214 -9.89 -6.16 -5.90
N SER A 215 -9.31 -7.17 -6.56
CA SER A 215 -9.83 -7.69 -7.81
C SER A 215 -10.54 -9.00 -7.50
N ALA A 216 -11.55 -9.36 -8.30
CA ALA A 216 -12.24 -10.63 -8.13
C ALA A 216 -12.74 -11.16 -9.46
N CYS A 217 -12.12 -12.23 -9.95
CA CYS A 217 -12.53 -12.80 -11.23
C CYS A 217 -12.88 -14.26 -11.08
N LYS A 218 -13.25 -14.87 -12.20
CA LYS A 218 -13.42 -16.31 -12.23
C LYS A 218 -12.25 -17.05 -11.63
N SER A 219 -11.07 -16.49 -11.83
CA SER A 219 -9.86 -17.16 -11.41
C SER A 219 -9.80 -17.28 -9.89
N SER A 220 -10.40 -16.32 -9.20
CA SER A 220 -10.38 -16.29 -7.74
C SER A 220 -11.18 -17.47 -7.17
N ASP A 221 -12.26 -17.87 -7.88
CA ASP A 221 -13.03 -19.06 -7.55
C ASP A 221 -12.21 -20.33 -7.80
N LEU A 222 -11.33 -20.29 -8.78
CA LEU A 222 -10.48 -21.43 -9.10
C LEU A 222 -9.41 -21.65 -8.02
N TRP A 223 -8.95 -20.56 -7.42
CA TRP A 223 -8.06 -20.62 -6.27
C TRP A 223 -8.82 -21.36 -5.15
N ALA A 224 -10.05 -20.95 -4.86
CA ALA A 224 -10.85 -21.61 -3.83
C ALA A 224 -10.98 -23.10 -4.12
N LEU A 225 -11.20 -23.43 -5.38
CA LEU A 225 -11.25 -24.82 -5.79
C LEU A 225 -10.01 -25.59 -5.37
N GLY A 226 -8.83 -25.03 -5.65
CA GLY A 226 -7.58 -25.64 -5.25
C GLY A 226 -7.48 -25.92 -3.74
N CYS A 227 -7.92 -24.94 -2.92
CA CYS A 227 -7.97 -25.09 -1.46
C CYS A 227 -8.89 -26.22 -1.02
N ILE A 228 -10.05 -26.29 -1.68
CA ILE A 228 -11.01 -27.34 -1.44
C ILE A 228 -10.56 -28.77 -1.82
N ILE A 229 -9.98 -28.93 -3.02
CA ILE A 229 -9.36 -30.19 -3.38
C ILE A 229 -8.27 -30.56 -2.34
N TYR A 230 -7.40 -29.62 -2.02
CA TYR A 230 -6.38 -29.90 -1.03
C TYR A 230 -7.05 -30.41 0.26
N GLN A 231 -8.09 -29.72 0.71
CA GLN A 231 -8.83 -30.09 1.90
C GLN A 231 -9.46 -31.48 1.87
N LEU A 232 -9.96 -31.90 0.71
CA LEU A 232 -10.52 -33.23 0.51
C LEU A 232 -9.45 -34.30 0.69
N VAL A 233 -8.30 -34.10 0.07
CA VAL A 233 -7.21 -35.07 0.13
C VAL A 233 -6.50 -35.08 1.50
N ALA A 234 -6.24 -33.90 2.06
CA ALA A 234 -5.38 -33.77 3.23
C ALA A 234 -6.18 -33.71 4.53
N GLY A 235 -7.44 -33.34 4.43
CA GLY A 235 -8.30 -33.26 5.61
C GLY A 235 -8.52 -31.84 6.13
N LEU A 236 -7.64 -30.92 5.74
CA LEU A 236 -7.73 -29.53 6.21
C LEU A 236 -7.28 -28.59 5.10
N PRO A 237 -7.74 -27.34 5.12
CA PRO A 237 -7.37 -26.39 4.08
C PRO A 237 -5.88 -26.04 4.13
N PRO A 238 -5.28 -25.68 2.98
CA PRO A 238 -3.82 -25.49 2.87
C PRO A 238 -3.20 -24.38 3.72
N PHE A 239 -3.89 -23.25 3.91
CA PHE A 239 -3.34 -22.10 4.63
C PHE A 239 -4.04 -21.99 5.98
N ARG A 240 -3.26 -22.18 7.03
CA ARG A 240 -3.74 -22.30 8.37
C ARG A 240 -2.89 -21.56 9.39
N ALA A 241 -3.51 -20.88 10.38
CA ALA A 241 -2.73 -20.15 11.37
C ALA A 241 -3.63 -19.63 12.46
N GLY A 242 -3.05 -19.01 13.48
CA GLY A 242 -3.79 -18.68 14.68
C GLY A 242 -4.74 -17.49 14.54
N ASN A 243 -4.57 -16.66 13.51
CA ASN A 243 -5.53 -15.61 13.19
C ASN A 243 -5.53 -15.30 11.71
N GLU A 244 -6.43 -14.43 11.27
CA GLU A 244 -6.59 -14.11 9.85
C GLU A 244 -5.41 -13.35 9.23
N TYR A 245 -4.81 -12.42 9.98
CA TYR A 245 -3.57 -11.79 9.55
C TYR A 245 -2.49 -12.82 9.23
N LEU A 246 -2.33 -13.82 10.09
CA LEU A 246 -1.32 -14.86 9.83
C LEU A 246 -1.69 -15.72 8.59
N ILE A 247 -2.97 -16.05 8.46
CA ILE A 247 -3.44 -16.80 7.29
C ILE A 247 -3.21 -16.00 5.98
N PHE A 248 -3.62 -14.72 5.97
CA PHE A 248 -3.36 -13.85 4.82
C PHE A 248 -1.87 -13.82 4.46
N GLN A 249 -1.00 -13.69 5.44
CA GLN A 249 0.44 -13.66 5.15
C GLN A 249 0.93 -14.91 4.43
N LYS A 250 0.37 -16.07 4.80
CA LYS A 250 0.72 -17.33 4.15
C LYS A 250 0.19 -17.37 2.74
N ILE A 251 -1.02 -16.87 2.58
CA ILE A 251 -1.64 -16.88 1.25
C ILE A 251 -0.81 -16.03 0.28
N ILE A 252 -0.53 -14.79 0.66
CA ILE A 252 0.20 -13.93 -0.28
C ILE A 252 1.62 -14.43 -0.57
N LYS A 253 2.21 -15.19 0.36
CA LYS A 253 3.52 -15.82 0.14
C LYS A 253 3.43 -17.21 -0.54
N LEU A 254 2.21 -17.73 -0.68
CA LEU A 254 2.03 -19.08 -1.17
C LEU A 254 2.78 -20.07 -0.26
N GLU A 255 2.67 -19.84 1.05
CA GLU A 255 3.34 -20.66 2.04
C GLU A 255 2.45 -21.81 2.50
N TYR A 256 2.57 -22.97 1.86
CA TYR A 256 1.84 -24.15 2.29
C TYR A 256 2.63 -25.37 1.87
N ASP A 257 2.27 -26.56 2.36
CA ASP A 257 3.01 -27.78 2.04
C ASP A 257 2.08 -28.97 1.86
N PHE A 258 2.43 -29.89 0.96
CA PHE A 258 1.67 -31.11 0.82
C PHE A 258 2.17 -32.13 1.85
N PRO A 259 1.24 -32.89 2.45
CA PRO A 259 1.68 -34.06 3.24
C PRO A 259 2.21 -35.14 2.30
N GLU A 260 2.96 -36.10 2.85
CA GLU A 260 3.56 -37.14 2.01
C GLU A 260 2.48 -37.99 1.35
N LYS A 261 1.41 -38.25 2.08
CA LYS A 261 0.30 -39.03 1.55
C LYS A 261 -0.67 -38.13 0.77
N PHE A 262 -0.34 -37.78 -0.47
CA PHE A 262 -1.20 -36.90 -1.28
C PHE A 262 -1.17 -37.40 -2.71
N PHE A 263 -2.31 -37.82 -3.24
CA PHE A 263 -2.36 -38.38 -4.59
C PHE A 263 -1.56 -37.49 -5.58
N PRO A 264 -0.50 -38.03 -6.20
CA PRO A 264 0.39 -37.24 -7.05
C PRO A 264 -0.32 -36.41 -8.12
N LYS A 265 -1.26 -37.00 -8.85
CA LYS A 265 -1.99 -36.23 -9.86
C LYS A 265 -2.91 -35.12 -9.30
N ALA A 266 -3.39 -35.28 -8.06
CA ALA A 266 -4.14 -34.22 -7.36
C ALA A 266 -3.21 -33.11 -6.94
N ARG A 267 -2.01 -33.49 -6.58
CA ARG A 267 -1.03 -32.50 -6.16
C ARG A 267 -0.65 -31.63 -7.35
N ASP A 268 -0.39 -32.26 -8.50
CA ASP A 268 -0.12 -31.49 -9.71
C ASP A 268 -1.28 -30.54 -10.01
N LEU A 269 -2.51 -31.04 -9.90
CA LEU A 269 -3.71 -30.22 -10.09
C LEU A 269 -3.73 -29.05 -9.12
N VAL A 270 -3.56 -29.34 -7.85
CA VAL A 270 -3.55 -28.30 -6.84
C VAL A 270 -2.47 -27.26 -7.10
N GLU A 271 -1.29 -27.72 -7.48
CA GLU A 271 -0.20 -26.80 -7.79
C GLU A 271 -0.50 -25.89 -8.98
N LYS A 272 -1.38 -26.32 -9.86
CA LYS A 272 -1.73 -25.52 -11.02
C LYS A 272 -2.88 -24.56 -10.75
N LEU A 273 -3.53 -24.73 -9.59
CA LEU A 273 -4.62 -23.84 -9.19
C LEU A 273 -4.15 -22.81 -8.18
N LEU A 274 -3.35 -23.27 -7.23
CA LEU A 274 -2.82 -22.37 -6.22
C LEU A 274 -1.58 -21.62 -6.73
N VAL A 275 -1.79 -20.71 -7.69
CA VAL A 275 -0.71 -19.94 -8.31
C VAL A 275 -0.99 -18.46 -8.04
N LEU A 276 0.03 -17.70 -7.61
CA LEU A 276 -0.23 -16.32 -7.20
C LEU A 276 -0.87 -15.49 -8.33
N ASP A 277 -0.31 -15.60 -9.53
CA ASP A 277 -0.79 -14.85 -10.68
C ASP A 277 -2.13 -15.43 -11.14
N ALA A 278 -3.18 -14.63 -11.01
CA ALA A 278 -4.53 -15.08 -11.37
C ALA A 278 -4.67 -15.48 -12.85
N THR A 279 -3.82 -14.93 -13.71
CA THR A 279 -3.93 -15.21 -15.15
C THR A 279 -3.23 -16.49 -15.53
N LYS A 280 -2.59 -17.13 -14.57
CA LYS A 280 -1.89 -18.38 -14.85
C LYS A 280 -2.49 -19.60 -14.13
N ARG A 281 -3.69 -19.46 -13.58
CA ARG A 281 -4.37 -20.59 -12.98
C ARG A 281 -5.07 -21.46 -14.01
N LEU A 282 -4.84 -22.77 -13.89
CA LEU A 282 -5.50 -23.70 -14.77
C LEU A 282 -7.01 -23.43 -14.70
N GLY A 283 -7.65 -23.27 -15.86
CA GLY A 283 -9.06 -22.95 -15.89
C GLY A 283 -9.41 -21.51 -16.23
N CYS A 284 -8.52 -20.56 -15.99
CA CYS A 284 -8.89 -19.17 -16.31
C CYS A 284 -8.88 -18.85 -17.82
N GLU A 285 -9.46 -17.71 -18.20
CA GLU A 285 -9.56 -17.30 -19.61
C GLU A 285 -8.22 -17.30 -20.30
N GLU A 286 -7.22 -16.72 -19.63
CA GLU A 286 -5.88 -16.61 -20.21
C GLU A 286 -5.21 -17.96 -20.45
N MET A 287 -5.66 -19.00 -19.75
CA MET A 287 -5.04 -20.33 -19.91
C MET A 287 -5.94 -21.18 -20.76
N GLU A 288 -6.72 -20.52 -21.60
CA GLU A 288 -7.58 -21.20 -22.58
C GLU A 288 -8.75 -21.93 -21.94
N GLY A 289 -9.10 -21.52 -20.73
CA GLY A 289 -10.41 -21.84 -20.18
C GLY A 289 -10.57 -23.20 -19.53
N TYR A 290 -11.78 -23.73 -19.59
CA TYR A 290 -12.08 -24.96 -18.87
C TYR A 290 -11.57 -26.23 -19.53
N GLY A 291 -11.37 -26.18 -20.84
CA GLY A 291 -10.87 -27.32 -21.58
C GLY A 291 -9.66 -27.99 -20.93
N PRO A 292 -8.57 -27.23 -20.78
CA PRO A 292 -7.34 -27.77 -20.18
C PRO A 292 -7.56 -28.20 -18.72
N LEU A 293 -8.46 -27.54 -18.00
CA LEU A 293 -8.73 -27.93 -16.61
C LEU A 293 -9.38 -29.30 -16.63
N LYS A 294 -10.43 -29.46 -17.42
CA LYS A 294 -11.11 -30.75 -17.46
C LYS A 294 -10.25 -31.86 -18.06
N ALA A 295 -9.23 -31.47 -18.82
CA ALA A 295 -8.30 -32.42 -19.42
C ALA A 295 -7.07 -32.73 -18.54
N HIS A 296 -7.00 -32.18 -17.34
CA HIS A 296 -5.90 -32.51 -16.45
C HIS A 296 -5.88 -34.04 -16.20
N PRO A 297 -4.67 -34.62 -16.12
CA PRO A 297 -4.54 -36.07 -15.89
C PRO A 297 -5.31 -36.63 -14.66
N PHE A 298 -5.52 -35.84 -13.62
CA PHE A 298 -6.28 -36.31 -12.46
C PHE A 298 -7.71 -36.68 -12.86
N PHE A 299 -8.19 -36.08 -13.94
CA PHE A 299 -9.53 -36.31 -14.46
C PHE A 299 -9.58 -37.25 -15.68
N GLU A 300 -8.52 -38.01 -15.91
CA GLU A 300 -8.49 -38.89 -17.08
C GLU A 300 -9.76 -39.73 -17.24
N SER A 301 -10.19 -40.37 -16.16
CA SER A 301 -11.34 -41.28 -16.28
C SER A 301 -12.72 -40.61 -16.44
N VAL A 302 -12.81 -39.33 -16.11
CA VAL A 302 -14.11 -38.66 -15.94
C VAL A 302 -14.90 -38.50 -17.23
N THR A 303 -16.19 -38.85 -17.18
CA THR A 303 -17.09 -38.59 -18.30
C THR A 303 -17.95 -37.37 -17.98
N TRP A 304 -17.50 -36.23 -18.49
CA TRP A 304 -18.00 -34.94 -18.06
C TRP A 304 -19.47 -34.70 -18.36
N GLU A 305 -19.97 -35.20 -19.48
CA GLU A 305 -21.36 -34.97 -19.86
C GLU A 305 -22.42 -35.69 -19.03
N ASN A 306 -22.08 -36.80 -18.37
CA ASN A 306 -23.12 -37.50 -17.60
C ASN A 306 -23.03 -37.46 -16.05
N LEU A 307 -22.24 -36.55 -15.49
CA LEU A 307 -21.94 -36.57 -14.06
C LEU A 307 -23.16 -36.68 -13.17
N HIS A 308 -24.17 -35.85 -13.43
CA HIS A 308 -25.32 -35.78 -12.51
C HIS A 308 -26.17 -37.04 -12.53
N GLN A 309 -25.95 -37.92 -13.50
CA GLN A 309 -26.66 -39.19 -13.55
C GLN A 309 -25.88 -40.36 -12.92
N GLN A 310 -24.61 -40.14 -12.58
CA GLN A 310 -23.81 -41.20 -11.99
C GLN A 310 -24.13 -41.41 -10.51
N THR A 311 -24.18 -42.65 -10.07
CA THR A 311 -24.29 -42.90 -8.63
C THR A 311 -22.96 -42.57 -7.93
N PRO A 312 -22.99 -41.66 -6.96
CA PRO A 312 -21.77 -41.25 -6.25
C PRO A 312 -21.19 -42.38 -5.41
N PRO A 313 -19.85 -42.47 -5.34
CA PRO A 313 -19.24 -43.49 -4.48
C PRO A 313 -19.59 -43.20 -3.04
N LYS A 314 -19.75 -44.26 -2.25
CA LYS A 314 -20.02 -44.15 -0.83
C LYS A 314 -18.83 -43.54 -0.13
N LEU A 315 -19.12 -42.64 0.78
CA LEU A 315 -18.11 -41.90 1.50
C LEU A 315 -17.66 -42.70 2.71
N THR A 316 -16.45 -43.26 2.60
CA THR A 316 -15.84 -44.01 3.70
C THR A 316 -14.32 -43.73 3.80
N LYS B 34 52.33 44.45 30.56
CA LYS B 34 52.20 45.72 29.84
C LYS B 34 52.31 46.91 30.78
N ARG B 35 52.79 48.03 30.27
CA ARG B 35 52.90 49.25 31.06
C ARG B 35 52.36 50.42 30.26
N PRO B 36 51.94 51.50 30.94
CA PRO B 36 51.33 52.65 30.27
C PRO B 36 52.13 53.13 29.07
N GLU B 37 53.44 52.98 29.16
CA GLU B 37 54.34 53.49 28.12
C GLU B 37 54.21 52.67 26.83
N ASP B 38 53.65 51.47 26.95
CA ASP B 38 53.40 50.60 25.80
C ASP B 38 52.28 51.12 24.91
N PHE B 39 51.54 52.12 25.40
CA PHE B 39 50.38 52.65 24.69
C PHE B 39 50.47 54.13 24.41
N LYS B 40 49.81 54.56 23.34
CA LYS B 40 49.54 55.98 23.09
C LYS B 40 48.09 56.23 23.47
N PHE B 41 47.87 57.19 24.37
CA PHE B 41 46.52 57.49 24.85
C PHE B 41 45.86 58.63 24.08
N GLY B 42 44.66 58.37 23.57
CA GLY B 42 43.93 59.33 22.75
C GLY B 42 42.68 59.89 23.42
N LYS B 43 41.61 59.99 22.65
CA LYS B 43 40.41 60.66 23.15
C LYS B 43 39.70 59.90 24.26
N ILE B 44 39.05 60.64 25.15
CA ILE B 44 38.27 60.05 26.21
C ILE B 44 36.96 59.50 25.65
N LEU B 45 36.72 58.21 25.87
CA LEU B 45 35.54 57.53 25.36
C LEU B 45 34.42 57.59 26.37
N GLY B 46 34.78 57.72 27.64
CA GLY B 46 33.81 57.72 28.71
C GLY B 46 34.35 58.41 29.95
N GLU B 47 33.44 59.02 30.71
CA GLU B 47 33.81 59.72 31.94
C GLU B 47 32.89 59.33 33.09
N GLY B 48 33.44 58.58 34.04
CA GLY B 48 32.79 58.35 35.31
C GLY B 48 33.39 59.31 36.33
N SER B 49 32.91 59.25 37.56
CA SER B 49 33.42 60.14 38.60
C SER B 49 34.81 59.68 39.02
N PHE B 50 34.92 58.38 39.27
CA PHE B 50 36.12 57.77 39.79
C PHE B 50 36.95 57.11 38.69
N SER B 51 36.57 57.35 37.45
CA SER B 51 37.19 56.63 36.34
C SER B 51 37.03 57.32 35.00
N THR B 52 37.82 56.83 34.05
CA THR B 52 37.76 57.29 32.68
C THR B 52 37.95 56.07 31.81
N VAL B 53 37.48 56.17 30.57
CA VAL B 53 37.79 55.19 29.57
C VAL B 53 38.42 55.97 28.42
N VAL B 54 39.61 55.55 28.02
CA VAL B 54 40.36 56.26 26.99
C VAL B 54 40.69 55.33 25.83
N LEU B 55 40.63 55.86 24.61
CA LEU B 55 41.09 55.13 23.43
C LEU B 55 42.60 55.01 23.45
N ALA B 56 43.10 53.78 23.41
CA ALA B 56 44.54 53.52 23.50
C ALA B 56 45.03 52.68 22.34
N ARG B 57 46.10 53.12 21.69
CA ARG B 57 46.74 52.27 20.70
C ARG B 57 48.00 51.62 21.24
N GLU B 58 48.05 50.29 21.13
CA GLU B 58 49.24 49.53 21.52
C GLU B 58 50.27 49.71 20.41
N LEU B 59 51.30 50.51 20.70
CA LEU B 59 52.31 50.87 19.71
C LEU B 59 52.87 49.65 18.96
N ALA B 60 53.26 48.63 19.73
CA ALA B 60 53.78 47.40 19.15
C ALA B 60 52.92 46.89 17.99
N THR B 61 51.65 46.60 18.28
CA THR B 61 50.78 45.96 17.30
C THR B 61 49.91 46.94 16.52
N SER B 62 49.71 48.14 17.06
CA SER B 62 48.77 49.11 16.49
C SER B 62 47.28 48.80 16.75
N ARG B 63 47.02 47.77 17.56
CA ARG B 63 45.65 47.43 17.96
C ARG B 63 45.07 48.48 18.89
N GLU B 64 43.80 48.81 18.69
CA GLU B 64 43.14 49.80 19.52
C GLU B 64 42.39 49.15 20.68
N TYR B 65 42.45 49.78 21.84
CA TYR B 65 41.76 49.29 23.02
C TYR B 65 41.06 50.45 23.68
N ALA B 66 39.93 50.17 24.33
CA ALA B 66 39.36 51.14 25.24
C ALA B 66 39.91 50.77 26.61
N ILE B 67 40.73 51.64 27.18
CA ILE B 67 41.33 51.33 28.46
C ILE B 67 40.59 52.02 29.58
N LYS B 68 40.14 51.23 30.54
CA LYS B 68 39.49 51.80 31.70
C LYS B 68 40.55 52.10 32.75
N ILE B 69 40.63 53.37 33.16
CA ILE B 69 41.66 53.81 34.10
C ILE B 69 41.05 54.23 35.43
N LEU B 70 41.39 53.48 36.48
CA LEU B 70 40.88 53.76 37.82
C LEU B 70 41.98 54.34 38.71
N GLU B 71 41.71 55.47 39.34
CA GLU B 71 42.62 56.04 40.33
C GLU B 71 42.51 55.25 41.63
N LYS B 72 43.59 54.62 42.05
CA LYS B 72 43.57 53.78 43.23
C LYS B 72 43.16 54.58 44.46
N ARG B 73 43.76 55.76 44.59
CA ARG B 73 43.46 56.67 45.68
C ARG B 73 41.99 56.60 46.06
N HIS B 74 41.12 56.89 45.10
CA HIS B 74 39.68 56.89 45.34
C HIS B 74 39.17 55.52 45.78
N ILE B 75 39.69 54.47 45.18
CA ILE B 75 39.26 53.10 45.50
C ILE B 75 39.71 52.74 46.90
N ILE B 76 40.97 53.05 47.20
CA ILE B 76 41.53 52.83 48.52
C ILE B 76 40.71 53.59 49.56
N LYS B 77 40.58 54.88 49.34
CA LYS B 77 39.89 55.78 50.27
C LYS B 77 38.45 55.38 50.60
N GLU B 78 37.74 54.84 49.64
CA GLU B 78 36.36 54.43 49.88
C GLU B 78 36.25 52.95 50.24
N ASN B 79 37.40 52.31 50.45
CA ASN B 79 37.46 50.90 50.82
C ASN B 79 36.64 50.00 49.89
N LYS B 80 36.72 50.27 48.58
CA LYS B 80 35.92 49.54 47.58
C LYS B 80 36.74 48.58 46.71
N VAL B 81 37.92 48.18 47.19
CA VAL B 81 38.75 47.25 46.43
C VAL B 81 38.02 45.97 46.00
N PRO B 82 37.33 45.31 46.94
CA PRO B 82 36.54 44.11 46.60
C PRO B 82 35.57 44.35 45.44
N TYR B 83 35.01 45.55 45.34
CA TYR B 83 34.07 45.88 44.27
C TYR B 83 34.77 45.99 42.91
N VAL B 84 35.99 46.52 42.92
CA VAL B 84 36.73 46.66 41.68
C VAL B 84 37.20 45.30 41.18
N THR B 85 37.59 44.43 42.09
CA THR B 85 38.01 43.10 41.69
C THR B 85 36.80 42.35 41.14
N ARG B 86 35.64 42.56 41.78
CA ARG B 86 34.39 41.98 41.30
C ARG B 86 34.12 42.37 39.84
N GLU B 87 34.21 43.65 39.51
CA GLU B 87 34.07 44.06 38.13
C GLU B 87 35.04 43.32 37.23
N ARG B 88 36.30 43.26 37.64
CA ARG B 88 37.32 42.58 36.83
C ARG B 88 36.97 41.13 36.58
N ASP B 89 36.56 40.45 37.64
CA ASP B 89 36.23 39.03 37.53
C ASP B 89 35.00 38.81 36.64
N VAL B 90 33.91 39.50 36.96
CA VAL B 90 32.69 39.40 36.15
C VAL B 90 33.04 39.51 34.67
N MET B 91 33.90 40.46 34.34
CA MET B 91 34.24 40.71 32.93
C MET B 91 35.06 39.60 32.32
N SER B 92 35.85 38.92 33.14
CA SER B 92 36.70 37.84 32.65
C SER B 92 35.85 36.61 32.33
N ARG B 93 34.60 36.62 32.79
CA ARG B 93 33.66 35.53 32.49
C ARG B 93 32.90 35.76 31.17
N LEU B 94 33.08 36.91 30.51
CA LEU B 94 32.31 37.25 29.32
C LEU B 94 33.04 36.91 28.02
N ASP B 95 32.46 36.03 27.21
CA ASP B 95 33.06 35.69 25.91
C ASP B 95 31.97 35.61 24.86
N HIS B 96 31.46 36.77 24.48
CA HIS B 96 30.29 36.82 23.61
C HIS B 96 30.42 38.07 22.76
N PRO B 97 30.01 37.97 21.49
CA PRO B 97 30.08 39.08 20.52
C PRO B 97 29.38 40.37 21.01
N PHE B 98 28.33 40.25 21.81
CA PHE B 98 27.56 41.42 22.21
C PHE B 98 28.04 42.06 23.49
N PHE B 99 29.17 41.60 24.01
CA PHE B 99 29.67 42.09 25.29
C PHE B 99 31.11 42.54 25.15
N VAL B 100 31.49 43.49 26.01
CA VAL B 100 32.86 44.01 25.97
C VAL B 100 33.76 42.83 26.37
N LYS B 101 35.00 42.84 25.93
CA LYS B 101 35.93 41.79 26.33
C LYS B 101 37.08 42.38 27.15
N LEU B 102 37.45 41.72 28.23
CA LEU B 102 38.64 42.12 28.98
C LEU B 102 39.85 41.40 28.41
N TYR B 103 40.78 42.16 27.85
CA TYR B 103 41.97 41.58 27.27
C TYR B 103 43.14 41.48 28.25
N PHE B 104 43.39 42.56 28.99
CA PHE B 104 44.54 42.59 29.88
C PHE B 104 44.34 43.58 31.03
N CYS B 105 45.17 43.43 32.05
CA CYS B 105 45.17 44.34 33.22
C CYS B 105 46.58 44.64 33.61
N PHE B 106 46.89 45.90 33.85
CA PHE B 106 48.18 46.24 34.44
C PHE B 106 48.06 47.40 35.41
N GLN B 107 49.16 47.70 36.09
CA GLN B 107 49.11 48.58 37.26
C GLN B 107 50.20 49.64 37.26
N ASP B 108 49.87 50.78 37.84
CA ASP B 108 50.73 51.95 37.87
C ASP B 108 50.97 52.34 39.32
N ASP B 109 51.65 53.47 39.52
CA ASP B 109 51.85 53.97 40.87
C ASP B 109 50.52 54.46 41.43
N GLU B 110 49.79 55.21 40.62
CA GLU B 110 48.54 55.82 41.06
C GLU B 110 47.28 55.29 40.36
N LYS B 111 47.47 54.39 39.40
CA LYS B 111 46.35 53.99 38.54
C LYS B 111 46.24 52.49 38.25
N LEU B 112 45.00 52.04 38.09
CA LEU B 112 44.72 50.68 37.63
C LEU B 112 44.16 50.73 36.19
N TYR B 113 44.64 49.83 35.34
CA TYR B 113 44.27 49.82 33.92
C TYR B 113 43.58 48.52 33.48
N PHE B 114 42.38 48.63 32.91
CA PHE B 114 41.74 47.49 32.26
C PHE B 114 41.65 47.72 30.76
N GLY B 115 42.24 46.80 30.00
CA GLY B 115 42.18 46.84 28.55
C GLY B 115 40.93 46.15 27.99
N LEU B 116 40.03 46.92 27.40
CA LEU B 116 38.76 46.38 26.92
C LEU B 116 38.63 46.51 25.43
N SER B 117 37.78 45.70 24.83
CA SER B 117 37.46 45.89 23.41
C SER B 117 37.02 47.32 23.18
N TYR B 118 37.32 47.85 22.00
CA TYR B 118 36.97 49.22 21.66
C TYR B 118 35.74 49.19 20.75
N ALA B 119 34.70 49.92 21.13
CA ALA B 119 33.48 50.04 20.33
C ALA B 119 33.49 51.36 19.57
N LYS B 120 33.91 51.28 18.32
CA LYS B 120 34.24 52.45 17.52
C LYS B 120 33.08 53.43 17.35
N ASN B 121 31.86 52.93 17.26
CA ASN B 121 30.74 53.80 16.98
C ASN B 121 30.02 54.45 18.17
N GLY B 122 30.54 54.24 19.37
CA GLY B 122 30.04 54.96 20.54
C GLY B 122 28.71 54.48 21.08
N GLU B 123 28.01 55.37 21.77
CA GLU B 123 26.82 54.99 22.53
C GLU B 123 25.58 54.90 21.68
N LEU B 124 24.77 53.88 21.94
CA LEU B 124 23.43 53.79 21.37
C LEU B 124 22.67 55.12 21.50
N LEU B 125 22.77 55.76 22.67
CA LEU B 125 22.08 57.01 22.94
C LEU B 125 22.39 58.08 21.89
N LYS B 126 23.62 58.03 21.35
CA LYS B 126 24.03 58.99 20.34
C LYS B 126 23.13 58.85 19.12
N TYR B 127 22.86 57.61 18.73
CA TYR B 127 22.01 57.38 17.59
C TYR B 127 20.55 57.73 17.86
N ILE B 128 20.07 57.46 19.07
CA ILE B 128 18.68 57.82 19.39
C ILE B 128 18.52 59.34 19.28
N ARG B 129 19.53 60.04 19.77
CA ARG B 129 19.53 61.50 19.72
C ARG B 129 19.53 62.02 18.28
N LYS B 130 20.37 61.45 17.42
CA LYS B 130 20.55 61.90 16.02
C LYS B 130 19.31 61.72 15.12
N ILE B 131 18.64 60.58 15.19
CA ILE B 131 17.49 60.33 14.33
C ILE B 131 16.15 60.44 15.06
N GLY B 132 16.16 60.81 16.34
CA GLY B 132 14.95 60.97 17.10
C GLY B 132 14.36 59.69 17.71
N SER B 133 14.07 58.70 16.87
CA SER B 133 13.53 57.42 17.31
C SER B 133 13.82 56.43 16.21
N PHE B 134 13.87 55.14 16.56
CA PHE B 134 14.15 54.08 15.59
C PHE B 134 12.88 53.64 14.83
N ASP B 135 13.02 53.34 13.54
CA ASP B 135 11.92 52.79 12.80
C ASP B 135 11.75 51.33 13.25
N GLU B 136 10.74 50.65 12.73
CA GLU B 136 10.37 49.36 13.28
C GLU B 136 11.40 48.27 13.01
N THR B 137 11.98 48.30 11.81
CA THR B 137 13.04 47.39 11.39
C THR B 137 14.26 47.49 12.32
N CYS B 138 14.65 48.71 12.62
CA CYS B 138 15.80 48.99 13.50
C CYS B 138 15.50 48.70 14.98
N THR B 139 14.29 49.03 15.41
CA THR B 139 13.85 48.71 16.74
C THR B 139 13.90 47.19 16.95
N ARG B 140 13.37 46.44 15.99
CA ARG B 140 13.28 45.00 16.16
C ARG B 140 14.71 44.43 16.21
N PHE B 141 15.56 44.90 15.31
CA PHE B 141 16.91 44.38 15.19
C PHE B 141 17.73 44.60 16.47
N TYR B 142 17.74 45.84 16.98
CA TYR B 142 18.53 46.17 18.17
C TYR B 142 17.96 45.64 19.50
N THR B 143 16.63 45.63 19.60
CA THR B 143 15.98 44.99 20.73
C THR B 143 16.36 43.48 20.79
N ALA B 144 16.34 42.81 19.64
CA ALA B 144 16.69 41.38 19.58
C ALA B 144 18.15 41.07 19.98
N GLU B 145 19.09 41.88 19.51
CA GLU B 145 20.46 41.80 20.01
C GLU B 145 20.51 41.99 21.53
N ILE B 146 19.84 43.02 22.03
CA ILE B 146 19.82 43.25 23.46
C ILE B 146 19.22 42.06 24.25
N VAL B 147 18.10 41.52 23.76
CA VAL B 147 17.47 40.37 24.43
C VAL B 147 18.39 39.16 24.40
N SER B 148 19.04 38.95 23.26
CA SER B 148 19.97 37.86 23.08
C SER B 148 21.17 38.01 24.00
N ALA B 149 21.62 39.27 24.19
CA ALA B 149 22.72 39.55 25.10
C ALA B 149 22.31 39.25 26.52
N LEU B 150 21.10 39.68 26.87
CA LEU B 150 20.65 39.50 28.23
C LEU B 150 20.46 38.02 28.60
N GLU B 151 19.97 37.22 27.64
CA GLU B 151 19.77 35.80 27.90
C GLU B 151 21.09 35.11 28.21
N TYR B 152 22.12 35.44 27.43
CA TYR B 152 23.48 34.98 27.68
C TYR B 152 23.99 35.41 29.06
N LEU B 153 23.77 36.66 29.42
CA LEU B 153 24.33 37.20 30.67
C LEU B 153 23.68 36.51 31.84
N HIS B 154 22.36 36.47 31.79
CA HIS B 154 21.58 35.94 32.88
C HIS B 154 21.81 34.43 33.00
N GLY B 155 22.02 33.77 31.87
CA GLY B 155 22.41 32.37 31.86
C GLY B 155 23.70 32.08 32.62
N LYS B 156 24.42 33.13 33.01
CA LYS B 156 25.63 32.97 33.80
C LYS B 156 25.41 33.39 35.24
N GLY B 157 24.15 33.63 35.59
CA GLY B 157 23.82 34.14 36.90
C GLY B 157 24.27 35.58 37.14
N ILE B 158 24.63 36.27 36.07
CA ILE B 158 25.07 37.66 36.20
C ILE B 158 23.95 38.67 35.89
N ILE B 159 23.69 39.59 36.81
CA ILE B 159 22.84 40.73 36.45
C ILE B 159 23.65 42.03 36.33
N HIS B 160 23.35 42.78 35.28
CA HIS B 160 24.02 44.04 34.99
C HIS B 160 23.80 45.22 35.94
N ARG B 161 22.55 45.52 36.24
CA ARG B 161 22.11 46.49 37.24
C ARG B 161 22.18 47.97 36.82
N ASP B 162 22.70 48.27 35.66
CA ASP B 162 22.69 49.61 35.14
C ASP B 162 22.48 49.62 33.65
N LEU B 163 21.54 48.85 33.15
CA LEU B 163 21.32 48.74 31.72
C LEU B 163 20.65 50.03 31.21
N LYS B 164 21.23 50.64 30.18
CA LYS B 164 20.68 51.86 29.60
C LYS B 164 21.43 52.19 28.32
N PRO B 165 20.85 53.04 27.47
CA PRO B 165 21.45 53.28 26.16
C PRO B 165 22.88 53.81 26.22
N GLU B 166 23.28 54.51 27.27
CA GLU B 166 24.68 54.98 27.32
C GLU B 166 25.70 53.85 27.59
N ASN B 167 25.24 52.72 28.13
CA ASN B 167 26.11 51.58 28.37
C ASN B 167 25.99 50.53 27.28
N ILE B 168 25.21 50.83 26.27
CA ILE B 168 25.16 49.95 25.12
C ILE B 168 25.91 50.65 24.00
N LEU B 169 27.08 50.14 23.67
CA LEU B 169 27.89 50.74 22.62
C LEU B 169 27.67 50.00 21.32
N LEU B 170 28.21 50.56 20.26
CA LEU B 170 28.16 49.99 18.91
C LEU B 170 29.58 49.83 18.38
N ASN B 171 29.89 48.64 17.88
CA ASN B 171 31.22 48.38 17.31
C ASN B 171 31.29 48.79 15.87
N GLU B 172 32.43 48.51 15.25
CA GLU B 172 32.69 48.96 13.88
C GLU B 172 31.63 48.43 12.94
N ASP B 173 31.12 47.25 13.24
CA ASP B 173 30.11 46.61 12.42
C ASP B 173 28.69 46.99 12.83
N MET B 174 28.58 47.85 13.84
CA MET B 174 27.28 48.38 14.31
C MET B 174 26.44 47.34 15.05
N HIS B 175 27.08 46.26 15.48
CA HIS B 175 26.48 45.39 16.47
C HIS B 175 26.71 46.01 17.83
N ILE B 176 25.81 45.72 18.76
CA ILE B 176 25.92 46.25 20.10
C ILE B 176 27.09 45.61 20.86
N GLN B 177 27.54 46.32 21.89
CA GLN B 177 28.52 45.83 22.82
C GLN B 177 28.13 46.38 24.19
N ILE B 178 27.61 45.52 25.04
CA ILE B 178 27.18 45.98 26.35
C ILE B 178 28.42 46.08 27.21
N THR B 179 28.49 47.11 28.00
CA THR B 179 29.67 47.53 28.72
C THR B 179 29.32 48.03 30.10
N ASP B 180 30.31 48.52 30.83
CA ASP B 180 30.17 49.03 32.20
C ASP B 180 29.64 48.10 33.29
N PHE B 181 30.48 47.17 33.64
CA PHE B 181 30.17 46.12 34.53
C PHE B 181 30.51 46.42 35.98
N GLY B 182 30.77 47.68 36.29
CA GLY B 182 31.04 48.10 37.66
C GLY B 182 29.88 47.89 38.63
N THR B 183 28.68 47.69 38.10
CA THR B 183 27.53 47.48 38.99
C THR B 183 27.03 46.03 38.94
N ALA B 184 27.62 45.23 38.06
CA ALA B 184 27.17 43.87 37.84
C ALA B 184 27.35 42.99 39.08
N LYS B 185 26.42 42.06 39.27
CA LYS B 185 26.41 41.16 40.42
C LYS B 185 26.24 39.74 39.93
N VAL B 186 26.90 38.80 40.58
CA VAL B 186 26.61 37.40 40.36
C VAL B 186 25.48 37.03 41.29
N LEU B 187 24.48 36.34 40.75
CA LEU B 187 23.26 36.00 41.46
C LEU B 187 23.23 34.53 41.90
N SER B 188 22.61 34.28 43.05
CA SER B 188 22.33 32.90 43.49
C SER B 188 20.87 32.79 43.87
N PRO B 189 20.35 31.60 43.91
CA PRO B 189 18.95 31.43 44.26
C PRO B 189 18.57 32.08 45.59
N GLU B 190 19.41 31.99 46.61
CA GLU B 190 19.19 32.69 47.89
C GLU B 190 19.31 34.21 47.80
N SER B 191 20.24 34.63 46.97
CA SER B 191 20.45 36.03 46.62
C SER B 191 19.23 36.49 45.91
N LYS B 192 18.70 35.60 45.11
CA LYS B 192 17.65 35.92 44.19
C LYS B 192 16.42 36.45 44.90
N GLN B 193 16.24 36.16 46.19
CA GLN B 193 15.10 36.73 46.89
C GLN B 193 15.64 37.56 47.99
N ALA B 196 18.61 43.00 50.23
CA ALA B 196 19.89 43.54 50.67
C ALA B 196 20.54 44.47 49.63
N ASN B 197 19.93 44.58 48.46
CA ASN B 197 20.56 45.27 47.32
C ASN B 197 21.22 46.60 47.66
N SEP B 198 22.50 46.70 47.33
CA SEP B 198 23.34 47.81 47.72
CB SEP B 198 24.80 47.36 47.81
OG SEP B 198 25.34 47.13 46.51
C SEP B 198 23.26 48.98 46.74
O SEP B 198 23.42 50.13 47.12
P SEP B 198 25.99 45.66 46.35
O1P SEP B 198 26.88 45.31 47.65
O2P SEP B 198 24.87 44.51 46.16
O3P SEP B 198 26.93 45.68 45.05
N PHE B 199 23.00 48.66 45.48
CA PHE B 199 23.16 49.66 44.42
C PHE B 199 21.89 49.96 43.63
N VAL B 200 21.60 51.26 43.51
CA VAL B 200 20.46 51.73 42.73
C VAL B 200 20.97 52.45 41.48
N GLY B 201 20.83 51.81 40.33
CA GLY B 201 21.29 52.38 39.08
C GLY B 201 20.64 53.69 38.71
N THR B 202 20.75 54.07 37.44
CA THR B 202 20.20 55.33 36.93
C THR B 202 18.67 55.37 37.15
N ALA B 203 18.18 56.49 37.69
CA ALA B 203 16.77 56.62 38.12
C ALA B 203 15.74 56.24 37.03
N GLN B 204 15.98 56.61 35.79
CA GLN B 204 15.02 56.35 34.73
C GLN B 204 14.81 54.89 34.41
N TYR B 205 15.77 54.05 34.75
CA TYR B 205 15.73 52.65 34.35
C TYR B 205 15.55 51.72 35.55
N VAL B 206 15.39 52.28 36.75
CA VAL B 206 15.31 51.45 37.95
C VAL B 206 13.93 50.82 38.13
N SER B 207 13.87 49.55 38.54
CA SER B 207 12.59 48.89 38.78
C SER B 207 12.03 49.25 40.14
N PRO B 208 10.71 49.11 40.31
CA PRO B 208 10.06 49.42 41.59
C PRO B 208 10.63 48.58 42.75
N GLU B 209 10.98 47.30 42.53
CA GLU B 209 11.49 46.43 43.61
C GLU B 209 12.83 46.89 44.14
N LEU B 210 13.67 47.47 43.28
CA LEU B 210 14.93 48.00 43.78
C LEU B 210 14.62 49.13 44.73
N LEU B 211 13.61 49.92 44.41
CA LEU B 211 13.30 51.10 45.20
C LEU B 211 12.71 50.74 46.56
N THR B 212 11.79 49.79 46.57
CA THR B 212 10.95 49.59 47.75
C THR B 212 11.43 48.51 48.70
N GLU B 213 12.02 47.44 48.17
CA GLU B 213 12.47 46.36 49.05
C GLU B 213 13.95 46.07 48.92
N LYS B 214 14.63 46.80 48.05
CA LYS B 214 16.05 46.61 47.88
C LYS B 214 16.32 45.14 47.45
N SER B 215 15.50 44.66 46.51
CA SER B 215 15.71 43.38 45.85
C SER B 215 16.25 43.68 44.46
N ALA B 216 17.05 42.76 43.91
CA ALA B 216 17.55 42.91 42.54
C ALA B 216 17.73 41.56 41.87
N CYS B 217 16.89 41.26 40.89
CA CYS B 217 16.95 39.97 40.20
C CYS B 217 17.09 40.15 38.71
N LYS B 218 17.18 39.03 37.99
CA LYS B 218 17.14 39.09 36.55
C LYS B 218 15.99 39.95 36.07
N SER B 219 14.88 39.87 36.80
CA SER B 219 13.66 40.53 36.38
C SER B 219 13.82 42.05 36.34
N SER B 220 14.68 42.56 37.22
CA SER B 220 14.92 43.99 37.30
C SER B 220 15.60 44.50 36.02
N ASP B 221 16.44 43.65 35.42
CA ASP B 221 17.11 43.94 34.15
C ASP B 221 16.05 43.93 33.04
N LEU B 222 15.02 43.12 33.19
CA LEU B 222 13.98 43.03 32.17
C LEU B 222 13.11 44.27 32.19
N TRP B 223 12.93 44.87 33.37
CA TRP B 223 12.28 46.16 33.48
C TRP B 223 13.07 47.20 32.69
N ALA B 224 14.38 47.24 32.91
CA ALA B 224 15.22 48.19 32.21
C ALA B 224 15.08 48.00 30.70
N LEU B 225 15.00 46.74 30.25
CA LEU B 225 14.79 46.43 28.85
C LEU B 225 13.53 47.07 28.31
N GLY B 226 12.42 46.95 29.05
CA GLY B 226 11.19 47.60 28.66
C GLY B 226 11.29 49.11 28.50
N CYS B 227 12.02 49.77 29.42
CA CYS B 227 12.29 51.21 29.34
C CYS B 227 13.08 51.56 28.10
N ILE B 228 14.07 50.73 27.79
CA ILE B 228 14.91 50.91 26.61
C ILE B 228 14.17 50.74 25.27
N ILE B 229 13.40 49.69 25.13
CA ILE B 229 12.54 49.51 23.97
C ILE B 229 11.60 50.72 23.81
N TYR B 230 10.98 51.13 24.89
CA TYR B 230 10.11 52.27 24.84
C TYR B 230 10.89 53.47 24.31
N GLN B 231 12.10 53.67 24.84
CA GLN B 231 12.94 54.79 24.44
C GLN B 231 13.35 54.76 22.98
N LEU B 232 13.56 53.57 22.44
CA LEU B 232 13.89 53.38 21.03
C LEU B 232 12.71 53.80 20.14
N VAL B 233 11.50 53.36 20.49
CA VAL B 233 10.33 53.66 19.70
C VAL B 233 9.86 55.11 19.87
N ALA B 234 9.85 55.61 21.10
CA ALA B 234 9.23 56.89 21.41
C ALA B 234 10.25 58.03 21.39
N GLY B 235 11.52 57.69 21.55
CA GLY B 235 12.59 58.67 21.54
C GLY B 235 13.11 59.09 22.91
N LEU B 236 12.33 58.82 23.97
CA LEU B 236 12.73 59.15 25.33
C LEU B 236 12.23 58.06 26.26
N PRO B 237 12.85 57.92 27.44
CA PRO B 237 12.47 56.87 28.38
C PRO B 237 11.09 57.13 28.99
N PRO B 238 10.39 56.08 29.43
CA PRO B 238 8.98 56.18 29.84
C PRO B 238 8.68 57.06 31.06
N PHE B 239 9.53 57.02 32.09
CA PHE B 239 9.27 57.74 33.33
C PHE B 239 10.18 58.95 33.38
N ARG B 240 9.57 60.14 33.37
CA ARG B 240 10.29 61.41 33.28
C ARG B 240 9.72 62.49 34.15
N ALA B 241 10.58 63.27 34.78
CA ALA B 241 10.12 64.31 35.68
C ALA B 241 11.28 65.22 36.07
N GLY B 242 10.99 66.24 36.88
CA GLY B 242 11.96 67.31 37.11
C GLY B 242 13.03 66.93 38.11
N ASN B 243 12.80 65.90 38.90
CA ASN B 243 13.86 65.33 39.75
C ASN B 243 13.65 63.84 39.98
N GLU B 244 14.59 63.23 40.70
CA GLU B 244 14.54 61.79 40.90
C GLU B 244 13.42 61.29 41.81
N TYR B 245 13.12 62.04 42.88
CA TYR B 245 11.93 61.78 43.68
C TYR B 245 10.68 61.70 42.81
N LEU B 246 10.53 62.61 41.85
CA LEU B 246 9.33 62.63 40.99
C LEU B 246 9.33 61.45 39.99
N ILE B 247 10.49 61.16 39.42
CA ILE B 247 10.65 59.96 38.61
C ILE B 247 10.34 58.65 39.38
N PHE B 248 10.89 58.48 40.58
CA PHE B 248 10.59 57.31 41.43
C PHE B 248 9.09 57.18 41.70
N GLN B 249 8.42 58.29 41.97
CA GLN B 249 6.99 58.24 42.26
C GLN B 249 6.20 57.72 41.06
N LYS B 250 6.62 58.11 39.85
CA LYS B 250 5.98 57.60 38.64
C LYS B 250 6.25 56.11 38.48
N ILE B 251 7.48 55.71 38.76
CA ILE B 251 7.84 54.32 38.57
C ILE B 251 7.01 53.44 39.50
N ILE B 252 6.97 53.77 40.78
CA ILE B 252 6.25 52.88 41.69
C ILE B 252 4.74 52.86 41.39
N LYS B 253 4.23 53.90 40.75
CA LYS B 253 2.81 53.96 40.36
C LYS B 253 2.58 53.39 38.98
N LEU B 254 3.66 53.13 38.25
CA LEU B 254 3.55 52.69 36.86
C LEU B 254 2.80 53.76 36.05
N GLU B 255 3.20 55.00 36.25
CA GLU B 255 2.54 56.14 35.65
C GLU B 255 3.30 56.58 34.44
N TYR B 256 2.88 56.11 33.27
CA TYR B 256 3.49 56.48 32.00
C TYR B 256 2.45 56.28 30.90
N ASP B 257 2.73 56.76 29.71
CA ASP B 257 1.77 56.65 28.61
C ASP B 257 2.47 56.39 27.28
N PHE B 258 1.82 55.63 26.38
CA PHE B 258 2.36 55.47 25.05
C PHE B 258 1.91 56.63 24.17
N PRO B 259 2.80 57.14 23.33
CA PRO B 259 2.33 58.06 22.27
C PRO B 259 1.50 57.32 21.23
N GLU B 260 0.72 58.04 20.44
CA GLU B 260 -0.17 57.37 19.49
C GLU B 260 0.63 56.61 18.43
N LYS B 261 1.74 57.20 18.02
CA LYS B 261 2.64 56.57 17.07
C LYS B 261 3.59 55.58 17.76
N PHE B 262 3.09 54.38 18.12
CA PHE B 262 3.93 53.38 18.80
C PHE B 262 3.57 52.01 18.24
N PHE B 263 4.53 51.35 17.60
CA PHE B 263 4.26 50.05 16.99
C PHE B 263 3.47 49.13 17.95
N PRO B 264 2.25 48.73 17.57
CA PRO B 264 1.34 47.97 18.46
C PRO B 264 1.98 46.75 19.12
N LYS B 265 2.70 45.93 18.35
CA LYS B 265 3.35 44.74 18.93
C LYS B 265 4.50 45.05 19.90
N ALA B 266 5.17 46.20 19.71
CA ALA B 266 6.18 46.68 20.65
C ALA B 266 5.52 47.17 21.92
N ARG B 267 4.35 47.76 21.76
CA ARG B 267 3.62 48.25 22.90
C ARG B 267 3.18 47.06 23.75
N ASP B 268 2.64 46.02 23.12
CA ASP B 268 2.28 44.82 23.89
C ASP B 268 3.52 44.27 24.60
N LEU B 269 4.66 44.24 23.91
CA LEU B 269 5.92 43.78 24.52
C LEU B 269 6.30 44.65 25.74
N VAL B 270 6.31 45.97 25.54
CA VAL B 270 6.62 46.87 26.61
C VAL B 270 5.68 46.71 27.81
N GLU B 271 4.38 46.59 27.54
CA GLU B 271 3.40 46.37 28.60
C GLU B 271 3.63 45.06 29.36
N LYS B 272 4.24 44.08 28.73
CA LYS B 272 4.53 42.83 29.43
C LYS B 272 5.86 42.85 30.20
N LEU B 273 6.66 43.90 29.99
CA LEU B 273 7.93 44.08 30.70
C LEU B 273 7.81 45.07 31.85
N LEU B 274 7.13 46.17 31.59
CA LEU B 274 6.90 47.17 32.64
C LEU B 274 5.71 46.80 33.54
N VAL B 275 5.87 45.74 34.30
CA VAL B 275 4.84 45.26 35.21
C VAL B 275 5.36 45.39 36.66
N LEU B 276 4.56 45.94 37.57
CA LEU B 276 5.07 46.16 38.92
C LEU B 276 5.62 44.89 39.57
N ASP B 277 4.86 43.80 39.51
CA ASP B 277 5.27 42.54 40.12
C ASP B 277 6.42 41.91 39.33
N ALA B 278 7.58 41.85 39.93
CA ALA B 278 8.77 41.26 39.27
C ALA B 278 8.56 39.81 38.76
N THR B 279 7.71 39.06 39.42
CA THR B 279 7.54 37.65 39.06
C THR B 279 6.57 37.50 37.89
N LYS B 280 6.03 38.61 37.40
CA LYS B 280 5.13 38.53 36.26
C LYS B 280 5.64 39.24 35.01
N ARG B 281 6.92 39.57 34.99
CA ARG B 281 7.51 40.15 33.78
C ARG B 281 7.88 39.06 32.78
N LEU B 282 7.49 39.29 31.52
CA LEU B 282 7.87 38.40 30.44
C LEU B 282 9.39 38.21 30.46
N GLY B 283 9.82 36.96 30.49
CA GLY B 283 11.24 36.65 30.57
C GLY B 283 11.75 36.16 31.92
N CYS B 284 11.05 36.43 33.00
CA CYS B 284 11.58 35.99 34.29
C CYS B 284 11.38 34.48 34.53
N GLU B 285 12.04 33.95 35.56
CA GLU B 285 11.96 32.52 35.89
C GLU B 285 10.52 32.08 36.07
N GLU B 286 9.76 32.85 36.82
CA GLU B 286 8.38 32.50 37.12
C GLU B 286 7.47 32.45 35.89
N MET B 287 7.88 33.12 34.81
CA MET B 287 7.06 33.18 33.59
C MET B 287 7.63 32.25 32.55
N GLU B 288 8.36 31.24 33.05
CA GLU B 288 8.93 30.21 32.19
C GLU B 288 10.07 30.73 31.32
N GLY B 289 10.69 31.82 31.75
CA GLY B 289 12.00 32.21 31.24
C GLY B 289 12.05 32.92 29.89
N TYR B 290 13.14 32.71 29.16
CA TYR B 290 13.38 33.44 27.93
C TYR B 290 12.61 32.94 26.72
N GLY B 291 12.22 31.68 26.74
CA GLY B 291 11.40 31.11 25.68
C GLY B 291 10.23 31.99 25.25
N PRO B 292 9.31 32.29 26.17
CA PRO B 292 8.13 33.09 25.87
C PRO B 292 8.49 34.54 25.48
N LEU B 293 9.55 35.09 26.06
CA LEU B 293 10.01 36.43 25.67
C LEU B 293 10.44 36.39 24.21
N LYS B 294 11.28 35.44 23.84
CA LYS B 294 11.77 35.40 22.47
C LYS B 294 10.68 35.05 21.46
N ALA B 295 9.61 34.45 21.98
CA ALA B 295 8.47 34.05 21.17
C ALA B 295 7.35 35.11 21.13
N HIS B 296 7.56 36.26 21.77
CA HIS B 296 6.60 37.34 21.64
C HIS B 296 6.40 37.71 20.16
N PRO B 297 5.16 38.03 19.77
CA PRO B 297 4.85 38.38 18.37
C PRO B 297 5.71 39.50 17.76
N PHE B 298 6.22 40.42 18.57
CA PHE B 298 7.07 41.49 18.03
C PHE B 298 8.33 40.90 17.41
N PHE B 299 8.70 39.70 17.87
CA PHE B 299 9.89 39.01 17.40
C PHE B 299 9.59 37.87 16.41
N GLU B 300 8.39 37.82 15.85
CA GLU B 300 8.04 36.77 14.89
C GLU B 300 9.11 36.49 13.82
N SER B 301 9.62 37.55 13.19
CA SER B 301 10.58 37.32 12.10
C SER B 301 12.01 36.91 12.52
N VAL B 302 12.36 37.10 13.78
CA VAL B 302 13.75 37.01 14.23
C VAL B 302 14.33 35.63 14.18
N THR B 303 15.53 35.50 13.64
CA THR B 303 16.27 34.24 13.72
C THR B 303 17.35 34.30 14.80
N TRP B 304 16.99 33.79 15.97
CA TRP B 304 17.77 34.03 17.19
C TRP B 304 19.17 33.47 17.18
N GLU B 305 19.37 32.33 16.52
CA GLU B 305 20.71 31.72 16.50
C GLU B 305 21.77 32.43 15.65
N ASN B 306 21.38 33.23 14.66
CA ASN B 306 22.42 33.85 13.85
C ASN B 306 22.59 35.40 13.96
N LEU B 307 22.04 36.01 15.01
CA LEU B 307 22.00 37.46 15.10
C LEU B 307 23.34 38.16 14.85
N HIS B 308 24.41 37.69 15.49
CA HIS B 308 25.68 38.39 15.41
C HIS B 308 26.32 38.35 14.03
N GLN B 309 25.79 37.50 13.15
CA GLN B 309 26.28 37.41 11.79
C GLN B 309 25.46 38.25 10.79
N GLN B 310 24.34 38.79 11.23
CA GLN B 310 23.47 39.55 10.33
C GLN B 310 24.01 40.96 10.15
N THR B 311 23.95 41.49 8.94
CA THR B 311 24.26 42.91 8.74
C THR B 311 23.12 43.78 9.31
N PRO B 312 23.47 44.68 10.24
CA PRO B 312 22.46 45.52 10.89
C PRO B 312 21.85 46.54 9.92
N PRO B 313 20.56 46.82 10.05
CA PRO B 313 19.94 47.83 9.19
C PRO B 313 20.55 49.18 9.48
N LYS B 314 20.61 50.01 8.45
CA LYS B 314 21.18 51.33 8.59
C LYS B 314 20.25 52.18 9.45
N LEU B 315 20.85 52.95 10.35
CA LEU B 315 20.11 53.80 11.25
C LEU B 315 19.73 55.10 10.56
N THR B 316 18.46 55.22 10.19
CA THR B 316 17.93 56.47 9.63
C THR B 316 16.52 56.79 10.17
N ARG C 32 33.64 -7.45 -67.06
CA ARG C 32 33.43 -8.27 -68.25
C ARG C 32 32.57 -9.49 -67.93
N LYS C 33 32.79 -10.58 -68.68
CA LYS C 33 31.99 -11.80 -68.50
C LYS C 33 32.82 -13.00 -68.06
N LYS C 34 32.14 -13.93 -67.40
CA LYS C 34 32.78 -15.11 -66.84
C LYS C 34 32.66 -16.31 -67.79
N ARG C 35 33.64 -17.21 -67.72
CA ARG C 35 33.61 -18.41 -68.53
C ARG C 35 33.91 -19.62 -67.65
N PRO C 36 33.49 -20.82 -68.09
CA PRO C 36 33.67 -22.03 -67.29
C PRO C 36 35.10 -22.18 -66.75
N GLU C 37 36.06 -21.71 -67.53
CA GLU C 37 37.47 -21.86 -67.19
C GLU C 37 37.85 -21.01 -65.97
N ASP C 38 37.01 -20.00 -65.68
CA ASP C 38 37.21 -19.15 -64.51
C ASP C 38 36.93 -19.90 -63.19
N PHE C 39 36.34 -21.08 -63.30
CA PHE C 39 35.94 -21.84 -62.11
C PHE C 39 36.58 -23.22 -62.04
N LYS C 40 36.73 -23.72 -60.82
CA LYS C 40 37.01 -25.13 -60.57
C LYS C 40 35.71 -25.80 -60.14
N PHE C 41 35.31 -26.85 -60.84
CA PHE C 41 34.05 -27.53 -60.54
C PHE C 41 34.24 -28.74 -59.63
N GLY C 42 33.50 -28.77 -58.52
CA GLY C 42 33.61 -29.82 -57.54
C GLY C 42 32.42 -30.75 -57.47
N LYS C 43 31.99 -31.08 -56.26
CA LYS C 43 30.94 -32.08 -56.08
C LYS C 43 29.57 -31.62 -56.56
N ILE C 44 28.77 -32.58 -57.02
CA ILE C 44 27.40 -32.30 -57.44
C ILE C 44 26.53 -32.08 -56.21
N LEU C 45 25.87 -30.92 -56.16
CA LEU C 45 25.03 -30.56 -55.03
C LEU C 45 23.60 -31.01 -55.29
N GLY C 46 23.24 -31.12 -56.56
CA GLY C 46 21.89 -31.45 -56.94
C GLY C 46 21.84 -32.08 -58.32
N GLU C 47 20.85 -32.96 -58.52
CA GLU C 47 20.67 -33.63 -59.79
C GLU C 47 19.21 -33.59 -60.25
N GLY C 48 18.94 -32.82 -61.29
CA GLY C 48 17.67 -32.87 -61.98
C GLY C 48 17.86 -33.71 -63.23
N SER C 49 16.79 -33.89 -64.01
CA SER C 49 16.89 -34.69 -65.22
C SER C 49 17.64 -33.89 -66.28
N PHE C 50 17.25 -32.64 -66.43
CA PHE C 50 17.76 -31.76 -67.48
C PHE C 50 18.85 -30.83 -66.95
N SER C 51 19.27 -31.07 -65.72
CA SER C 51 20.17 -30.12 -65.08
C SER C 51 20.97 -30.71 -63.92
N THR C 52 21.99 -29.96 -63.52
CA THR C 52 22.80 -30.32 -62.38
C THR C 52 23.09 -29.03 -61.65
N VAL C 53 23.40 -29.15 -60.36
CA VAL C 53 23.92 -28.03 -59.60
C VAL C 53 25.25 -28.50 -59.04
N VAL C 54 26.31 -27.74 -59.29
CA VAL C 54 27.65 -28.14 -58.90
C VAL C 54 28.31 -27.09 -58.05
N LEU C 55 29.08 -27.52 -57.06
CA LEU C 55 29.87 -26.61 -56.24
C LEU C 55 31.05 -26.09 -57.06
N ALA C 56 31.14 -24.77 -57.18
CA ALA C 56 32.15 -24.15 -58.02
C ALA C 56 32.94 -23.11 -57.25
N ARG C 57 34.27 -23.20 -57.33
CA ARG C 57 35.09 -22.14 -56.77
C ARG C 57 35.62 -21.21 -57.86
N GLU C 58 35.36 -19.91 -57.68
CA GLU C 58 35.90 -18.90 -58.57
C GLU C 58 37.36 -18.70 -58.24
N LEU C 59 38.25 -19.23 -59.09
CA LEU C 59 39.69 -19.22 -58.83
C LEU C 59 40.21 -17.84 -58.42
N ALA C 60 39.86 -16.82 -59.19
CA ALA C 60 40.25 -15.45 -58.88
C ALA C 60 40.04 -15.10 -57.41
N THR C 61 38.80 -15.17 -56.94
CA THR C 61 38.44 -14.72 -55.58
C THR C 61 38.44 -15.82 -54.52
N SER C 62 38.30 -17.07 -54.98
CA SER C 62 38.13 -18.22 -54.08
C SER C 62 36.71 -18.34 -53.48
N ARG C 63 35.80 -17.48 -53.93
CA ARG C 63 34.40 -17.55 -53.51
C ARG C 63 33.71 -18.79 -54.05
N GLU C 64 32.91 -19.45 -53.22
CA GLU C 64 32.17 -20.63 -53.65
C GLU C 64 30.80 -20.27 -54.18
N TYR C 65 30.38 -20.98 -55.21
CA TYR C 65 29.06 -20.78 -55.79
C TYR C 65 28.45 -22.13 -56.06
N ALA C 66 27.12 -22.21 -55.98
CA ALA C 66 26.43 -23.38 -56.50
C ALA C 66 26.04 -22.99 -57.91
N ILE C 67 26.63 -23.64 -58.90
CA ILE C 67 26.34 -23.28 -60.28
C ILE C 67 25.33 -24.23 -60.89
N LYS C 68 24.22 -23.68 -61.38
CA LYS C 68 23.23 -24.49 -62.04
C LYS C 68 23.61 -24.58 -63.50
N ILE C 69 23.80 -25.81 -63.99
CA ILE C 69 24.21 -26.04 -65.36
C ILE C 69 23.09 -26.69 -66.18
N LEU C 70 22.59 -25.96 -67.18
CA LEU C 70 21.56 -26.48 -68.06
C LEU C 70 22.10 -26.81 -69.45
N GLU C 71 21.84 -28.03 -69.92
CA GLU C 71 22.17 -28.42 -71.29
C GLU C 71 21.18 -27.79 -72.26
N LYS C 72 21.68 -26.94 -73.16
CA LYS C 72 20.78 -26.23 -74.08
C LYS C 72 20.01 -27.21 -74.94
N ARG C 73 20.73 -28.20 -75.46
CA ARG C 73 20.14 -29.24 -76.30
C ARG C 73 18.75 -29.61 -75.82
N HIS C 74 18.65 -30.03 -74.56
CA HIS C 74 17.38 -30.42 -73.99
C HIS C 74 16.36 -29.29 -73.95
N ILE C 75 16.83 -28.07 -73.65
CA ILE C 75 15.95 -26.92 -73.59
C ILE C 75 15.46 -26.57 -74.99
N ILE C 76 16.39 -26.53 -75.93
CA ILE C 76 16.06 -26.26 -77.32
C ILE C 76 15.04 -27.30 -77.81
N LYS C 77 15.39 -28.58 -77.64
CA LYS C 77 14.60 -29.69 -78.14
C LYS C 77 13.17 -29.71 -77.63
N GLU C 78 12.97 -29.29 -76.38
CA GLU C 78 11.62 -29.30 -75.81
C GLU C 78 10.95 -27.93 -75.94
N ASN C 79 11.60 -27.02 -76.66
CA ASN C 79 11.07 -25.69 -76.90
C ASN C 79 10.67 -24.98 -75.60
N LYS C 80 11.51 -25.12 -74.57
CA LYS C 80 11.21 -24.54 -73.25
C LYS C 80 12.08 -23.33 -72.87
N VAL C 81 12.66 -22.67 -73.86
CA VAL C 81 13.49 -21.50 -73.61
C VAL C 81 12.78 -20.43 -72.75
N PRO C 82 11.54 -20.06 -73.12
CA PRO C 82 10.78 -19.09 -72.32
C PRO C 82 10.70 -19.49 -70.84
N TYR C 83 10.66 -20.78 -70.56
CA TYR C 83 10.56 -21.26 -69.18
C TYR C 83 11.87 -21.08 -68.43
N VAL C 84 12.98 -21.25 -69.14
CA VAL C 84 14.28 -21.10 -68.49
C VAL C 84 14.56 -19.63 -68.22
N THR C 85 14.16 -18.76 -69.14
CA THR C 85 14.34 -17.33 -68.91
C THR C 85 13.46 -16.90 -67.74
N ARG C 86 12.27 -17.47 -67.66
CA ARG C 86 11.37 -17.19 -66.55
C ARG C 86 12.03 -17.51 -65.20
N GLU C 87 12.65 -18.69 -65.10
CA GLU C 87 13.38 -19.04 -63.89
C GLU C 87 14.45 -18.00 -63.59
N ARG C 88 15.23 -17.64 -64.60
CA ARG C 88 16.30 -16.66 -64.43
C ARG C 88 15.76 -15.32 -63.94
N ASP C 89 14.68 -14.85 -64.56
CA ASP C 89 14.10 -13.59 -64.15
C ASP C 89 13.52 -13.60 -62.73
N VAL C 90 12.67 -14.59 -62.45
CA VAL C 90 12.10 -14.74 -61.11
C VAL C 90 13.21 -14.65 -60.07
N MET C 91 14.33 -15.31 -60.32
CA MET C 91 15.41 -15.36 -59.35
C MET C 91 16.10 -14.02 -59.20
N SER C 92 16.09 -13.21 -60.25
CA SER C 92 16.76 -11.91 -60.21
C SER C 92 15.94 -10.93 -59.39
N ARG C 93 14.69 -11.29 -59.10
CA ARG C 93 13.82 -10.47 -58.26
C ARG C 93 13.96 -10.80 -56.74
N LEU C 94 14.79 -11.79 -56.39
CA LEU C 94 14.90 -12.24 -54.99
C LEU C 94 16.09 -11.62 -54.27
N ASP C 95 15.83 -10.84 -53.23
CA ASP C 95 16.91 -10.27 -52.44
C ASP C 95 16.56 -10.40 -50.96
N HIS C 96 16.69 -11.62 -50.45
CA HIS C 96 16.24 -11.91 -49.09
C HIS C 96 17.13 -13.00 -48.55
N PRO C 97 17.49 -12.90 -47.26
CA PRO C 97 18.35 -13.87 -46.57
C PRO C 97 17.86 -15.33 -46.69
N PHE C 98 16.55 -15.55 -46.79
CA PHE C 98 16.04 -16.92 -46.81
C PHE C 98 15.90 -17.52 -48.20
N PHE C 99 16.46 -16.85 -49.19
CA PHE C 99 16.28 -17.27 -50.58
C PHE C 99 17.61 -17.32 -51.30
N VAL C 100 17.73 -18.22 -52.27
CA VAL C 100 18.96 -18.32 -53.03
C VAL C 100 19.13 -16.99 -53.75
N LYS C 101 20.37 -16.60 -54.04
CA LYS C 101 20.62 -15.39 -54.83
C LYS C 101 21.26 -15.72 -56.17
N LEU C 102 20.79 -15.07 -57.22
CA LEU C 102 21.42 -15.20 -58.53
C LEU C 102 22.52 -14.15 -58.66
N TYR C 103 23.76 -14.61 -58.76
CA TYR C 103 24.88 -13.67 -58.84
C TYR C 103 25.26 -13.33 -60.28
N PHE C 104 25.39 -14.34 -61.12
CA PHE C 104 25.80 -14.16 -62.49
C PHE C 104 25.27 -15.24 -63.43
N CYS C 105 25.36 -14.96 -64.73
CA CYS C 105 24.95 -15.93 -65.77
C CYS C 105 25.95 -15.87 -66.88
N PHE C 106 26.40 -17.03 -67.37
CA PHE C 106 27.20 -17.05 -68.58
C PHE C 106 26.89 -18.28 -69.42
N GLN C 107 27.49 -18.33 -70.61
CA GLN C 107 27.06 -19.26 -71.64
C GLN C 107 28.22 -20.00 -72.30
N ASP C 108 27.93 -21.23 -72.73
CA ASP C 108 28.92 -22.12 -73.28
C ASP C 108 28.45 -22.55 -74.66
N ASP C 109 29.18 -23.48 -75.27
CA ASP C 109 28.75 -24.03 -76.56
C ASP C 109 27.51 -24.89 -76.35
N GLU C 110 27.55 -25.74 -75.33
CA GLU C 110 26.47 -26.69 -75.08
C GLU C 110 25.72 -26.46 -73.78
N LYS C 111 26.13 -25.47 -72.99
CA LYS C 111 25.59 -25.32 -71.65
C LYS C 111 25.25 -23.89 -71.24
N LEU C 112 24.23 -23.76 -70.39
CA LEU C 112 23.91 -22.49 -69.73
C LEU C 112 24.23 -22.57 -68.24
N TYR C 113 24.84 -21.51 -67.70
CA TYR C 113 25.32 -21.49 -66.31
C TYR C 113 24.66 -20.39 -65.47
N PHE C 114 24.03 -20.76 -64.35
CA PHE C 114 23.57 -19.78 -63.37
C PHE C 114 24.39 -19.91 -62.09
N GLY C 115 25.02 -18.81 -61.68
CA GLY C 115 25.77 -18.79 -60.44
C GLY C 115 24.90 -18.39 -59.27
N LEU C 116 24.70 -19.31 -58.33
CA LEU C 116 23.78 -19.09 -57.21
C LEU C 116 24.52 -19.12 -55.89
N SER C 117 23.92 -18.54 -54.85
CA SER C 117 24.49 -18.69 -53.51
C SER C 117 24.65 -20.18 -53.20
N TYR C 118 25.68 -20.51 -52.43
CA TYR C 118 25.93 -21.87 -52.05
C TYR C 118 25.46 -22.11 -50.61
N ALA C 119 24.59 -23.10 -50.43
CA ALA C 119 24.07 -23.49 -49.12
C ALA C 119 24.85 -24.69 -48.60
N LYS C 120 25.84 -24.41 -47.77
CA LYS C 120 26.85 -25.38 -47.37
C LYS C 120 26.27 -26.61 -46.67
N ASN C 121 25.18 -26.45 -45.95
CA ASN C 121 24.71 -27.57 -45.14
C ASN C 121 23.66 -28.45 -45.78
N GLY C 122 23.33 -28.19 -47.04
CA GLY C 122 22.52 -29.11 -47.83
C GLY C 122 21.03 -29.07 -47.54
N GLU C 123 20.35 -30.16 -47.84
CA GLU C 123 18.89 -30.21 -47.80
C GLU C 123 18.32 -30.40 -46.40
N LEU C 124 17.28 -29.65 -46.08
CA LEU C 124 16.50 -29.86 -44.87
C LEU C 124 16.16 -31.36 -44.69
N LEU C 125 15.80 -32.03 -45.78
CA LEU C 125 15.42 -33.43 -45.72
C LEU C 125 16.53 -34.28 -45.10
N LYS C 126 17.78 -33.87 -45.27
CA LYS C 126 18.91 -34.63 -44.77
C LYS C 126 18.84 -34.64 -43.26
N TYR C 127 18.47 -33.49 -42.69
CA TYR C 127 18.37 -33.39 -41.25
C TYR C 127 17.16 -34.14 -40.70
N ILE C 128 16.05 -34.13 -41.44
CA ILE C 128 14.86 -34.84 -41.00
C ILE C 128 15.19 -36.32 -40.94
N ARG C 129 15.95 -36.77 -41.93
CA ARG C 129 16.32 -38.16 -42.01
C ARG C 129 17.26 -38.59 -40.86
N LYS C 130 18.25 -37.75 -40.55
CA LYS C 130 19.26 -37.99 -39.50
C LYS C 130 18.73 -38.07 -38.05
N ILE C 131 17.85 -37.16 -37.67
CA ILE C 131 17.33 -37.18 -36.31
C ILE C 131 15.90 -37.70 -36.20
N GLY C 132 15.32 -38.12 -37.33
CA GLY C 132 13.98 -38.66 -37.33
C GLY C 132 12.84 -37.64 -37.44
N SER C 133 12.82 -36.70 -36.51
CA SER C 133 11.78 -35.67 -36.45
C SER C 133 12.37 -34.56 -35.61
N PHE C 134 11.86 -33.34 -35.80
CA PHE C 134 12.29 -32.16 -35.06
C PHE C 134 11.58 -32.01 -33.72
N ASP C 135 12.31 -31.56 -32.70
CA ASP C 135 11.66 -31.31 -31.43
C ASP C 135 10.91 -29.99 -31.58
N GLU C 136 10.20 -29.54 -30.56
CA GLU C 136 9.26 -28.46 -30.73
C GLU C 136 9.96 -27.12 -30.97
N THR C 137 11.07 -26.92 -30.28
CA THR C 137 11.90 -25.73 -30.43
C THR C 137 12.39 -25.55 -31.86
N CYS C 138 12.92 -26.63 -32.41
CA CYS C 138 13.39 -26.68 -33.78
C CYS C 138 12.25 -26.57 -34.82
N THR C 139 11.14 -27.24 -34.55
CA THR C 139 9.99 -27.16 -35.42
C THR C 139 9.49 -25.72 -35.51
N ARG C 140 9.38 -25.06 -34.35
CA ARG C 140 8.85 -23.72 -34.33
C ARG C 140 9.80 -22.79 -35.10
N PHE C 141 11.10 -22.97 -34.87
CA PHE C 141 12.10 -22.09 -35.44
C PHE C 141 12.13 -22.15 -36.97
N TYR C 142 12.25 -23.37 -37.50
CA TYR C 142 12.29 -23.60 -38.95
C TYR C 142 10.97 -23.37 -39.69
N THR C 143 9.87 -23.74 -39.07
CA THR C 143 8.55 -23.36 -39.60
C THR C 143 8.42 -21.83 -39.74
N ALA C 144 8.80 -21.09 -38.71
CA ALA C 144 8.74 -19.62 -38.73
C ALA C 144 9.62 -18.99 -39.82
N GLU C 145 10.81 -19.53 -40.03
CA GLU C 145 11.65 -19.09 -41.14
C GLU C 145 10.94 -19.34 -42.48
N ILE C 146 10.29 -20.50 -42.60
CA ILE C 146 9.66 -20.85 -43.85
C ILE C 146 8.45 -19.94 -44.09
N VAL C 147 7.64 -19.71 -43.05
CA VAL C 147 6.48 -18.81 -43.14
C VAL C 147 6.92 -17.39 -43.52
N SER C 148 7.98 -16.93 -42.89
CA SER C 148 8.52 -15.61 -43.18
C SER C 148 9.05 -15.53 -44.62
N ALA C 149 9.65 -16.62 -45.10
CA ALA C 149 10.11 -16.70 -46.47
C ALA C 149 8.95 -16.63 -47.45
N LEU C 150 7.90 -17.39 -47.14
CA LEU C 150 6.76 -17.43 -48.00
C LEU C 150 6.01 -16.09 -48.06
N GLU C 151 5.92 -15.39 -46.93
CA GLU C 151 5.25 -14.09 -46.92
C GLU C 151 5.96 -13.08 -47.85
N TYR C 152 7.28 -13.00 -47.73
CA TYR C 152 8.11 -12.27 -48.69
C TYR C 152 7.88 -12.68 -50.16
N LEU C 153 7.89 -13.97 -50.46
CA LEU C 153 7.80 -14.45 -51.84
C LEU C 153 6.45 -14.07 -52.42
N HIS C 154 5.42 -14.38 -51.66
CA HIS C 154 4.06 -14.15 -52.08
C HIS C 154 3.76 -12.63 -52.20
N GLY C 155 4.37 -11.84 -51.31
CA GLY C 155 4.31 -10.39 -51.40
C GLY C 155 4.87 -9.83 -52.71
N LYS C 156 5.52 -10.67 -53.50
CA LYS C 156 6.00 -10.24 -54.80
C LYS C 156 5.16 -10.83 -55.92
N GLY C 157 4.02 -11.41 -55.55
CA GLY C 157 3.19 -12.11 -56.51
C GLY C 157 3.80 -13.40 -57.08
N ILE C 158 4.86 -13.89 -56.44
CA ILE C 158 5.52 -15.12 -56.90
C ILE C 158 5.07 -16.36 -56.12
N ILE C 159 4.62 -17.40 -56.82
CA ILE C 159 4.43 -18.69 -56.15
C ILE C 159 5.50 -19.69 -56.60
N HIS C 160 6.06 -20.39 -55.62
CA HIS C 160 7.07 -21.42 -55.86
C HIS C 160 6.63 -22.65 -56.62
N ARG C 161 5.57 -23.27 -56.18
CA ARG C 161 4.98 -24.44 -56.82
C ARG C 161 5.68 -25.81 -56.63
N ASP C 162 6.79 -25.87 -55.95
CA ASP C 162 7.36 -27.15 -55.64
C ASP C 162 8.01 -27.09 -54.29
N LEU C 163 7.34 -26.53 -53.32
CA LEU C 163 7.91 -26.39 -51.99
C LEU C 163 7.97 -27.75 -51.30
N LYS C 164 9.14 -28.13 -50.79
CA LYS C 164 9.34 -29.41 -50.14
C LYS C 164 10.72 -29.41 -49.50
N PRO C 165 10.95 -30.32 -48.54
CA PRO C 165 12.21 -30.32 -47.78
C PRO C 165 13.47 -30.45 -48.64
N GLU C 166 13.40 -31.09 -49.80
CA GLU C 166 14.59 -31.15 -50.64
C GLU C 166 14.96 -29.82 -51.32
N ASN C 167 14.00 -28.88 -51.41
CA ASN C 167 14.26 -27.57 -52.01
C ASN C 167 14.47 -26.50 -50.95
N ILE C 168 14.54 -26.94 -49.71
CA ILE C 168 14.86 -25.99 -48.64
C ILE C 168 16.21 -26.36 -48.14
N LEU C 169 17.20 -25.53 -48.46
CA LEU C 169 18.58 -25.83 -48.08
C LEU C 169 18.92 -25.09 -46.81
N LEU C 170 20.06 -25.43 -46.25
CA LEU C 170 20.58 -24.78 -45.05
C LEU C 170 21.95 -24.18 -45.38
N ASN C 171 22.14 -22.90 -45.05
CA ASN C 171 23.44 -22.28 -45.24
C ASN C 171 24.41 -22.49 -44.08
N GLU C 172 25.58 -21.87 -44.17
CA GLU C 172 26.66 -22.14 -43.22
C GLU C 172 26.20 -21.85 -41.81
N ASP C 173 25.33 -20.87 -41.67
CA ASP C 173 24.76 -20.48 -40.39
C ASP C 173 23.50 -21.26 -40.01
N MET C 174 23.12 -22.22 -40.84
CA MET C 174 21.96 -23.07 -40.59
C MET C 174 20.64 -22.33 -40.65
N HIS C 175 20.63 -21.19 -41.33
CA HIS C 175 19.35 -20.60 -41.72
C HIS C 175 18.94 -21.24 -43.03
N ILE C 176 17.65 -21.27 -43.31
CA ILE C 176 17.17 -21.83 -44.55
C ILE C 176 17.51 -20.98 -45.77
N GLN C 177 17.52 -21.63 -46.92
CA GLN C 177 17.67 -20.98 -48.21
C GLN C 177 16.76 -21.70 -49.18
N ILE C 178 15.69 -21.08 -49.54
CA ILE C 178 14.76 -21.67 -50.45
C ILE C 178 15.27 -21.52 -51.86
N THR C 179 15.21 -22.60 -52.60
CA THR C 179 15.84 -22.74 -53.87
C THR C 179 14.94 -23.39 -54.93
N ASP C 180 15.49 -23.62 -56.10
CA ASP C 180 14.83 -24.33 -57.19
C ASP C 180 13.60 -23.68 -57.73
N PHE C 181 13.81 -22.60 -58.45
CA PHE C 181 12.78 -21.73 -58.95
C PHE C 181 12.29 -22.02 -60.36
N GLY C 182 12.64 -23.18 -60.86
CA GLY C 182 12.24 -23.64 -62.16
C GLY C 182 10.75 -23.81 -62.33
N THR C 183 10.02 -23.95 -61.26
CA THR C 183 8.57 -24.13 -61.33
C THR C 183 7.83 -22.86 -60.89
N ALA C 184 8.57 -21.87 -60.43
CA ALA C 184 7.95 -20.67 -59.89
C ALA C 184 7.19 -19.88 -60.98
N LYS C 185 6.09 -19.25 -60.56
CA LYS C 185 5.25 -18.47 -61.44
C LYS C 185 5.01 -17.10 -60.82
N VAL C 186 4.91 -16.07 -61.66
CA VAL C 186 4.41 -14.79 -61.21
C VAL C 186 2.91 -14.81 -61.35
N LEU C 187 2.23 -14.38 -60.27
CA LEU C 187 0.79 -14.44 -60.18
C LEU C 187 0.11 -13.08 -60.43
N SER C 188 -1.09 -13.10 -60.99
CA SER C 188 -1.91 -11.88 -61.12
C SER C 188 -3.31 -12.19 -60.65
N PRO C 189 -4.08 -11.17 -60.31
CA PRO C 189 -5.44 -11.41 -59.85
C PRO C 189 -6.30 -12.24 -60.80
N GLU C 190 -6.20 -12.06 -62.09
CA GLU C 190 -6.85 -12.92 -63.07
C GLU C 190 -6.29 -14.33 -63.21
N SER C 191 -4.98 -14.45 -63.15
CA SER C 191 -4.23 -15.69 -63.21
C SER C 191 -4.66 -16.49 -62.03
N LYS C 192 -4.80 -15.79 -60.94
CA LYS C 192 -4.99 -16.38 -59.66
C LYS C 192 -6.23 -17.22 -59.74
N GLN C 193 -7.09 -16.92 -60.69
CA GLN C 193 -8.33 -17.65 -60.79
C GLN C 193 -8.45 -18.43 -62.07
N ARG C 195 -7.24 -21.31 -63.94
CA ARG C 195 -7.53 -22.71 -64.13
C ARG C 195 -6.84 -23.29 -65.36
N ALA C 196 -5.64 -22.78 -65.63
CA ALA C 196 -4.81 -23.25 -66.73
C ALA C 196 -3.46 -23.91 -66.33
N ASN C 197 -3.26 -24.20 -65.05
CA ASN C 197 -1.96 -24.54 -64.49
C ASN C 197 -1.30 -25.70 -65.21
N SEP C 198 -0.07 -25.46 -65.58
CA SEP C 198 0.68 -26.33 -66.43
CB SEP C 198 1.68 -25.50 -67.23
OG SEP C 198 2.72 -24.99 -66.39
C SEP C 198 1.46 -27.31 -65.68
O SEP C 198 1.83 -28.33 -66.19
P SEP C 198 2.83 -23.41 -66.46
O1P SEP C 198 2.49 -22.98 -67.94
O2P SEP C 198 1.78 -22.68 -65.57
O3P SEP C 198 4.29 -22.98 -66.15
N PHE C 199 1.79 -26.98 -64.45
CA PHE C 199 2.74 -27.83 -63.72
C PHE C 199 2.23 -28.39 -62.41
N VAL C 200 2.41 -29.70 -62.26
CA VAL C 200 2.05 -30.40 -61.03
C VAL C 200 3.32 -30.85 -60.31
N GLY C 201 3.66 -30.18 -59.22
CA GLY C 201 4.85 -30.50 -58.46
C GLY C 201 4.88 -31.91 -57.90
N THR C 202 5.75 -32.14 -56.92
CA THR C 202 5.90 -33.44 -56.31
C THR C 202 4.58 -33.93 -55.68
N ALA C 203 4.19 -35.17 -55.97
CA ALA C 203 2.91 -35.73 -55.55
C ALA C 203 2.57 -35.55 -54.06
N GLN C 204 3.53 -35.79 -53.19
CA GLN C 204 3.26 -35.68 -51.76
C GLN C 204 2.87 -34.28 -51.26
N TYR C 205 3.24 -33.25 -51.99
CA TYR C 205 3.05 -31.89 -51.51
C TYR C 205 2.02 -31.12 -52.35
N VAL C 206 1.40 -31.78 -53.32
CA VAL C 206 0.48 -31.09 -54.23
C VAL C 206 -0.91 -30.89 -53.59
N SER C 207 -1.51 -29.70 -53.79
CA SER C 207 -2.83 -29.42 -53.22
C SER C 207 -3.93 -30.03 -54.10
N PRO C 208 -5.12 -30.27 -53.51
CA PRO C 208 -6.23 -30.84 -54.27
C PRO C 208 -6.63 -29.98 -55.50
N GLU C 209 -6.56 -28.65 -55.40
CA GLU C 209 -6.96 -27.77 -56.50
C GLU C 209 -6.08 -27.86 -57.70
N LEU C 210 -4.79 -28.09 -57.49
CA LEU C 210 -3.92 -28.33 -58.64
C LEU C 210 -4.39 -29.58 -59.37
N LEU C 211 -4.79 -30.59 -58.62
CA LEU C 211 -5.16 -31.88 -59.19
C LEU C 211 -6.45 -31.79 -59.98
N THR C 212 -7.47 -31.18 -59.39
CA THR C 212 -8.83 -31.28 -59.91
C THR C 212 -9.25 -30.18 -60.89
N GLU C 213 -8.76 -28.96 -60.69
CA GLU C 213 -9.16 -27.86 -61.58
C GLU C 213 -7.97 -27.17 -62.24
N LYS C 214 -6.77 -27.64 -61.94
CA LYS C 214 -5.59 -27.05 -62.54
C LYS C 214 -5.56 -25.55 -62.21
N SER C 215 -5.85 -25.24 -60.95
CA SER C 215 -5.66 -23.89 -60.41
C SER C 215 -4.40 -23.93 -59.56
N ALA C 216 -3.71 -22.79 -59.45
CA ALA C 216 -2.53 -22.68 -58.60
C ALA C 216 -2.39 -21.28 -58.02
N CYS C 217 -2.60 -21.15 -56.71
CA CYS C 217 -2.51 -19.84 -56.08
C CYS C 217 -1.56 -19.87 -54.92
N LYS C 218 -1.44 -18.75 -54.23
CA LYS C 218 -0.65 -18.67 -53.03
C LYS C 218 -1.09 -19.73 -52.05
N SER C 219 -2.37 -20.04 -52.10
CA SER C 219 -2.94 -20.94 -51.14
C SER C 219 -2.36 -22.34 -51.31
N SER C 220 -2.03 -22.68 -52.54
CA SER C 220 -1.50 -24.01 -52.86
C SER C 220 -0.11 -24.22 -52.21
N ASP C 221 0.67 -23.15 -52.10
CA ASP C 221 1.95 -23.15 -51.40
C ASP C 221 1.73 -23.33 -49.88
N LEU C 222 0.62 -22.81 -49.38
CA LEU C 222 0.29 -22.93 -47.97
C LEU C 222 -0.10 -24.37 -47.63
N TRP C 223 -0.75 -25.05 -48.57
CA TRP C 223 -1.00 -26.47 -48.42
C TRP C 223 0.36 -27.22 -48.27
N ALA C 224 1.30 -26.95 -49.17
CA ALA C 224 2.62 -27.56 -49.08
C ALA C 224 3.27 -27.28 -47.71
N LEU C 225 3.09 -26.06 -47.22
CA LEU C 225 3.60 -25.70 -45.90
C LEU C 225 3.08 -26.61 -44.82
N GLY C 226 1.77 -26.87 -44.84
CA GLY C 226 1.14 -27.76 -43.88
C GLY C 226 1.71 -29.19 -43.93
N CYS C 227 1.95 -29.71 -45.14
CA CYS C 227 2.61 -31.01 -45.36
C CYS C 227 4.02 -31.03 -44.77
N ILE C 228 4.74 -29.93 -44.95
CA ILE C 228 6.11 -29.80 -44.45
C ILE C 228 6.19 -29.71 -42.91
N ILE C 229 5.33 -28.92 -42.30
CA ILE C 229 5.24 -28.87 -40.85
C ILE C 229 4.91 -30.27 -40.30
N TYR C 230 3.91 -30.91 -40.89
CA TYR C 230 3.55 -32.24 -40.47
C TYR C 230 4.80 -33.16 -40.55
N GLN C 231 5.54 -33.06 -41.65
CA GLN C 231 6.73 -33.86 -41.87
C GLN C 231 7.84 -33.62 -40.86
N LEU C 232 8.02 -32.36 -40.42
CA LEU C 232 8.98 -31.99 -39.41
C LEU C 232 8.64 -32.64 -38.06
N VAL C 233 7.36 -32.57 -37.69
CA VAL C 233 6.91 -33.11 -36.41
C VAL C 233 6.84 -34.65 -36.41
N ALA C 234 6.31 -35.24 -37.48
CA ALA C 234 5.99 -36.65 -37.52
C ALA C 234 7.11 -37.47 -38.16
N GLY C 235 7.91 -36.82 -38.98
CA GLY C 235 9.06 -37.48 -39.61
C GLY C 235 8.82 -37.83 -41.08
N LEU C 236 7.56 -37.94 -41.48
CA LEU C 236 7.22 -38.25 -42.86
C LEU C 236 6.03 -37.37 -43.30
N PRO C 237 5.87 -37.16 -44.61
CA PRO C 237 4.76 -36.33 -45.11
C PRO C 237 3.42 -37.02 -44.90
N PRO C 238 2.34 -36.23 -44.76
CA PRO C 238 1.03 -36.74 -44.33
C PRO C 238 0.35 -37.75 -45.29
N PHE C 239 0.50 -37.56 -46.60
CA PHE C 239 -0.19 -38.39 -47.58
C PHE C 239 0.83 -39.33 -48.22
N ARG C 240 0.67 -40.61 -47.96
CA ARG C 240 1.59 -41.62 -48.44
C ARG C 240 0.96 -42.86 -48.94
N ALA C 241 1.54 -43.45 -49.99
CA ALA C 241 0.95 -44.66 -50.57
C ALA C 241 1.89 -45.25 -51.59
N GLY C 242 1.50 -46.40 -52.15
CA GLY C 242 2.42 -47.19 -52.98
C GLY C 242 2.65 -46.60 -54.37
N ASN C 243 1.77 -45.71 -54.82
CA ASN C 243 1.99 -44.98 -56.06
C ASN C 243 1.27 -43.64 -56.02
N GLU C 244 1.48 -42.84 -57.07
CA GLU C 244 0.96 -41.47 -57.11
C GLU C 244 -0.56 -41.39 -57.20
N TYR C 245 -1.18 -42.24 -58.01
CA TYR C 245 -2.64 -42.40 -58.00
C TYR C 245 -3.20 -42.60 -56.59
N LEU C 246 -2.57 -43.46 -55.81
CA LEU C 246 -3.02 -43.71 -54.43
C LEU C 246 -2.80 -42.47 -53.53
N ILE C 247 -1.68 -41.81 -53.70
CA ILE C 247 -1.41 -40.59 -52.95
C ILE C 247 -2.43 -39.47 -53.31
N PHE C 248 -2.67 -39.26 -54.61
CA PHE C 248 -3.66 -38.28 -55.07
C PHE C 248 -5.03 -38.58 -54.46
N GLN C 249 -5.44 -39.83 -54.44
CA GLN C 249 -6.74 -40.18 -53.87
C GLN C 249 -6.87 -39.78 -52.40
N LYS C 250 -5.80 -39.97 -51.64
CA LYS C 250 -5.78 -39.54 -50.24
C LYS C 250 -5.83 -38.02 -50.13
N ILE C 251 -5.09 -37.34 -50.98
CA ILE C 251 -5.08 -35.89 -50.93
C ILE C 251 -6.48 -35.34 -51.18
N ILE C 252 -7.12 -35.76 -52.26
CA ILE C 252 -8.43 -35.18 -52.57
C ILE C 252 -9.49 -35.55 -51.52
N LYS C 253 -9.32 -36.66 -50.82
CA LYS C 253 -10.21 -37.04 -49.72
C LYS C 253 -9.80 -36.43 -48.38
N LEU C 254 -8.62 -35.82 -48.32
CA LEU C 254 -8.07 -35.36 -47.05
C LEU C 254 -7.93 -36.54 -46.09
N GLU C 255 -7.45 -37.65 -46.60
CA GLU C 255 -7.27 -38.86 -45.81
C GLU C 255 -5.87 -38.96 -45.22
N TYR C 256 -5.70 -38.46 -44.00
CA TYR C 256 -4.44 -38.57 -43.29
C TYR C 256 -4.72 -38.55 -41.79
N ASP C 257 -3.74 -38.93 -40.98
CA ASP C 257 -3.93 -38.98 -39.54
C ASP C 257 -2.72 -38.45 -38.76
N PHE C 258 -2.96 -37.80 -37.62
CA PHE C 258 -1.85 -37.40 -36.75
C PHE C 258 -1.45 -38.59 -35.87
N PRO C 259 -0.14 -38.77 -35.66
CA PRO C 259 0.30 -39.71 -34.62
C PRO C 259 -0.01 -39.12 -33.24
N GLU C 260 -0.03 -39.95 -32.21
CA GLU C 260 -0.39 -39.48 -30.87
C GLU C 260 0.62 -38.46 -30.37
N LYS C 261 1.89 -38.67 -30.70
CA LYS C 261 2.93 -37.74 -30.29
C LYS C 261 3.04 -36.59 -31.30
N PHE C 262 2.14 -35.61 -31.24
CA PHE C 262 2.18 -34.47 -32.18
C PHE C 262 1.84 -33.23 -31.40
N PHE C 263 2.78 -32.28 -31.33
CA PHE C 263 2.56 -31.06 -30.56
C PHE C 263 1.15 -30.48 -30.88
N PRO C 264 0.28 -30.38 -29.87
CA PRO C 264 -1.13 -29.97 -30.05
C PRO C 264 -1.29 -28.68 -30.85
N LYS C 265 -0.51 -27.63 -30.55
CA LYS C 265 -0.62 -26.37 -31.28
C LYS C 265 -0.14 -26.42 -32.75
N ALA C 266 0.81 -27.31 -33.05
CA ALA C 266 1.22 -27.62 -34.41
C ALA C 266 0.14 -28.37 -35.16
N ARG C 267 -0.58 -29.20 -34.44
CA ARG C 267 -1.63 -29.99 -35.05
C ARG C 267 -2.78 -29.07 -35.43
N ASP C 268 -3.16 -28.16 -34.54
CA ASP C 268 -4.15 -27.15 -34.88
C ASP C 268 -3.69 -26.34 -36.11
N LEU C 269 -2.43 -25.95 -36.12
CA LEU C 269 -1.87 -25.22 -37.27
C LEU C 269 -2.01 -26.07 -38.55
N VAL C 270 -1.57 -27.32 -38.49
CA VAL C 270 -1.62 -28.17 -39.64
C VAL C 270 -3.07 -28.36 -40.14
N GLU C 271 -3.99 -28.53 -39.21
CA GLU C 271 -5.39 -28.69 -39.55
C GLU C 271 -5.97 -27.45 -40.23
N LYS C 272 -5.38 -26.29 -39.98
CA LYS C 272 -5.88 -25.06 -40.60
C LYS C 272 -5.23 -24.80 -41.94
N LEU C 273 -4.22 -25.59 -42.28
CA LEU C 273 -3.55 -25.45 -43.57
C LEU C 273 -3.99 -26.51 -44.55
N LEU C 274 -4.11 -27.73 -44.04
CA LEU C 274 -4.56 -28.84 -44.86
C LEU C 274 -6.09 -28.86 -44.97
N VAL C 275 -6.65 -27.87 -45.66
CA VAL C 275 -8.10 -27.74 -45.81
C VAL C 275 -8.38 -27.83 -47.31
N LEU C 276 -9.36 -28.64 -47.71
CA LEU C 276 -9.62 -28.84 -49.15
C LEU C 276 -9.87 -27.51 -49.88
N ASP C 277 -10.73 -26.67 -49.32
CA ASP C 277 -11.09 -25.41 -49.94
C ASP C 277 -9.92 -24.44 -49.83
N ALA C 278 -9.32 -24.11 -50.96
CA ALA C 278 -8.17 -23.19 -50.98
C ALA C 278 -8.45 -21.82 -50.33
N THR C 279 -9.70 -21.39 -50.35
CA THR C 279 -10.02 -20.04 -49.86
C THR C 279 -10.21 -20.04 -48.35
N LYS C 280 -10.06 -21.19 -47.73
CA LYS C 280 -10.21 -21.28 -46.27
C LYS C 280 -8.94 -21.72 -45.56
N ARG C 281 -7.81 -21.70 -46.26
CA ARG C 281 -6.54 -21.99 -45.62
C ARG C 281 -5.99 -20.78 -44.89
N LEU C 282 -5.53 -21.02 -43.67
CA LEU C 282 -4.92 -19.97 -42.88
C LEU C 282 -3.78 -19.40 -43.69
N GLY C 283 -3.76 -18.08 -43.86
CA GLY C 283 -2.75 -17.43 -44.65
C GLY C 283 -3.21 -16.94 -46.02
N CYS C 284 -4.29 -17.46 -46.57
CA CYS C 284 -4.69 -16.98 -47.90
C CYS C 284 -5.38 -15.60 -47.87
N GLU C 285 -5.53 -14.99 -49.04
CA GLU C 285 -6.15 -13.67 -49.16
C GLU C 285 -7.50 -13.65 -48.49
N GLU C 286 -8.31 -14.66 -48.75
CA GLU C 286 -9.69 -14.69 -48.26
C GLU C 286 -9.76 -14.79 -46.74
N MET C 287 -8.68 -15.23 -46.10
CA MET C 287 -8.69 -15.42 -44.65
C MET C 287 -7.91 -14.31 -44.02
N GLU C 288 -7.84 -13.19 -44.73
CA GLU C 288 -7.22 -11.97 -44.24
C GLU C 288 -5.70 -12.09 -44.15
N GLY C 289 -5.14 -13.00 -44.94
CA GLY C 289 -3.72 -12.95 -45.24
C GLY C 289 -2.78 -13.52 -44.19
N TYR C 290 -1.56 -12.98 -44.16
CA TYR C 290 -0.51 -13.55 -43.34
C TYR C 290 -0.63 -13.21 -41.85
N GLY C 291 -1.30 -12.10 -41.55
CA GLY C 291 -1.49 -11.70 -40.17
C GLY C 291 -1.97 -12.82 -39.26
N PRO C 292 -3.13 -13.38 -39.56
CA PRO C 292 -3.68 -14.45 -38.74
C PRO C 292 -2.78 -15.71 -38.73
N LEU C 293 -2.07 -15.98 -39.82
CA LEU C 293 -1.17 -17.12 -39.85
C LEU C 293 -0.05 -16.88 -38.86
N LYS C 294 0.61 -15.74 -38.94
CA LYS C 294 1.70 -15.43 -38.01
C LYS C 294 1.25 -15.30 -36.57
N ALA C 295 -0.05 -15.06 -36.38
CA ALA C 295 -0.64 -14.90 -35.05
C ALA C 295 -1.22 -16.22 -34.53
N HIS C 296 -1.03 -17.32 -35.24
CA HIS C 296 -1.46 -18.61 -34.71
C HIS C 296 -0.73 -18.89 -33.38
N PRO C 297 -1.45 -19.48 -32.42
CA PRO C 297 -0.85 -19.80 -31.10
C PRO C 297 0.47 -20.61 -31.15
N PHE C 298 0.70 -21.44 -32.17
CA PHE C 298 1.95 -22.18 -32.26
C PHE C 298 3.14 -21.24 -32.39
N PHE C 299 2.87 -20.02 -32.87
CA PHE C 299 3.89 -18.99 -33.07
C PHE C 299 3.89 -17.89 -31.98
N GLU C 300 3.23 -18.15 -30.86
CA GLU C 300 3.16 -17.13 -29.79
C GLU C 300 4.51 -16.49 -29.45
N SER C 301 5.54 -17.31 -29.26
CA SER C 301 6.82 -16.75 -28.85
C SER C 301 7.62 -15.99 -29.94
N VAL C 302 7.28 -16.21 -31.21
CA VAL C 302 8.14 -15.80 -32.32
C VAL C 302 8.23 -14.29 -32.48
N THR C 303 9.46 -13.80 -32.66
CA THR C 303 9.67 -12.40 -33.01
C THR C 303 9.96 -12.26 -34.50
N TRP C 304 8.91 -11.97 -35.26
CA TRP C 304 8.94 -12.06 -36.72
C TRP C 304 9.93 -11.16 -37.42
N GLU C 305 10.13 -9.94 -36.91
CA GLU C 305 11.05 -9.00 -37.55
C GLU C 305 12.55 -9.34 -37.47
N ASN C 306 12.97 -10.11 -36.49
CA ASN C 306 14.42 -10.38 -36.43
C ASN C 306 14.91 -11.82 -36.74
N LEU C 307 14.05 -12.63 -37.35
CA LEU C 307 14.37 -14.06 -37.55
C LEU C 307 15.75 -14.33 -38.10
N HIS C 308 16.12 -13.65 -39.19
CA HIS C 308 17.38 -13.99 -39.87
C HIS C 308 18.64 -13.67 -39.05
N GLN C 309 18.47 -12.92 -37.97
CA GLN C 309 19.58 -12.61 -37.06
C GLN C 309 19.66 -13.56 -35.84
N GLN C 310 18.65 -14.39 -35.64
CA GLN C 310 18.65 -15.30 -34.50
C GLN C 310 19.53 -16.49 -34.74
N THR C 311 20.30 -16.92 -33.74
CA THR C 311 21.05 -18.18 -33.86
C THR C 311 20.07 -19.34 -33.81
N PRO C 312 20.08 -20.21 -34.83
CA PRO C 312 19.14 -21.34 -34.91
C PRO C 312 19.47 -22.40 -33.86
N PRO C 313 18.43 -23.04 -33.28
CA PRO C 313 18.68 -24.11 -32.31
C PRO C 313 19.38 -25.27 -32.98
N LYS C 314 20.22 -25.96 -32.21
CA LYS C 314 20.96 -27.09 -32.74
C LYS C 314 20.00 -28.23 -33.01
N LEU C 315 20.20 -28.90 -34.13
CA LEU C 315 19.31 -29.94 -34.58
C LEU C 315 19.74 -31.25 -33.92
N THR C 316 18.94 -31.69 -32.95
CA THR C 316 19.14 -32.97 -32.29
C THR C 316 17.83 -33.70 -32.00
N LYS D 33 -36.78 -14.72 41.88
CA LYS D 33 -36.15 -14.58 40.58
C LYS D 33 -37.07 -13.93 39.55
N LYS D 34 -36.45 -13.32 38.53
CA LYS D 34 -37.18 -12.59 37.51
C LYS D 34 -37.42 -13.45 36.27
N ARG D 35 -38.50 -13.16 35.55
CA ARG D 35 -38.81 -13.87 34.32
C ARG D 35 -39.17 -12.86 33.23
N PRO D 36 -39.04 -13.28 31.96
CA PRO D 36 -39.27 -12.37 30.83
C PRO D 36 -40.59 -11.61 30.96
N GLU D 37 -41.58 -12.26 31.56
CA GLU D 37 -42.91 -11.69 31.67
C GLU D 37 -42.94 -10.52 32.64
N ASP D 38 -41.92 -10.42 33.48
CA ASP D 38 -41.78 -9.31 34.42
C ASP D 38 -41.42 -7.99 33.71
N PHE D 39 -41.06 -8.09 32.43
CA PHE D 39 -40.59 -6.92 31.67
C PHE D 39 -41.43 -6.66 30.42
N LYS D 40 -41.46 -5.40 30.01
CA LYS D 40 -41.93 -5.01 28.69
C LYS D 40 -40.70 -4.73 27.82
N PHE D 41 -40.60 -5.40 26.68
CA PHE D 41 -39.43 -5.25 25.82
C PHE D 41 -39.65 -4.24 24.70
N GLY D 42 -38.74 -3.28 24.58
CA GLY D 42 -38.88 -2.20 23.63
C GLY D 42 -37.85 -2.24 22.51
N LYS D 43 -37.28 -1.09 22.18
CA LYS D 43 -36.39 -0.99 21.02
C LYS D 43 -35.07 -1.72 21.22
N ILE D 44 -34.53 -2.22 20.12
CA ILE D 44 -33.22 -2.85 20.12
C ILE D 44 -32.13 -1.79 20.25
N LEU D 45 -31.31 -1.92 21.29
CA LEU D 45 -30.24 -0.97 21.56
C LEU D 45 -28.95 -1.41 20.87
N GLY D 46 -28.84 -2.71 20.62
CA GLY D 46 -27.63 -3.27 20.06
C GLY D 46 -27.92 -4.59 19.37
N GLU D 47 -27.12 -4.86 18.33
CA GLU D 47 -27.26 -6.10 17.55
C GLU D 47 -25.91 -6.76 17.33
N GLY D 48 -25.70 -7.89 17.99
CA GLY D 48 -24.59 -8.77 17.69
C GLY D 48 -25.10 -9.91 16.82
N SER D 49 -24.22 -10.82 16.42
CA SER D 49 -24.64 -11.95 15.60
C SER D 49 -25.42 -12.94 16.45
N PHE D 50 -24.85 -13.25 17.61
CA PHE D 50 -25.37 -14.25 18.52
C PHE D 50 -26.19 -13.64 19.65
N SER D 51 -26.47 -12.34 19.55
CA SER D 51 -27.08 -11.64 20.66
C SER D 51 -27.76 -10.34 20.28
N THR D 52 -28.55 -9.83 21.21
CA THR D 52 -29.21 -8.56 21.06
C THR D 52 -29.16 -7.88 22.42
N VAL D 53 -29.29 -6.57 22.43
CA VAL D 53 -29.49 -5.84 23.65
C VAL D 53 -30.77 -5.04 23.43
N VAL D 54 -31.72 -5.22 24.34
CA VAL D 54 -33.03 -4.58 24.20
C VAL D 54 -33.36 -3.71 25.40
N LEU D 55 -33.99 -2.56 25.15
CA LEU D 55 -34.49 -1.72 26.21
C LEU D 55 -35.69 -2.38 26.89
N ALA D 56 -35.57 -2.61 28.20
CA ALA D 56 -36.61 -3.31 28.95
C ALA D 56 -37.09 -2.52 30.14
N ARG D 57 -38.40 -2.38 30.28
CA ARG D 57 -38.94 -1.78 31.50
C ARG D 57 -39.49 -2.83 32.44
N GLU D 58 -39.01 -2.81 33.67
CA GLU D 58 -39.50 -3.68 34.73
C GLU D 58 -40.84 -3.12 35.17
N LEU D 59 -41.93 -3.79 34.78
CA LEU D 59 -43.28 -3.32 35.06
C LEU D 59 -43.50 -2.94 36.53
N ALA D 60 -43.11 -3.84 37.42
CA ALA D 60 -43.20 -3.58 38.86
C ALA D 60 -42.71 -2.18 39.24
N THR D 61 -41.44 -1.89 38.97
CA THR D 61 -40.80 -0.65 39.42
C THR D 61 -40.81 0.47 38.38
N SER D 62 -40.93 0.10 37.11
CA SER D 62 -40.82 1.04 36.00
C SER D 62 -39.36 1.43 35.65
N ARG D 63 -38.41 0.78 36.31
CA ARG D 63 -36.99 1.00 36.07
C ARG D 63 -36.61 0.43 34.69
N GLU D 64 -35.80 1.18 33.95
CA GLU D 64 -35.35 0.74 32.62
C GLU D 64 -34.04 -0.02 32.71
N TYR D 65 -33.94 -1.09 31.91
CA TYR D 65 -32.70 -1.86 31.84
C TYR D 65 -32.37 -2.11 30.39
N ALA D 66 -31.08 -2.22 30.09
CA ALA D 66 -30.68 -2.75 28.81
C ALA D 66 -30.47 -4.23 29.05
N ILE D 67 -31.31 -5.06 28.45
CA ILE D 67 -31.18 -6.49 28.68
C ILE D 67 -30.45 -7.17 27.54
N LYS D 68 -29.37 -7.88 27.87
CA LYS D 68 -28.64 -8.61 26.87
C LYS D 68 -29.27 -9.99 26.77
N ILE D 69 -29.72 -10.34 25.57
CA ILE D 69 -30.38 -11.62 25.35
C ILE D 69 -29.56 -12.56 24.48
N LEU D 70 -29.10 -13.66 25.07
CA LEU D 70 -28.31 -14.65 24.34
C LEU D 70 -29.12 -15.91 24.04
N GLU D 71 -29.14 -16.32 22.77
CA GLU D 71 -29.77 -17.58 22.39
C GLU D 71 -28.86 -18.74 22.78
N LYS D 72 -29.33 -19.61 23.67
CA LYS D 72 -28.50 -20.70 24.16
C LYS D 72 -28.05 -21.59 23.02
N ARG D 73 -29.00 -21.93 22.15
CA ARG D 73 -28.74 -22.76 20.99
C ARG D 73 -27.35 -22.47 20.42
N HIS D 74 -27.13 -21.22 20.05
CA HIS D 74 -25.86 -20.82 19.46
C HIS D 74 -24.68 -21.05 20.41
N ILE D 75 -24.88 -20.76 21.69
CA ILE D 75 -23.82 -20.91 22.69
C ILE D 75 -23.52 -22.39 22.89
N ILE D 76 -24.57 -23.18 23.02
CA ILE D 76 -24.44 -24.62 23.16
C ILE D 76 -23.70 -25.19 21.94
N LYS D 77 -24.23 -24.87 20.76
CA LYS D 77 -23.71 -25.40 19.50
C LYS D 77 -22.23 -25.11 19.24
N GLU D 78 -21.77 -23.93 19.68
CA GLU D 78 -20.37 -23.57 19.47
C GLU D 78 -19.50 -23.90 20.69
N ASN D 79 -20.10 -24.60 21.66
CA ASN D 79 -19.41 -25.00 22.88
C ASN D 79 -18.70 -23.84 23.59
N LYS D 80 -19.38 -22.69 23.65
CA LYS D 80 -18.78 -21.48 24.21
C LYS D 80 -19.34 -21.08 25.58
N VAL D 81 -19.97 -22.02 26.28
CA VAL D 81 -20.56 -21.72 27.58
C VAL D 81 -19.56 -21.06 28.54
N PRO D 82 -18.36 -21.64 28.69
CA PRO D 82 -17.32 -21.04 29.54
C PRO D 82 -17.06 -19.56 29.22
N TYR D 83 -17.17 -19.19 27.95
CA TYR D 83 -16.94 -17.82 27.53
C TYR D 83 -18.06 -16.89 27.97
N VAL D 84 -19.28 -17.40 27.96
CA VAL D 84 -20.42 -16.59 28.37
C VAL D 84 -20.39 -16.38 29.88
N THR D 85 -19.98 -17.40 30.62
CA THR D 85 -19.93 -17.26 32.07
C THR D 85 -18.82 -16.28 32.40
N ARG D 86 -17.74 -16.34 31.63
CA ARG D 86 -16.63 -15.39 31.81
C ARG D 86 -17.13 -13.95 31.67
N GLU D 87 -17.88 -13.67 30.61
CA GLU D 87 -18.46 -12.34 30.46
C GLU D 87 -19.28 -11.97 31.69
N ARG D 88 -20.14 -12.88 32.14
CA ARG D 88 -20.99 -12.61 33.28
C ARG D 88 -20.18 -12.29 34.52
N ASP D 89 -19.15 -13.09 34.77
CA ASP D 89 -18.31 -12.90 35.94
C ASP D 89 -17.53 -11.59 35.89
N VAL D 90 -16.83 -11.36 34.77
CA VAL D 90 -16.08 -10.12 34.58
C VAL D 90 -16.97 -8.94 34.93
N MET D 91 -18.21 -8.95 34.44
CA MET D 91 -19.11 -7.81 34.65
C MET D 91 -19.55 -7.66 36.10
N SER D 92 -19.59 -8.77 36.83
CA SER D 92 -20.00 -8.73 38.23
C SER D 92 -18.91 -8.10 39.08
N ARG D 93 -17.70 -8.01 38.53
CA ARG D 93 -16.59 -7.34 39.21
C ARG D 93 -16.54 -5.82 38.98
N LEU D 94 -17.45 -5.28 38.17
CA LEU D 94 -17.42 -3.85 37.82
C LEU D 94 -18.35 -3.01 38.68
N ASP D 95 -17.79 -2.08 39.45
CA ASP D 95 -18.62 -1.17 40.24
C ASP D 95 -18.08 0.24 40.12
N HIS D 96 -18.30 0.84 38.96
CA HIS D 96 -17.71 2.13 38.67
C HIS D 96 -18.67 2.89 37.79
N PRO D 97 -18.78 4.21 38.00
CA PRO D 97 -19.65 5.10 37.23
C PRO D 97 -19.44 5.03 35.69
N PHE D 98 -18.22 4.78 35.22
CA PHE D 98 -17.94 4.75 33.77
C PHE D 98 -18.15 3.39 33.10
N PHE D 99 -18.71 2.44 33.83
CA PHE D 99 -18.84 1.08 33.33
C PHE D 99 -20.26 0.59 33.48
N VAL D 100 -20.68 -0.28 32.57
CA VAL D 100 -22.01 -0.84 32.64
C VAL D 100 -22.09 -1.64 33.94
N LYS D 101 -23.28 -1.76 34.51
CA LYS D 101 -23.44 -2.57 35.71
C LYS D 101 -24.33 -3.77 35.44
N LEU D 102 -23.96 -4.93 35.95
CA LEU D 102 -24.82 -6.11 35.87
C LEU D 102 -25.72 -6.15 37.09
N TYR D 103 -27.01 -6.00 36.86
CA TYR D 103 -27.96 -6.01 37.97
C TYR D 103 -28.52 -7.40 38.29
N PHE D 104 -28.93 -8.13 37.26
CA PHE D 104 -29.53 -9.44 37.47
C PHE D 104 -29.35 -10.36 36.27
N CYS D 105 -29.58 -11.65 36.50
CA CYS D 105 -29.53 -12.66 35.42
C CYS D 105 -30.67 -13.61 35.60
N PHE D 106 -31.38 -13.93 34.51
CA PHE D 106 -32.36 -14.99 34.57
C PHE D 106 -32.40 -15.78 33.27
N GLN D 107 -33.17 -16.85 33.25
CA GLN D 107 -33.08 -17.86 32.22
C GLN D 107 -34.44 -18.28 31.65
N ASP D 108 -34.43 -18.65 30.38
CA ASP D 108 -35.64 -19.00 29.64
C ASP D 108 -35.46 -20.38 29.07
N ASP D 109 -36.42 -20.82 28.27
CA ASP D 109 -36.30 -22.11 27.59
C ASP D 109 -35.21 -22.03 26.53
N GLU D 110 -35.21 -20.95 25.76
CA GLU D 110 -34.28 -20.81 24.65
C GLU D 110 -33.28 -19.66 24.82
N LYS D 111 -33.41 -18.89 25.90
CA LYS D 111 -32.65 -17.65 26.02
C LYS D 111 -32.02 -17.40 27.39
N LEU D 112 -30.86 -16.72 27.38
CA LEU D 112 -30.24 -16.24 28.59
C LEU D 112 -30.30 -14.69 28.64
N TYR D 113 -30.64 -14.16 29.81
CA TYR D 113 -30.86 -12.72 29.97
C TYR D 113 -29.91 -12.08 30.98
N PHE D 114 -29.20 -11.03 30.57
CA PHE D 114 -28.43 -10.21 31.49
C PHE D 114 -29.02 -8.81 31.58
N GLY D 115 -29.43 -8.41 32.78
CA GLY D 115 -29.94 -7.07 33.02
C GLY D 115 -28.83 -6.07 33.32
N LEU D 116 -28.65 -5.10 32.43
CA LEU D 116 -27.54 -4.16 32.52
C LEU D 116 -28.03 -2.74 32.69
N SER D 117 -27.20 -1.86 33.23
CA SER D 117 -27.54 -0.45 33.22
C SER D 117 -27.88 -0.02 31.80
N TYR D 118 -28.81 0.93 31.68
CA TYR D 118 -29.23 1.44 30.38
C TYR D 118 -28.55 2.79 30.15
N ALA D 119 -27.88 2.92 29.01
CA ALA D 119 -27.21 4.17 28.64
C ALA D 119 -28.06 4.91 27.61
N LYS D 120 -28.83 5.86 28.10
CA LYS D 120 -29.91 6.49 27.34
C LYS D 120 -29.45 7.15 26.04
N ASN D 121 -28.27 7.74 26.05
CA ASN D 121 -27.83 8.52 24.91
C ASN D 121 -27.05 7.78 23.83
N GLY D 122 -26.92 6.47 23.97
CA GLY D 122 -26.40 5.64 22.88
C GLY D 122 -24.89 5.71 22.70
N GLU D 123 -24.44 5.38 21.49
CA GLU D 123 -23.03 5.21 21.21
C GLU D 123 -22.29 6.52 21.01
N LEU D 124 -21.09 6.60 21.56
CA LEU D 124 -20.16 7.68 21.26
C LEU D 124 -20.06 7.91 19.74
N LEU D 125 -20.00 6.83 18.97
CA LEU D 125 -19.84 6.95 17.51
C LEU D 125 -20.95 7.81 16.90
N LYS D 126 -22.15 7.77 17.49
CA LYS D 126 -23.27 8.53 16.99
C LYS D 126 -22.93 10.01 17.02
N TYR D 127 -22.28 10.42 18.11
CA TYR D 127 -21.95 11.82 18.28
C TYR D 127 -20.82 12.23 17.36
N ILE D 128 -19.84 11.34 17.17
CA ILE D 128 -18.72 11.62 16.27
C ILE D 128 -19.28 11.84 14.86
N ARG D 129 -20.25 11.00 14.52
CA ARG D 129 -20.87 11.10 13.20
C ARG D 129 -21.62 12.43 13.03
N LYS D 130 -22.40 12.81 14.04
CA LYS D 130 -23.26 14.01 14.00
C LYS D 130 -22.53 15.35 13.88
N ILE D 131 -21.46 15.53 14.64
CA ILE D 131 -20.75 16.79 14.60
C ILE D 131 -19.42 16.73 13.85
N GLY D 132 -19.09 15.56 13.29
CA GLY D 132 -17.87 15.40 12.52
C GLY D 132 -16.62 15.06 13.33
N SER D 133 -16.27 15.92 14.27
CA SER D 133 -15.10 15.72 15.11
C SER D 133 -15.33 16.55 16.36
N PHE D 134 -14.67 16.18 17.47
CA PHE D 134 -14.83 16.90 18.73
C PHE D 134 -13.90 18.10 18.82
N ASP D 135 -14.38 19.18 19.41
CA ASP D 135 -13.49 20.30 19.66
C ASP D 135 -12.55 19.94 20.82
N GLU D 136 -11.60 20.82 21.13
CA GLU D 136 -10.55 20.42 22.06
C GLU D 136 -11.05 20.21 23.49
N THR D 137 -12.01 21.03 23.90
CA THR D 137 -12.64 20.92 25.21
C THR D 137 -13.32 19.56 25.41
N CYS D 138 -14.10 19.17 24.42
CA CYS D 138 -14.79 17.89 24.41
C CYS D 138 -13.84 16.70 24.25
N THR D 139 -12.83 16.84 23.40
CA THR D 139 -11.84 15.79 23.23
C THR D 139 -11.14 15.53 24.55
N ARG D 140 -10.72 16.61 25.22
CA ARG D 140 -10.01 16.46 26.48
C ARG D 140 -10.91 15.78 27.51
N PHE D 141 -12.15 16.23 27.59
CA PHE D 141 -13.08 15.75 28.62
C PHE D 141 -13.36 14.24 28.47
N TYR D 142 -13.74 13.82 27.26
CA TYR D 142 -14.07 12.42 26.98
C TYR D 142 -12.88 11.46 26.95
N THR D 143 -11.77 11.91 26.41
CA THR D 143 -10.52 11.16 26.53
C THR D 143 -10.16 10.91 28.02
N ALA D 144 -10.30 11.93 28.87
CA ALA D 144 -9.97 11.78 30.30
C ALA D 144 -10.90 10.79 31.03
N GLU D 145 -12.19 10.82 30.72
CA GLU D 145 -13.09 9.79 31.23
C GLU D 145 -12.66 8.39 30.76
N ILE D 146 -12.30 8.27 29.50
CA ILE D 146 -11.88 6.97 28.98
C ILE D 146 -10.60 6.49 29.66
N VAL D 147 -9.61 7.38 29.79
CA VAL D 147 -8.36 7.04 30.47
C VAL D 147 -8.60 6.61 31.93
N SER D 148 -9.47 7.35 32.60
CA SER D 148 -9.83 7.06 33.99
C SER D 148 -10.56 5.72 34.09
N ALA D 149 -11.37 5.42 33.08
CA ALA D 149 -12.08 4.14 33.02
C ALA D 149 -11.10 3.00 32.86
N LEU D 150 -10.14 3.19 31.97
CA LEU D 150 -9.17 2.17 31.67
C LEU D 150 -8.23 1.92 32.85
N GLU D 151 -7.86 2.96 33.58
CA GLU D 151 -7.00 2.78 34.74
C GLU D 151 -7.66 1.89 35.80
N TYR D 152 -8.93 2.18 36.10
CA TYR D 152 -9.77 1.32 36.92
C TYR D 152 -9.83 -0.14 36.44
N LEU D 153 -10.11 -0.33 35.15
CA LEU D 153 -10.31 -1.66 34.60
C LEU D 153 -9.04 -2.46 34.72
N HIS D 154 -7.96 -1.85 34.27
CA HIS D 154 -6.68 -2.51 34.24
C HIS D 154 -6.17 -2.78 35.66
N GLY D 155 -6.52 -1.91 36.60
CA GLY D 155 -6.21 -2.08 38.00
C GLY D 155 -6.87 -3.31 38.59
N LYS D 156 -7.78 -3.92 37.84
CA LYS D 156 -8.40 -5.17 38.26
C LYS D 156 -7.84 -6.35 37.49
N GLY D 157 -6.80 -6.12 36.70
CA GLY D 157 -6.24 -7.15 35.85
C GLY D 157 -7.12 -7.51 34.68
N ILE D 158 -8.13 -6.68 34.40
CA ILE D 158 -9.04 -6.93 33.28
C ILE D 158 -8.68 -6.14 32.01
N ILE D 159 -8.51 -6.82 30.89
CA ILE D 159 -8.43 -6.10 29.62
C ILE D 159 -9.69 -6.29 28.79
N HIS D 160 -10.19 -5.20 28.25
CA HIS D 160 -11.38 -5.21 27.43
C HIS D 160 -11.32 -5.94 26.09
N ARG D 161 -10.33 -5.66 25.28
CA ARG D 161 -10.04 -6.30 24.00
C ARG D 161 -10.90 -5.90 22.78
N ASP D 162 -11.86 -5.04 22.95
CA ASP D 162 -12.61 -4.52 21.83
C ASP D 162 -12.98 -3.08 22.03
N LEU D 163 -12.07 -2.29 22.53
CA LEU D 163 -12.38 -0.91 22.84
C LEU D 163 -12.57 -0.14 21.54
N LYS D 164 -13.68 0.59 21.42
CA LYS D 164 -13.98 1.38 20.23
C LYS D 164 -15.23 2.21 20.49
N PRO D 165 -15.43 3.27 19.69
CA PRO D 165 -16.53 4.21 19.96
C PRO D 165 -17.91 3.56 19.98
N GLU D 166 -18.12 2.43 19.31
CA GLU D 166 -19.44 1.82 19.39
C GLU D 166 -19.72 1.11 20.74
N ASN D 167 -18.66 0.80 21.48
CA ASN D 167 -18.79 0.13 22.78
C ASN D 167 -18.63 1.12 23.91
N ILE D 168 -18.54 2.39 23.56
CA ILE D 168 -18.53 3.42 24.57
C ILE D 168 -19.87 4.14 24.45
N LEU D 169 -20.74 3.93 25.43
CA LEU D 169 -22.05 4.53 25.41
C LEU D 169 -22.04 5.77 26.27
N LEU D 170 -23.12 6.52 26.18
CA LEU D 170 -23.34 7.73 26.96
C LEU D 170 -24.63 7.61 27.76
N ASN D 171 -24.57 7.89 29.05
CA ASN D 171 -25.76 7.81 29.91
C ASN D 171 -26.55 9.11 29.89
N GLU D 172 -27.61 9.16 30.70
CA GLU D 172 -28.52 10.30 30.67
C GLU D 172 -27.78 11.59 30.96
N ASP D 173 -26.74 11.49 31.76
CA ASP D 173 -25.95 12.65 32.13
C ASP D 173 -24.79 12.91 31.18
N MET D 174 -24.69 12.07 30.15
CA MET D 174 -23.67 12.22 29.10
C MET D 174 -22.28 11.90 29.56
N HIS D 175 -22.18 11.19 30.68
CA HIS D 175 -20.91 10.51 31.02
C HIS D 175 -20.85 9.21 30.26
N ILE D 176 -19.65 8.75 29.99
CA ILE D 176 -19.46 7.51 29.27
C ILE D 176 -19.87 6.29 30.12
N GLN D 177 -20.17 5.20 29.43
CA GLN D 177 -20.38 3.91 30.05
C GLN D 177 -19.79 2.90 29.12
N ILE D 178 -18.69 2.31 29.51
CA ILE D 178 -18.03 1.32 28.68
C ILE D 178 -18.76 0.01 28.85
N THR D 179 -19.05 -0.64 27.75
CA THR D 179 -19.87 -1.83 27.71
C THR D 179 -19.26 -2.91 26.83
N ASP D 180 -20.03 -3.95 26.56
CA ASP D 180 -19.63 -5.09 25.74
C ASP D 180 -18.44 -5.90 26.20
N PHE D 181 -18.67 -6.64 27.26
CA PHE D 181 -17.64 -7.37 27.95
C PHE D 181 -17.41 -8.79 27.49
N GLY D 182 -17.97 -9.14 26.35
CA GLY D 182 -17.85 -10.48 25.81
C GLY D 182 -16.44 -10.87 25.36
N THR D 183 -15.57 -9.88 25.18
CA THR D 183 -14.21 -10.19 24.73
C THR D 183 -13.22 -9.94 25.86
N ALA D 184 -13.70 -9.43 26.99
CA ALA D 184 -12.81 -9.12 28.11
C ALA D 184 -12.10 -10.34 28.71
N LYS D 185 -10.86 -10.15 29.13
CA LYS D 185 -10.05 -11.21 29.71
C LYS D 185 -9.50 -10.73 31.06
N VAL D 186 -9.37 -11.66 32.01
CA VAL D 186 -8.60 -11.38 33.22
C VAL D 186 -7.16 -11.75 32.94
N LEU D 187 -6.27 -10.83 33.28
CA LEU D 187 -4.86 -10.94 32.99
C LEU D 187 -4.03 -11.39 34.21
N SER D 188 -2.97 -12.15 33.97
CA SER D 188 -1.98 -12.53 34.99
C SER D 188 -0.61 -12.19 34.50
N PRO D 189 0.36 -12.17 35.37
CA PRO D 189 1.70 -11.82 34.92
C PRO D 189 2.20 -12.83 33.93
N GLU D 190 1.94 -14.11 34.13
CA GLU D 190 2.28 -15.13 33.13
C GLU D 190 1.47 -15.01 31.85
N SER D 191 0.22 -14.61 32.00
CA SER D 191 -0.68 -14.31 30.90
C SER D 191 -0.10 -13.17 30.14
N LYS D 192 0.42 -12.22 30.88
CA LYS D 192 0.81 -10.93 30.39
C LYS D 192 1.91 -11.08 29.33
N GLN D 193 2.47 -12.27 29.24
CA GLN D 193 3.37 -12.65 28.18
C GLN D 193 2.82 -13.91 27.61
N ARG D 195 1.71 -15.61 24.06
CA ARG D 195 1.42 -15.72 22.64
C ARG D 195 0.33 -16.76 22.36
N ALA D 196 -0.76 -16.66 23.10
CA ALA D 196 -1.88 -17.59 22.98
C ALA D 196 -3.20 -16.90 22.60
N ASN D 197 -3.18 -15.57 22.52
CA ASN D 197 -4.42 -14.79 22.38
C ASN D 197 -5.39 -15.35 21.34
N SEP D 198 -6.61 -15.59 21.80
CA SEP D 198 -7.64 -16.27 21.01
CB SEP D 198 -8.61 -16.98 21.96
OG SEP D 198 -9.44 -16.04 22.63
C SEP D 198 -8.42 -15.29 20.15
O SEP D 198 -8.90 -15.66 19.07
P SEP D 198 -9.42 -16.21 24.24
O1P SEP D 198 -9.50 -17.79 24.61
O2P SEP D 198 -8.07 -15.60 24.90
O3P SEP D 198 -10.70 -15.46 24.82
N PHE D 199 -8.57 -14.06 20.62
CA PHE D 199 -9.51 -13.14 20.00
C PHE D 199 -8.91 -11.86 19.41
N VAL D 200 -9.27 -11.59 18.16
CA VAL D 200 -8.82 -10.38 17.48
C VAL D 200 -10.01 -9.45 17.29
N GLY D 201 -10.06 -8.38 18.07
CA GLY D 201 -11.15 -7.43 17.98
C GLY D 201 -11.31 -6.77 16.61
N THR D 202 -12.01 -5.62 16.61
CA THR D 202 -12.29 -4.89 15.38
C THR D 202 -10.98 -4.45 14.70
N ALA D 203 -10.88 -4.70 13.40
CA ALA D 203 -9.63 -4.47 12.67
C ALA D 203 -9.02 -3.06 12.84
N GLN D 204 -9.84 -2.04 12.86
CA GLN D 204 -9.32 -0.67 12.95
C GLN D 204 -8.66 -0.35 14.28
N TYR D 205 -9.01 -1.08 15.33
CA TYR D 205 -8.50 -0.77 16.66
C TYR D 205 -7.49 -1.78 17.16
N VAL D 206 -7.11 -2.76 16.34
CA VAL D 206 -6.26 -3.86 16.82
C VAL D 206 -4.78 -3.46 16.83
N SER D 207 -4.03 -3.87 17.87
CA SER D 207 -2.61 -3.54 17.95
C SER D 207 -1.79 -4.52 17.13
N PRO D 208 -0.58 -4.11 16.73
CA PRO D 208 0.30 -4.97 15.93
C PRO D 208 0.65 -6.26 16.64
N GLU D 209 0.81 -6.27 17.96
CA GLU D 209 1.16 -7.50 18.70
C GLU D 209 0.07 -8.55 18.70
N LEU D 210 -1.20 -8.12 18.69
CA LEU D 210 -2.28 -9.09 18.59
C LEU D 210 -2.15 -9.78 17.24
N LEU D 211 -1.78 -9.02 16.20
CA LEU D 211 -1.73 -9.56 14.84
C LEU D 211 -0.59 -10.57 14.67
N THR D 212 0.60 -10.20 15.15
CA THR D 212 1.82 -10.90 14.78
C THR D 212 2.25 -12.00 15.76
N GLU D 213 2.01 -11.82 17.05
CA GLU D 213 2.41 -12.85 18.01
C GLU D 213 1.26 -13.36 18.85
N LYS D 214 0.06 -12.85 18.60
CA LYS D 214 -1.08 -13.31 19.36
C LYS D 214 -0.81 -13.08 20.86
N SER D 215 -0.30 -11.90 21.19
CA SER D 215 -0.16 -11.44 22.57
C SER D 215 -1.26 -10.42 22.80
N ALA D 216 -1.73 -10.30 24.04
CA ALA D 216 -2.71 -9.26 24.39
C ALA D 216 -2.53 -8.78 25.82
N CYS D 217 -2.06 -7.54 25.96
CA CYS D 217 -1.83 -7.00 27.29
C CYS D 217 -2.59 -5.71 27.49
N LYS D 218 -2.45 -5.12 28.67
CA LYS D 218 -3.00 -3.82 28.93
C LYS D 218 -2.59 -2.85 27.85
N SER D 219 -1.38 -3.04 27.33
CA SER D 219 -0.81 -2.12 26.39
C SER D 219 -1.62 -2.11 25.08
N SER D 220 -2.19 -3.25 24.74
CA SER D 220 -2.99 -3.38 23.53
C SER D 220 -4.23 -2.49 23.61
N ASP D 221 -4.80 -2.33 24.81
CA ASP D 221 -5.94 -1.46 25.07
C ASP D 221 -5.50 0.00 24.90
N LEU D 222 -4.26 0.28 25.27
CA LEU D 222 -3.74 1.65 25.15
C LEU D 222 -3.54 2.05 23.70
N TRP D 223 -3.15 1.09 22.86
CA TRP D 223 -3.17 1.29 21.41
C TRP D 223 -4.56 1.69 20.92
N ALA D 224 -5.59 0.94 21.32
CA ALA D 224 -6.96 1.28 20.93
C ALA D 224 -7.32 2.69 21.38
N LEU D 225 -6.90 3.05 22.58
CA LEU D 225 -7.10 4.40 23.09
C LEU D 225 -6.56 5.45 22.14
N GLY D 226 -5.33 5.25 21.66
CA GLY D 226 -4.71 6.13 20.70
C GLY D 226 -5.53 6.28 19.42
N CYS D 227 -6.04 5.17 18.90
CA CYS D 227 -6.93 5.18 17.72
C CYS D 227 -8.20 5.99 17.97
N ILE D 228 -8.76 5.83 19.17
CA ILE D 228 -9.97 6.52 19.53
C ILE D 228 -9.79 8.04 19.69
N ILE D 229 -8.72 8.46 20.34
CA ILE D 229 -8.40 9.86 20.48
C ILE D 229 -8.22 10.44 19.10
N TYR D 230 -7.44 9.75 18.27
CA TYR D 230 -7.25 10.21 16.90
C TYR D 230 -8.60 10.39 16.23
N GLN D 231 -9.49 9.42 16.40
CA GLN D 231 -10.81 9.45 15.79
C GLN D 231 -11.70 10.58 16.26
N LEU D 232 -11.53 10.98 17.53
CA LEU D 232 -12.28 12.07 18.12
C LEU D 232 -11.85 13.41 17.48
N VAL D 233 -10.54 13.58 17.35
CA VAL D 233 -10.00 14.82 16.82
C VAL D 233 -10.14 14.92 15.30
N ALA D 234 -9.91 13.81 14.59
CA ALA D 234 -9.83 13.84 13.16
C ALA D 234 -11.15 13.44 12.51
N GLY D 235 -11.99 12.73 13.25
CA GLY D 235 -13.29 12.33 12.75
C GLY D 235 -13.36 10.87 12.29
N LEU D 236 -12.21 10.27 11.98
CA LEU D 236 -12.17 8.88 11.55
C LEU D 236 -10.95 8.21 12.17
N PRO D 237 -10.98 6.87 12.27
CA PRO D 237 -9.84 6.16 12.86
C PRO D 237 -8.59 6.22 11.97
N PRO D 238 -7.39 6.10 12.58
CA PRO D 238 -6.12 6.33 11.88
C PRO D 238 -5.78 5.39 10.73
N PHE D 239 -6.06 4.09 10.86
CA PHE D 239 -5.71 3.10 9.86
C PHE D 239 -6.99 2.71 9.10
N ARG D 240 -7.00 3.00 7.80
CA ARG D 240 -8.16 2.75 6.94
C ARG D 240 -7.82 2.29 5.59
N ALA D 241 -8.64 1.40 5.03
CA ALA D 241 -8.36 0.84 3.72
C ALA D 241 -9.55 0.03 3.25
N GLY D 242 -9.45 -0.56 2.05
CA GLY D 242 -10.61 -1.15 1.41
C GLY D 242 -10.98 -2.52 1.97
N ASN D 243 -10.03 -3.17 2.63
CA ASN D 243 -10.32 -4.41 3.36
C ASN D 243 -9.43 -4.58 4.57
N GLU D 244 -9.66 -5.64 5.33
CA GLU D 244 -8.93 -5.85 6.57
C GLU D 244 -7.45 -6.18 6.39
N TYR D 245 -7.13 -6.95 5.35
CA TYR D 245 -5.75 -7.20 4.99
C TYR D 245 -5.00 -5.89 4.80
N LEU D 246 -5.61 -4.95 4.08
CA LEU D 246 -4.97 -3.66 3.83
C LEU D 246 -4.85 -2.83 5.13
N ILE D 247 -5.89 -2.85 5.96
CA ILE D 247 -5.82 -2.18 7.27
C ILE D 247 -4.68 -2.78 8.15
N PHE D 248 -4.65 -4.10 8.30
CA PHE D 248 -3.57 -4.79 9.03
C PHE D 248 -2.19 -4.37 8.53
N GLN D 249 -2.00 -4.30 7.22
CA GLN D 249 -0.68 -3.94 6.68
C GLN D 249 -0.26 -2.54 7.10
N LYS D 250 -1.22 -1.62 7.15
CA LYS D 250 -0.95 -0.28 7.64
C LYS D 250 -0.61 -0.29 9.11
N ILE D 251 -1.36 -1.07 9.87
CA ILE D 251 -1.13 -1.11 11.32
C ILE D 251 0.29 -1.61 11.60
N ILE D 252 0.67 -2.74 11.02
CA ILE D 252 1.98 -3.30 11.35
C ILE D 252 3.12 -2.39 10.86
N LYS D 253 2.84 -1.54 9.88
CA LYS D 253 3.84 -0.60 9.37
C LYS D 253 3.77 0.75 10.09
N LEU D 254 2.74 0.94 10.88
CA LEU D 254 2.48 2.21 11.54
C LEU D 254 2.32 3.29 10.46
N GLU D 255 1.55 2.96 9.43
CA GLU D 255 1.35 3.83 8.29
C GLU D 255 0.08 4.63 8.44
N TYR D 256 0.21 5.85 8.97
CA TYR D 256 -0.94 6.73 9.11
C TYR D 256 -0.40 8.17 9.11
N ASP D 257 -1.29 9.14 9.01
CA ASP D 257 -0.89 10.55 9.01
C ASP D 257 -1.86 11.46 9.78
N PHE D 258 -1.33 12.50 10.43
CA PHE D 258 -2.20 13.46 11.08
C PHE D 258 -2.64 14.49 10.03
N PRO D 259 -3.92 14.89 10.08
CA PRO D 259 -4.33 16.07 9.30
C PRO D 259 -3.73 17.35 9.88
N GLU D 260 -3.67 18.41 9.10
CA GLU D 260 -3.01 19.64 9.58
C GLU D 260 -3.74 20.22 10.79
N LYS D 261 -5.07 20.12 10.77
CA LYS D 261 -5.87 20.59 11.89
C LYS D 261 -5.97 19.51 12.99
N PHE D 262 -4.93 19.37 13.81
CA PHE D 262 -4.92 18.36 14.88
C PHE D 262 -4.24 18.97 16.11
N PHE D 263 -4.99 19.11 17.19
CA PHE D 263 -4.44 19.75 18.39
C PHE D 263 -3.04 19.19 18.71
N PRO D 264 -2.00 20.05 18.67
CA PRO D 264 -0.60 19.61 18.84
C PRO D 264 -0.35 18.70 20.08
N LYS D 265 -0.92 19.04 21.22
CA LYS D 265 -0.71 18.21 22.42
C LYS D 265 -1.42 16.85 22.35
N ALA D 266 -2.50 16.77 21.58
CA ALA D 266 -3.21 15.51 21.34
C ALA D 266 -2.41 14.65 20.41
N ARG D 267 -1.71 15.32 19.49
CA ARG D 267 -0.91 14.62 18.51
C ARG D 267 0.29 13.99 19.23
N ASP D 268 0.93 14.75 20.10
CA ASP D 268 2.03 14.18 20.88
C ASP D 268 1.52 12.99 21.71
N LEU D 269 0.34 13.13 22.30
CA LEU D 269 -0.28 12.03 23.05
C LEU D 269 -0.50 10.81 22.16
N VAL D 270 -1.16 11.02 21.02
CA VAL D 270 -1.41 9.94 20.10
C VAL D 270 -0.12 9.26 19.64
N GLU D 271 0.89 10.07 19.31
CA GLU D 271 2.20 9.52 18.92
C GLU D 271 2.87 8.67 20.02
N LYS D 272 2.53 8.92 21.28
CA LYS D 272 3.10 8.13 22.36
C LYS D 272 2.27 6.89 22.67
N LEU D 273 1.11 6.77 22.05
CA LEU D 273 0.28 5.59 22.23
C LEU D 273 0.38 4.64 21.05
N LEU D 274 0.37 5.20 19.85
CA LEU D 274 0.49 4.39 18.65
C LEU D 274 1.96 4.06 18.34
N VAL D 275 2.59 3.30 19.22
CA VAL D 275 3.98 2.89 19.05
C VAL D 275 4.05 1.37 18.86
N LEU D 276 4.85 0.88 17.89
CA LEU D 276 4.80 -0.55 17.57
C LEU D 276 5.13 -1.43 18.78
N ASP D 277 6.20 -1.09 19.48
CA ASP D 277 6.63 -1.86 20.65
C ASP D 277 5.68 -1.64 21.81
N ALA D 278 4.97 -2.70 22.21
CA ALA D 278 3.98 -2.61 23.28
C ALA D 278 4.55 -2.10 24.61
N THR D 279 5.84 -2.32 24.84
CA THR D 279 6.44 -1.98 26.14
C THR D 279 6.88 -0.53 26.16
N LYS D 280 6.67 0.16 25.05
CA LYS D 280 7.01 1.57 25.02
C LYS D 280 5.82 2.50 24.82
N ARG D 281 4.62 1.99 25.02
CA ARG D 281 3.44 2.85 24.99
C ARG D 281 3.22 3.56 26.31
N LEU D 282 2.99 4.87 26.22
CA LEU D 282 2.64 5.67 27.40
C LEU D 282 1.49 4.99 28.13
N GLY D 283 1.67 4.73 29.43
CA GLY D 283 0.66 4.04 30.20
C GLY D 283 0.95 2.58 30.55
N CYS D 284 1.83 1.92 29.80
CA CYS D 284 2.07 0.50 30.13
C CYS D 284 2.98 0.34 31.36
N GLU D 285 3.02 -0.89 31.89
CA GLU D 285 3.83 -1.20 33.07
C GLU D 285 5.28 -0.78 32.92
N GLU D 286 5.85 -1.09 31.76
CA GLU D 286 7.26 -0.78 31.51
C GLU D 286 7.56 0.72 31.49
N MET D 287 6.54 1.54 31.28
CA MET D 287 6.75 2.99 31.15
C MET D 287 6.28 3.66 32.42
N GLU D 288 6.29 2.87 33.49
CA GLU D 288 5.93 3.36 34.82
C GLU D 288 4.44 3.68 34.96
N GLY D 289 3.63 3.07 34.10
CA GLY D 289 2.20 2.97 34.37
C GLY D 289 1.35 4.17 34.03
N TYR D 290 0.26 4.34 34.77
CA TYR D 290 -0.72 5.39 34.47
C TYR D 290 -0.31 6.80 34.86
N GLY D 291 0.58 6.92 35.85
CA GLY D 291 1.06 8.22 36.27
C GLY D 291 1.50 9.14 35.13
N PRO D 292 2.49 8.69 34.37
CA PRO D 292 2.99 9.50 33.26
C PRO D 292 1.92 9.73 32.17
N LEU D 293 1.01 8.79 31.99
CA LEU D 293 -0.06 8.98 31.02
C LEU D 293 -0.96 10.12 31.50
N LYS D 294 -1.41 10.06 32.75
CA LYS D 294 -2.30 11.10 33.24
C LYS D 294 -1.60 12.44 33.35
N ALA D 295 -0.27 12.41 33.38
CA ALA D 295 0.54 13.63 33.50
C ALA D 295 0.98 14.18 32.15
N HIS D 296 0.53 13.57 31.06
CA HIS D 296 0.83 14.12 29.76
C HIS D 296 0.29 15.55 29.66
N PRO D 297 1.02 16.44 28.97
CA PRO D 297 0.60 17.85 28.83
C PRO D 297 -0.81 18.06 28.27
N PHE D 298 -1.32 17.14 27.46
CA PHE D 298 -2.69 17.32 26.93
C PHE D 298 -3.69 17.34 28.07
N PHE D 299 -3.31 16.71 29.18
CA PHE D 299 -4.18 16.59 30.36
C PHE D 299 -3.79 17.57 31.49
N GLU D 300 -3.04 18.61 31.18
CA GLU D 300 -2.65 19.57 32.22
C GLU D 300 -3.80 20.05 33.11
N SER D 301 -4.91 20.45 32.49
CA SER D 301 -6.02 21.02 33.28
C SER D 301 -6.85 20.00 34.08
N VAL D 302 -6.72 18.72 33.76
CA VAL D 302 -7.66 17.73 34.27
C VAL D 302 -7.57 17.47 35.76
N THR D 303 -8.72 17.43 36.43
CA THR D 303 -8.78 17.00 37.83
C THR D 303 -9.26 15.56 37.94
N TRP D 304 -8.32 14.64 38.01
CA TRP D 304 -8.58 13.21 37.85
C TRP D 304 -9.51 12.61 38.88
N GLU D 305 -9.44 13.07 40.13
CA GLU D 305 -10.28 12.50 41.18
C GLU D 305 -11.77 12.84 41.11
N ASN D 306 -12.16 13.93 40.47
CA ASN D 306 -13.60 14.25 40.46
C ASN D 306 -14.36 14.12 39.11
N LEU D 307 -13.80 13.41 38.15
CA LEU D 307 -14.35 13.39 36.78
C LEU D 307 -15.84 13.07 36.71
N HIS D 308 -16.26 12.04 37.43
CA HIS D 308 -17.64 11.58 37.27
C HIS D 308 -18.67 12.54 37.84
N GLN D 309 -18.21 13.52 38.61
CA GLN D 309 -19.10 14.55 39.15
C GLN D 309 -19.13 15.85 38.29
N GLN D 310 -18.24 15.96 37.31
CA GLN D 310 -18.22 17.15 36.47
C GLN D 310 -19.32 17.12 35.42
N THR D 311 -19.96 18.26 35.17
CA THR D 311 -20.91 18.34 34.06
C THR D 311 -20.12 18.33 32.75
N PRO D 312 -20.43 17.39 31.86
CA PRO D 312 -19.74 17.28 30.58
C PRO D 312 -20.05 18.45 29.64
N PRO D 313 -19.06 18.91 28.86
CA PRO D 313 -19.29 19.99 27.89
C PRO D 313 -20.25 19.49 26.85
N LYS D 314 -21.05 20.41 26.34
CA LYS D 314 -22.05 20.11 25.33
C LYS D 314 -21.34 19.76 24.02
N LEU D 315 -21.82 18.72 23.37
CA LEU D 315 -21.22 18.25 22.14
C LEU D 315 -21.75 19.06 20.96
N THR D 316 -20.89 19.95 20.46
CA THR D 316 -21.20 20.72 19.26
C THR D 316 -19.98 20.85 18.33
N LYS E 33 -55.12 52.19 36.19
CA LYS E 33 -53.96 52.23 37.09
C LYS E 33 -54.18 51.34 38.31
N LYS E 34 -53.09 50.84 38.89
CA LYS E 34 -53.18 49.88 39.99
C LYS E 34 -53.22 50.53 41.37
N ARG E 35 -53.51 49.73 42.39
CA ARG E 35 -53.57 50.21 43.76
C ARG E 35 -53.14 49.09 44.70
N PRO E 36 -52.58 49.46 45.87
CA PRO E 36 -52.01 48.51 46.84
C PRO E 36 -52.95 47.38 47.23
N GLU E 37 -54.25 47.62 47.12
CA GLU E 37 -55.25 46.65 47.54
C GLU E 37 -55.37 45.54 46.50
N ASP E 38 -54.83 45.78 45.32
CA ASP E 38 -54.87 44.80 44.24
C ASP E 38 -53.86 43.70 44.43
N PHE E 39 -53.09 43.78 45.52
CA PHE E 39 -51.98 42.86 45.75
C PHE E 39 -51.97 42.30 47.16
N LYS E 40 -51.65 41.02 47.27
CA LYS E 40 -51.36 40.40 48.57
C LYS E 40 -49.84 40.38 48.75
N PHE E 41 -49.32 41.31 49.54
CA PHE E 41 -47.89 41.35 49.83
C PHE E 41 -47.49 40.26 50.81
N GLY E 42 -46.28 39.72 50.64
CA GLY E 42 -45.84 38.60 51.46
C GLY E 42 -44.37 38.67 51.82
N LYS E 43 -43.59 37.74 51.29
CA LYS E 43 -42.17 37.67 51.59
C LYS E 43 -41.43 38.93 51.18
N ILE E 44 -40.67 39.48 52.11
CA ILE E 44 -39.82 40.62 51.80
C ILE E 44 -38.52 40.12 51.14
N LEU E 45 -38.40 40.38 49.84
CA LEU E 45 -37.23 39.96 49.09
C LEU E 45 -35.98 40.69 49.56
N GLY E 46 -35.96 42.00 49.38
CA GLY E 46 -34.79 42.79 49.73
C GLY E 46 -35.11 44.06 50.50
N GLU E 47 -34.08 44.63 51.11
CA GLU E 47 -34.22 45.84 51.90
C GLU E 47 -33.01 46.74 51.69
N GLY E 48 -33.27 47.98 51.30
CA GLY E 48 -32.24 49.02 51.25
C GLY E 48 -32.64 50.12 52.21
N SER E 49 -31.76 51.08 52.44
CA SER E 49 -32.09 52.19 53.33
C SER E 49 -33.30 52.94 52.79
N PHE E 50 -33.28 53.23 51.50
CA PHE E 50 -34.34 54.00 50.83
C PHE E 50 -35.46 53.15 50.26
N SER E 51 -35.19 51.87 50.04
CA SER E 51 -36.14 51.02 49.32
C SER E 51 -36.43 49.69 50.01
N THR E 52 -37.55 49.10 49.64
CA THR E 52 -37.89 47.74 50.05
C THR E 52 -38.43 47.00 48.83
N VAL E 53 -38.02 45.75 48.66
CA VAL E 53 -38.58 44.92 47.61
C VAL E 53 -39.35 43.77 48.24
N VAL E 54 -40.66 43.72 47.96
CA VAL E 54 -41.53 42.73 48.55
C VAL E 54 -42.21 41.92 47.47
N LEU E 55 -42.42 40.63 47.73
CA LEU E 55 -43.08 39.74 46.79
C LEU E 55 -44.60 39.87 46.89
N ALA E 56 -45.22 40.43 45.88
CA ALA E 56 -46.65 40.65 45.88
C ALA E 56 -47.37 39.78 44.89
N ARG E 57 -48.35 39.00 45.34
CA ARG E 57 -49.23 38.28 44.45
C ARG E 57 -50.22 39.29 44.02
N GLU E 58 -50.61 39.29 42.77
CA GLU E 58 -51.66 40.17 42.36
C GLU E 58 -52.85 39.26 42.26
N LEU E 59 -53.84 39.50 43.09
CA LEU E 59 -54.99 38.61 43.23
C LEU E 59 -55.86 38.45 41.96
N ALA E 60 -56.14 39.52 41.26
CA ALA E 60 -56.93 39.35 40.07
C ALA E 60 -56.31 38.41 39.07
N THR E 61 -55.00 38.46 38.88
CA THR E 61 -54.37 37.56 37.95
C THR E 61 -53.60 36.37 38.55
N SER E 62 -53.17 36.47 39.78
CA SER E 62 -52.44 35.38 40.38
C SER E 62 -50.94 35.54 40.13
N ARG E 63 -50.62 36.53 39.31
CA ARG E 63 -49.27 36.82 38.88
C ARG E 63 -48.38 37.25 40.02
N GLU E 64 -47.18 36.74 40.05
CA GLU E 64 -46.25 37.11 41.08
C GLU E 64 -45.33 38.20 40.62
N TYR E 65 -45.08 39.14 41.50
CA TYR E 65 -44.25 40.24 41.14
C TYR E 65 -43.38 40.57 42.31
N ALA E 66 -42.37 41.35 42.03
CA ALA E 66 -41.46 41.88 43.03
C ALA E 66 -41.69 43.38 43.04
N ILE E 67 -42.26 43.87 44.15
CA ILE E 67 -42.62 45.28 44.24
C ILE E 67 -41.55 46.07 44.97
N LYS E 68 -41.04 47.11 44.32
CA LYS E 68 -40.10 48.02 44.96
C LYS E 68 -40.89 49.15 45.60
N ILE E 69 -40.86 49.22 46.93
CA ILE E 69 -41.64 50.21 47.67
C ILE E 69 -40.78 51.29 48.29
N LEU E 70 -41.12 52.55 48.03
CA LEU E 70 -40.40 53.68 48.62
C LEU E 70 -41.35 54.53 49.48
N GLU E 71 -40.77 55.41 50.29
CA GLU E 71 -41.56 56.38 51.05
C GLU E 71 -41.19 57.76 50.54
N LYS E 72 -42.18 58.51 50.03
CA LYS E 72 -41.91 59.77 49.36
C LYS E 72 -41.14 60.76 50.25
N ARG E 73 -41.55 60.89 51.50
CA ARG E 73 -40.87 61.76 52.46
C ARG E 73 -39.37 61.47 52.45
N HIS E 74 -39.02 60.20 52.62
CA HIS E 74 -37.63 59.76 52.56
C HIS E 74 -36.92 60.32 51.34
N ILE E 75 -37.49 60.06 50.16
CA ILE E 75 -36.85 60.43 48.90
C ILE E 75 -36.63 61.94 48.79
N ILE E 76 -37.62 62.71 49.21
CA ILE E 76 -37.47 64.16 49.23
C ILE E 76 -36.45 64.58 50.28
N LYS E 77 -36.43 63.84 51.39
CA LYS E 77 -35.50 64.09 52.48
C LYS E 77 -34.03 63.95 52.06
N GLU E 78 -33.64 62.73 51.67
CA GLU E 78 -32.27 62.50 51.23
C GLU E 78 -32.05 63.11 49.84
N ASN E 79 -33.06 63.79 49.34
CA ASN E 79 -33.00 64.41 48.01
C ASN E 79 -32.66 63.39 46.93
N LYS E 80 -33.33 62.24 46.96
CA LYS E 80 -33.01 61.12 46.07
C LYS E 80 -33.98 60.94 44.90
N VAL E 81 -34.91 61.88 44.73
CA VAL E 81 -35.86 61.79 43.63
C VAL E 81 -35.21 61.71 42.25
N PRO E 82 -34.18 62.54 42.00
CA PRO E 82 -33.52 62.45 40.70
C PRO E 82 -32.93 61.08 40.49
N TYR E 83 -32.47 60.46 41.58
CA TYR E 83 -31.95 59.10 41.56
C TYR E 83 -33.01 58.11 41.09
N VAL E 84 -34.21 58.24 41.65
CA VAL E 84 -35.29 57.30 41.34
C VAL E 84 -35.90 57.56 39.97
N THR E 85 -36.06 58.82 39.61
CA THR E 85 -36.55 59.17 38.29
C THR E 85 -35.61 58.61 37.23
N ARG E 86 -34.31 58.68 37.51
CA ARG E 86 -33.27 58.22 36.60
C ARG E 86 -33.32 56.70 36.45
N GLU E 87 -33.46 55.98 37.56
CA GLU E 87 -33.51 54.52 37.53
C GLU E 87 -34.73 54.00 36.79
N ARG E 88 -35.90 54.48 37.20
CA ARG E 88 -37.16 54.10 36.58
C ARG E 88 -37.04 54.27 35.07
N ASP E 89 -36.46 55.38 34.66
CA ASP E 89 -36.31 55.67 33.24
C ASP E 89 -35.42 54.66 32.54
N VAL E 90 -34.52 54.03 33.29
CA VAL E 90 -33.57 53.08 32.71
C VAL E 90 -34.18 51.68 32.58
N MET E 91 -34.81 51.18 33.63
CA MET E 91 -35.50 49.89 33.55
C MET E 91 -36.59 49.88 32.46
N SER E 92 -37.09 51.06 32.11
CA SER E 92 -38.16 51.15 31.14
C SER E 92 -37.63 50.98 29.73
N ARG E 93 -36.32 51.11 29.57
CA ARG E 93 -35.70 50.88 28.27
C ARG E 93 -35.44 49.40 28.03
N LEU E 94 -35.30 48.64 29.11
CA LEU E 94 -34.87 47.23 29.04
C LEU E 94 -35.98 46.27 28.60
N ASP E 95 -35.72 45.52 27.54
CA ASP E 95 -36.64 44.47 27.10
C ASP E 95 -35.85 43.24 26.68
N HIS E 96 -35.51 42.38 27.65
CA HIS E 96 -34.60 41.29 27.41
C HIS E 96 -34.74 40.22 28.49
N PRO E 97 -34.71 38.95 28.08
CA PRO E 97 -34.93 37.84 29.01
C PRO E 97 -33.90 37.72 30.16
N PHE E 98 -32.78 38.44 30.07
CA PHE E 98 -31.77 38.37 31.11
C PHE E 98 -31.76 39.61 32.00
N PHE E 99 -32.64 40.55 31.70
CA PHE E 99 -32.85 41.71 32.55
C PHE E 99 -34.22 41.75 33.19
N VAL E 100 -34.26 42.05 34.48
CA VAL E 100 -35.50 42.31 35.21
C VAL E 100 -36.37 43.29 34.45
N LYS E 101 -37.67 43.07 34.49
CA LYS E 101 -38.60 43.94 33.78
C LYS E 101 -39.42 44.78 34.76
N LEU E 102 -39.68 46.03 34.39
CA LEU E 102 -40.58 46.91 35.14
C LEU E 102 -41.92 46.95 34.44
N TYR E 103 -42.94 46.34 35.03
CA TYR E 103 -44.24 46.23 34.39
C TYR E 103 -45.13 47.46 34.64
N PHE E 104 -45.28 47.83 35.91
CA PHE E 104 -46.18 48.92 36.29
C PHE E 104 -45.62 49.80 37.42
N CYS E 105 -46.12 51.03 37.47
CA CYS E 105 -45.82 51.95 38.60
C CYS E 105 -47.06 52.64 39.09
N PHE E 106 -47.28 52.62 40.40
CA PHE E 106 -48.36 53.41 40.98
C PHE E 106 -47.92 54.01 42.31
N GLN E 107 -48.77 54.86 42.88
CA GLN E 107 -48.51 55.48 44.17
C GLN E 107 -49.77 55.74 44.97
N ASP E 108 -49.56 55.95 46.26
CA ASP E 108 -50.61 56.37 47.16
C ASP E 108 -50.00 57.57 47.87
N ASP E 109 -50.76 58.31 48.65
CA ASP E 109 -50.24 59.57 49.18
C ASP E 109 -48.98 59.36 49.99
N GLU E 110 -48.91 58.29 50.76
CA GLU E 110 -47.71 57.85 51.45
C GLU E 110 -46.52 57.23 50.66
N LYS E 111 -46.80 56.39 49.67
CA LYS E 111 -45.77 55.52 49.11
C LYS E 111 -45.58 55.43 47.61
N LEU E 112 -44.46 54.82 47.20
CA LEU E 112 -44.21 54.58 45.78
C LEU E 112 -44.10 53.09 45.51
N TYR E 113 -44.74 52.63 44.44
CA TYR E 113 -44.76 51.20 44.12
C TYR E 113 -44.32 50.91 42.69
N PHE E 114 -43.22 50.16 42.55
CA PHE E 114 -42.73 49.72 41.25
C PHE E 114 -42.83 48.20 41.12
N GLY E 115 -43.56 47.76 40.10
CA GLY E 115 -43.74 46.34 39.87
C GLY E 115 -42.66 45.77 38.97
N LEU E 116 -41.92 44.80 39.50
CA LEU E 116 -40.79 44.24 38.76
C LEU E 116 -40.88 42.73 38.69
N SER E 117 -40.22 42.15 37.69
CA SER E 117 -40.17 40.69 37.54
C SER E 117 -39.69 40.06 38.83
N TYR E 118 -40.22 38.88 39.13
CA TYR E 118 -39.81 38.13 40.29
C TYR E 118 -38.87 37.00 39.88
N ALA E 119 -37.75 36.87 40.57
CA ALA E 119 -36.76 35.86 40.26
C ALA E 119 -36.72 34.83 41.37
N LYS E 120 -37.52 33.78 41.20
CA LYS E 120 -37.81 32.83 42.27
C LYS E 120 -36.58 32.25 42.93
N ASN E 121 -35.50 32.08 42.19
CA ASN E 121 -34.36 31.35 42.75
C ASN E 121 -33.30 32.17 43.49
N GLY E 122 -33.48 33.49 43.52
CA GLY E 122 -32.61 34.33 44.34
C GLY E 122 -31.30 34.74 43.70
N GLU E 123 -30.27 34.88 44.53
CA GLU E 123 -28.99 35.42 44.09
C GLU E 123 -28.00 34.35 43.61
N LEU E 124 -27.31 34.63 42.51
CA LEU E 124 -26.19 33.80 42.10
C LEU E 124 -25.24 33.52 43.28
N LEU E 125 -25.04 34.53 44.12
CA LEU E 125 -24.17 34.39 45.27
C LEU E 125 -24.55 33.20 46.16
N LYS E 126 -25.84 32.97 46.31
CA LYS E 126 -26.33 31.86 47.12
C LYS E 126 -25.74 30.52 46.67
N TYR E 127 -25.66 30.32 45.36
CA TYR E 127 -25.21 29.04 44.81
C TYR E 127 -23.71 28.88 44.89
N ILE E 128 -22.99 29.97 44.74
CA ILE E 128 -21.58 29.93 44.79
C ILE E 128 -21.18 29.44 46.15
N ARG E 129 -21.83 29.93 47.17
CA ARG E 129 -21.51 29.51 48.52
C ARG E 129 -21.74 28.04 48.91
N LYS E 130 -22.88 27.43 48.59
CA LYS E 130 -23.06 26.03 48.95
C LYS E 130 -22.21 25.04 48.18
N ILE E 131 -22.17 25.21 46.87
CA ILE E 131 -21.32 24.38 46.05
C ILE E 131 -19.85 24.68 46.26
N GLY E 132 -19.57 25.95 46.44
CA GLY E 132 -18.25 26.44 46.73
C GLY E 132 -17.43 26.86 45.52
N SER E 133 -17.74 26.31 44.37
CA SER E 133 -17.15 26.67 43.09
C SER E 133 -17.92 25.93 42.03
N PHE E 134 -18.15 26.59 40.90
CA PHE E 134 -18.76 26.00 39.72
C PHE E 134 -17.79 25.12 38.98
N ASP E 135 -18.30 24.12 38.30
CA ASP E 135 -17.50 23.33 37.39
C ASP E 135 -17.29 24.10 36.11
N GLU E 136 -16.41 23.66 35.23
CA GLU E 136 -16.13 24.40 34.00
C GLU E 136 -17.34 24.61 33.10
N THR E 137 -18.14 23.62 32.90
CA THR E 137 -19.36 23.79 32.08
C THR E 137 -20.36 24.78 32.68
N CYS E 138 -20.53 24.76 34.00
CA CYS E 138 -21.49 25.68 34.61
C CYS E 138 -20.94 27.10 34.56
N THR E 139 -19.65 27.25 34.87
CA THR E 139 -19.04 28.57 34.76
C THR E 139 -19.23 29.12 33.39
N ARG E 140 -18.98 28.29 32.38
CA ARG E 140 -18.99 28.75 30.98
C ARG E 140 -20.39 29.20 30.57
N PHE E 141 -21.39 28.41 30.94
CA PHE E 141 -22.77 28.75 30.58
C PHE E 141 -23.24 30.08 31.19
N TYR E 142 -23.01 30.26 32.49
CA TYR E 142 -23.50 31.46 33.16
C TYR E 142 -22.70 32.70 32.76
N THR E 143 -21.39 32.52 32.54
CA THR E 143 -20.57 33.60 32.01
C THR E 143 -21.10 34.05 30.67
N ALA E 144 -21.41 33.07 29.81
CA ALA E 144 -21.99 33.40 28.50
C ALA E 144 -23.31 34.16 28.58
N GLU E 145 -24.19 33.75 29.47
CA GLU E 145 -25.43 34.51 29.72
C GLU E 145 -25.14 35.98 30.12
N ILE E 146 -24.25 36.17 31.10
CA ILE E 146 -23.87 37.51 31.52
C ILE E 146 -23.27 38.31 30.36
N VAL E 147 -22.39 37.68 29.59
CA VAL E 147 -21.83 38.35 28.40
C VAL E 147 -22.93 38.75 27.41
N SER E 148 -23.89 37.86 27.17
CA SER E 148 -25.02 38.19 26.30
C SER E 148 -25.78 39.40 26.85
N ALA E 149 -26.09 39.35 28.13
CA ALA E 149 -26.78 40.46 28.78
C ALA E 149 -26.02 41.78 28.62
N LEU E 150 -24.74 41.79 28.94
CA LEU E 150 -23.94 43.01 28.80
C LEU E 150 -23.89 43.53 27.38
N GLU E 151 -23.83 42.61 26.42
CA GLU E 151 -23.80 43.04 25.04
C GLU E 151 -25.09 43.80 24.71
N TYR E 152 -26.21 43.24 25.16
CA TYR E 152 -27.50 43.91 24.98
C TYR E 152 -27.50 45.28 25.67
N LEU E 153 -27.08 45.30 26.93
CA LEU E 153 -27.04 46.54 27.71
C LEU E 153 -26.19 47.62 27.03
N HIS E 154 -24.95 47.29 26.71
CA HIS E 154 -24.08 48.30 26.12
C HIS E 154 -24.54 48.71 24.73
N GLY E 155 -25.26 47.82 24.06
CA GLY E 155 -25.87 48.16 22.77
C GLY E 155 -26.90 49.28 22.92
N LYS E 156 -27.51 49.36 24.08
CA LYS E 156 -28.44 50.45 24.39
C LYS E 156 -27.75 51.63 25.07
N GLY E 157 -26.43 51.70 24.94
CA GLY E 157 -25.66 52.78 25.50
C GLY E 157 -25.87 52.97 26.99
N ILE E 158 -25.99 51.86 27.71
CA ILE E 158 -26.17 51.90 29.14
C ILE E 158 -25.09 51.12 29.89
N ILE E 159 -24.61 51.70 30.99
CA ILE E 159 -23.60 51.07 31.82
C ILE E 159 -24.16 50.75 33.19
N HIS E 160 -24.06 49.50 33.63
CA HIS E 160 -24.57 49.13 34.95
C HIS E 160 -23.87 49.71 36.18
N ARG E 161 -22.57 49.60 36.21
CA ARG E 161 -21.69 50.18 37.21
C ARG E 161 -21.71 49.51 38.55
N ASP E 162 -22.55 48.50 38.72
CA ASP E 162 -22.59 47.79 39.97
C ASP E 162 -22.79 46.31 39.84
N LEU E 163 -22.34 45.74 38.75
CA LEU E 163 -22.46 44.30 38.50
C LEU E 163 -21.74 43.45 39.53
N LYS E 164 -22.47 42.53 40.15
CA LYS E 164 -21.89 41.61 41.13
C LYS E 164 -22.85 40.45 41.41
N PRO E 165 -22.36 39.37 42.02
CA PRO E 165 -23.19 38.15 42.15
C PRO E 165 -24.52 38.34 42.89
N GLU E 166 -24.69 39.45 43.60
CA GLU E 166 -25.93 39.72 44.34
C GLU E 166 -26.97 40.41 43.48
N ASN E 167 -26.52 41.10 42.45
CA ASN E 167 -27.42 41.76 41.49
C ASN E 167 -27.73 40.88 40.30
N ILE E 168 -27.21 39.66 40.32
CA ILE E 168 -27.50 38.69 39.27
C ILE E 168 -28.38 37.64 39.89
N LEU E 169 -29.66 37.73 39.59
CA LEU E 169 -30.64 36.82 40.17
C LEU E 169 -30.87 35.62 39.26
N LEU E 170 -31.44 34.59 39.83
CA LEU E 170 -31.82 33.40 39.12
C LEU E 170 -33.32 33.16 39.07
N ASN E 171 -33.88 33.12 37.89
CA ASN E 171 -35.30 32.89 37.76
C ASN E 171 -35.71 31.43 37.97
N GLU E 172 -36.99 31.14 37.80
CA GLU E 172 -37.56 29.81 38.07
C GLU E 172 -36.94 28.72 37.22
N ASP E 173 -36.61 29.11 36.01
CA ASP E 173 -35.96 28.28 35.03
C ASP E 173 -34.43 28.19 35.23
N MET E 174 -33.86 28.84 36.22
CA MET E 174 -32.43 28.92 36.51
C MET E 174 -31.61 29.66 35.44
N HIS E 175 -32.25 30.59 34.73
CA HIS E 175 -31.56 31.57 33.91
C HIS E 175 -31.31 32.83 34.75
N ILE E 176 -30.38 33.63 34.31
CA ILE E 176 -30.04 34.85 35.00
C ILE E 176 -30.99 36.00 34.83
N GLN E 177 -31.17 36.76 35.88
CA GLN E 177 -31.87 38.02 35.78
C GLN E 177 -31.08 39.13 36.44
N ILE E 178 -30.69 40.13 35.67
CA ILE E 178 -29.88 41.22 36.15
C ILE E 178 -30.73 42.41 36.55
N THR E 179 -30.54 42.87 37.77
CA THR E 179 -31.25 43.96 38.40
C THR E 179 -30.35 45.08 38.96
N ASP E 180 -30.87 45.88 39.90
CA ASP E 180 -30.12 46.94 40.57
C ASP E 180 -29.60 48.06 39.72
N PHE E 181 -30.49 48.69 39.00
CA PHE E 181 -30.12 49.72 38.10
C PHE E 181 -29.97 51.12 38.69
N GLY E 182 -29.99 51.25 40.01
CA GLY E 182 -29.96 52.55 40.65
C GLY E 182 -28.76 53.35 40.20
N THR E 183 -27.66 52.65 39.91
CA THR E 183 -26.39 53.32 39.69
C THR E 183 -25.96 53.40 38.22
N ALA E 184 -26.88 53.12 37.30
CA ALA E 184 -26.55 53.09 35.88
C ALA E 184 -26.27 54.45 35.29
N LYS E 185 -25.63 54.46 34.13
CA LYS E 185 -25.38 55.70 33.40
C LYS E 185 -25.87 55.51 31.97
N VAL E 186 -26.47 56.54 31.38
CA VAL E 186 -27.01 56.42 30.04
C VAL E 186 -26.37 57.42 29.11
N LEU E 187 -26.69 57.30 27.82
CA LEU E 187 -26.26 58.23 26.78
C LEU E 187 -27.02 59.53 26.78
N SER E 188 -28.36 59.37 26.80
CA SER E 188 -29.33 60.42 26.50
C SER E 188 -28.90 61.36 25.37
N PHE E 199 -20.55 57.68 41.35
CA PHE E 199 -20.83 56.59 42.27
C PHE E 199 -19.80 55.45 42.18
N VAL E 200 -19.38 54.97 43.35
CA VAL E 200 -18.50 53.80 43.44
C VAL E 200 -19.22 52.61 44.09
N GLY E 201 -19.29 51.51 43.35
CA GLY E 201 -19.99 50.33 43.76
C GLY E 201 -19.21 49.46 44.72
N THR E 202 -19.69 48.27 44.99
CA THR E 202 -19.10 47.41 45.98
C THR E 202 -17.65 47.27 45.67
N ALA E 203 -16.81 47.47 46.66
CA ALA E 203 -15.43 47.64 46.42
C ALA E 203 -14.74 46.50 45.66
N GLN E 204 -15.12 45.28 45.94
CA GLN E 204 -14.51 44.14 45.33
C GLN E 204 -14.65 44.04 43.80
N TYR E 205 -15.70 44.61 43.23
CA TYR E 205 -15.96 44.49 41.81
C TYR E 205 -15.76 45.78 41.02
N VAL E 206 -15.24 46.80 41.68
CA VAL E 206 -15.08 48.11 41.04
C VAL E 206 -13.77 48.24 40.31
N SER E 207 -13.86 48.76 39.10
CA SER E 207 -12.71 49.05 38.29
C SER E 207 -11.92 50.25 38.80
N PRO E 208 -10.66 50.28 38.47
CA PRO E 208 -9.74 51.31 38.91
C PRO E 208 -10.20 52.68 38.46
N GLU E 209 -10.72 52.78 37.26
CA GLU E 209 -11.24 54.00 36.74
C GLU E 209 -12.40 54.54 37.54
N LEU E 210 -13.30 53.71 38.03
CA LEU E 210 -14.31 54.19 38.91
C LEU E 210 -13.71 54.73 40.19
N LEU E 211 -12.73 54.04 40.71
CA LEU E 211 -12.15 54.43 41.94
C LEU E 211 -11.47 55.76 41.86
N THR E 212 -10.71 55.97 40.83
CA THR E 212 -9.97 57.17 40.77
C THR E 212 -10.78 58.25 40.06
N GLU E 213 -12.01 57.92 39.75
CA GLU E 213 -12.97 58.79 39.09
C GLU E 213 -12.39 59.42 37.89
N LYS E 214 -11.49 58.69 37.23
CA LYS E 214 -10.83 59.04 36.01
C LYS E 214 -11.53 58.61 34.73
N SER E 215 -12.51 57.73 34.84
CA SER E 215 -13.18 57.24 33.64
C SER E 215 -14.53 56.54 33.84
N ALA E 216 -15.28 56.49 32.77
CA ALA E 216 -16.53 55.78 32.71
C ALA E 216 -16.54 55.25 31.33
N CYS E 217 -17.07 54.05 31.15
CA CYS E 217 -17.15 53.54 29.84
C CYS E 217 -17.70 52.21 30.11
N LYS E 218 -18.13 51.52 29.06
CA LYS E 218 -18.73 50.23 29.17
C LYS E 218 -17.74 49.27 29.74
N SER E 219 -16.50 49.57 29.51
CA SER E 219 -15.41 48.75 29.90
C SER E 219 -15.41 48.44 31.39
N SER E 220 -15.92 49.32 32.22
CA SER E 220 -15.94 49.05 33.65
C SER E 220 -16.78 47.84 33.97
N ASP E 221 -17.79 47.61 33.17
CA ASP E 221 -18.62 46.40 33.36
C ASP E 221 -17.83 45.11 33.03
N LEU E 222 -16.92 45.22 32.06
CA LEU E 222 -16.09 44.09 31.63
C LEU E 222 -15.11 43.71 32.71
N TRP E 223 -14.62 44.72 33.41
CA TRP E 223 -13.77 44.47 34.57
C TRP E 223 -14.54 43.67 35.64
N ALA E 224 -15.78 44.08 35.90
CA ALA E 224 -16.62 43.39 36.90
C ALA E 224 -16.89 41.96 36.45
N LEU E 225 -17.12 41.78 35.16
CA LEU E 225 -17.23 40.44 34.59
C LEU E 225 -16.00 39.59 34.90
N GLY E 226 -14.81 40.14 34.64
CA GLY E 226 -13.57 39.48 35.05
C GLY E 226 -13.59 38.99 36.48
N CYS E 227 -14.01 39.88 37.38
CA CYS E 227 -14.09 39.56 38.81
C CYS E 227 -15.10 38.45 39.10
N ILE E 228 -16.25 38.50 38.46
CA ILE E 228 -17.28 37.45 38.62
C ILE E 228 -16.84 36.06 38.10
N ILE E 229 -16.26 36.01 36.89
CA ILE E 229 -15.70 34.75 36.39
C ILE E 229 -14.67 34.19 37.40
N TYR E 230 -13.81 35.06 37.89
CA TYR E 230 -12.79 34.59 38.82
C TYR E 230 -13.50 33.97 40.01
N GLN E 231 -14.57 34.61 40.47
CA GLN E 231 -15.28 34.15 41.64
C GLN E 231 -16.04 32.85 41.41
N LEU E 232 -16.64 32.69 40.23
CA LEU E 232 -17.30 31.42 39.89
C LEU E 232 -16.32 30.24 39.97
N VAL E 233 -15.12 30.45 39.44
CA VAL E 233 -14.10 29.40 39.40
C VAL E 233 -13.42 29.13 40.74
N ALA E 234 -12.95 30.20 41.39
CA ALA E 234 -12.16 30.08 42.62
C ALA E 234 -13.04 30.07 43.87
N GLY E 235 -14.29 30.52 43.74
CA GLY E 235 -15.16 30.55 44.89
C GLY E 235 -14.97 31.77 45.75
N LEU E 236 -14.09 32.67 45.32
CA LEU E 236 -13.83 33.92 46.03
C LEU E 236 -13.46 34.98 45.01
N PRO E 237 -13.80 36.25 45.27
CA PRO E 237 -13.40 37.33 44.35
C PRO E 237 -11.87 37.56 44.36
N PRO E 238 -11.35 38.11 43.27
CA PRO E 238 -9.89 38.16 43.15
C PRO E 238 -9.17 39.13 44.11
N PHE E 239 -9.76 40.28 44.42
CA PHE E 239 -9.10 41.30 45.25
C PHE E 239 -9.67 41.23 46.66
N ARG E 240 -8.84 40.81 47.61
CA ARG E 240 -9.29 40.55 48.98
C ARG E 240 -8.28 41.13 49.95
N ALA E 241 -8.75 41.71 51.04
CA ALA E 241 -7.85 42.30 52.01
C ALA E 241 -8.68 42.67 53.20
N GLY E 242 -8.03 43.22 54.23
CA GLY E 242 -8.67 43.49 55.50
C GLY E 242 -9.76 44.54 55.53
N ASN E 243 -9.69 45.53 54.64
CA ASN E 243 -10.75 46.52 54.54
C ASN E 243 -10.82 47.09 53.12
N GLU E 244 -11.87 47.86 52.85
CA GLU E 244 -12.11 48.37 51.52
C GLU E 244 -10.93 49.18 51.02
N TYR E 245 -10.22 49.86 51.93
CA TYR E 245 -9.07 50.65 51.49
C TYR E 245 -7.92 49.79 50.97
N LEU E 246 -7.64 48.69 51.67
CA LEU E 246 -6.59 47.77 51.25
C LEU E 246 -6.98 47.03 49.96
N ILE E 247 -8.29 46.80 49.79
CA ILE E 247 -8.80 46.23 48.56
C ILE E 247 -8.59 47.20 47.38
N PHE E 248 -8.94 48.47 47.56
CA PHE E 248 -8.67 49.50 46.55
C PHE E 248 -7.22 49.49 46.14
N GLN E 249 -6.32 49.49 47.11
CA GLN E 249 -4.88 49.42 46.84
C GLN E 249 -4.49 48.26 45.92
N LYS E 250 -5.05 47.06 46.16
CA LYS E 250 -4.77 45.92 45.31
C LYS E 250 -5.33 46.10 43.90
N ILE E 251 -6.53 46.66 43.81
CA ILE E 251 -7.16 46.91 42.51
C ILE E 251 -6.31 47.83 41.65
N ILE E 252 -5.88 48.94 42.23
CA ILE E 252 -5.08 49.94 41.53
C ILE E 252 -3.70 49.37 41.10
N LYS E 253 -3.18 48.43 41.86
CA LYS E 253 -1.91 47.80 41.54
C LYS E 253 -2.07 46.53 40.72
N LEU E 254 -3.30 46.10 40.51
CA LEU E 254 -3.60 44.87 39.80
C LEU E 254 -2.94 43.73 40.56
N GLU E 255 -3.12 43.76 41.87
CA GLU E 255 -2.47 42.79 42.74
C GLU E 255 -3.40 41.61 43.10
N TYR E 256 -3.34 40.54 42.32
CA TYR E 256 -4.09 39.30 42.62
C TYR E 256 -3.40 38.09 42.00
N ASP E 257 -3.75 36.89 42.45
CA ASP E 257 -3.13 35.66 41.96
C ASP E 257 -4.19 34.58 41.75
N PHE E 258 -3.98 33.69 40.79
CA PHE E 258 -4.90 32.57 40.59
C PHE E 258 -4.38 31.36 41.36
N PRO E 259 -5.30 30.55 41.92
CA PRO E 259 -4.98 29.22 42.45
C PRO E 259 -4.27 28.38 41.40
N GLU E 260 -3.37 27.50 41.81
CA GLU E 260 -2.71 26.58 40.89
C GLU E 260 -3.73 25.83 40.05
N LYS E 261 -4.81 25.37 40.69
CA LYS E 261 -5.91 24.75 39.95
C LYS E 261 -6.95 25.82 39.63
N PHE E 262 -7.00 26.22 38.37
CA PHE E 262 -7.94 27.22 37.90
C PHE E 262 -7.99 26.99 36.38
N PHE E 263 -9.18 26.77 35.85
CA PHE E 263 -9.36 26.43 34.44
C PHE E 263 -8.54 27.35 33.52
N PRO E 264 -7.61 26.77 32.79
CA PRO E 264 -6.63 27.52 32.00
C PRO E 264 -7.26 28.51 31.04
N LYS E 265 -8.30 28.12 30.32
CA LYS E 265 -8.92 29.04 29.38
C LYS E 265 -9.68 30.16 30.10
N ALA E 266 -10.12 29.89 31.32
CA ALA E 266 -10.84 30.89 32.09
C ALA E 266 -9.82 31.88 32.64
N ARG E 267 -8.66 31.38 33.02
CA ARG E 267 -7.59 32.24 33.52
C ARG E 267 -7.13 33.19 32.41
N ASP E 268 -6.90 32.65 31.23
CA ASP E 268 -6.59 33.50 30.09
C ASP E 268 -7.67 34.58 29.88
N LEU E 269 -8.94 34.20 29.98
CA LEU E 269 -10.04 35.15 29.81
C LEU E 269 -10.00 36.25 30.89
N VAL E 270 -9.81 35.84 32.15
CA VAL E 270 -9.77 36.79 33.23
C VAL E 270 -8.61 37.77 33.06
N GLU E 271 -7.46 37.25 32.66
CA GLU E 271 -6.31 38.12 32.35
C GLU E 271 -6.58 39.16 31.24
N LYS E 272 -7.47 38.87 30.28
CA LYS E 272 -7.83 39.85 29.26
C LYS E 272 -8.94 40.83 29.68
N LEU E 273 -9.52 40.59 30.84
CA LEU E 273 -10.58 41.44 31.37
C LEU E 273 -10.09 42.37 32.49
N LEU E 274 -9.30 41.80 33.40
CA LEU E 274 -8.74 42.57 34.51
C LEU E 274 -7.47 43.28 34.02
N VAL E 275 -7.67 44.32 33.22
CA VAL E 275 -6.58 45.07 32.64
C VAL E 275 -6.77 46.51 33.10
N LEU E 276 -5.73 47.13 33.65
CA LEU E 276 -5.87 48.47 34.23
C LEU E 276 -6.31 49.48 33.19
N ASP E 277 -5.73 49.43 32.01
CA ASP E 277 -6.14 50.30 30.90
C ASP E 277 -7.52 49.87 30.37
N ALA E 278 -8.51 50.73 30.56
CA ALA E 278 -9.90 50.41 30.19
C ALA E 278 -10.10 50.25 28.67
N THR E 279 -9.18 50.76 27.86
CA THR E 279 -9.31 50.61 26.40
C THR E 279 -8.70 49.31 25.90
N LYS E 280 -8.05 48.56 26.78
CA LYS E 280 -7.47 47.28 26.42
C LYS E 280 -8.17 46.05 26.99
N ARG E 281 -9.42 46.19 27.43
CA ARG E 281 -10.17 45.04 27.94
C ARG E 281 -10.86 44.33 26.80
N LEU E 282 -10.80 43.00 26.80
CA LEU E 282 -11.47 42.20 25.79
C LEU E 282 -12.95 42.52 25.86
N GLY E 283 -13.54 42.83 24.71
CA GLY E 283 -14.95 43.08 24.66
C GLY E 283 -15.25 44.55 24.48
N CYS E 284 -14.27 45.41 24.74
CA CYS E 284 -14.52 46.83 24.63
C CYS E 284 -14.29 47.34 23.20
N GLU E 285 -14.83 48.51 22.88
CA GLU E 285 -14.84 49.01 21.51
C GLU E 285 -13.46 49.14 20.87
N GLU E 286 -12.51 49.67 21.63
CA GLU E 286 -11.15 49.83 21.13
C GLU E 286 -10.46 48.49 20.93
N MET E 287 -11.13 47.41 21.31
CA MET E 287 -10.59 46.06 21.11
C MET E 287 -11.48 45.30 20.14
N GLU E 288 -12.31 46.04 19.40
CA GLU E 288 -13.19 45.48 18.35
C GLU E 288 -14.46 44.76 18.84
N GLY E 289 -14.86 45.03 20.08
CA GLY E 289 -16.19 44.71 20.54
C GLY E 289 -16.39 43.30 21.02
N TYR E 290 -17.65 42.89 21.02
CA TYR E 290 -18.07 41.63 21.61
C TYR E 290 -17.65 40.39 20.82
N GLY E 291 -17.40 40.58 19.53
CA GLY E 291 -16.98 39.48 18.67
C GLY E 291 -15.79 38.69 19.22
N PRO E 292 -14.63 39.35 19.38
CA PRO E 292 -13.45 38.68 19.97
C PRO E 292 -13.70 38.13 21.38
N LEU E 293 -14.53 38.80 22.18
CA LEU E 293 -14.82 38.30 23.52
C LEU E 293 -15.60 37.00 23.42
N LYS E 294 -16.61 36.98 22.56
CA LYS E 294 -17.42 35.77 22.38
C LYS E 294 -16.64 34.63 21.69
N ALA E 295 -15.66 34.98 20.86
CA ALA E 295 -14.83 33.98 20.18
C ALA E 295 -13.73 33.42 21.08
N HIS E 296 -13.66 33.87 22.31
CA HIS E 296 -12.59 33.43 23.14
C HIS E 296 -12.71 31.92 23.38
N PRO E 297 -11.59 31.21 23.30
CA PRO E 297 -11.51 29.75 23.45
C PRO E 297 -12.28 29.27 24.69
N PHE E 298 -12.32 30.07 25.75
CA PHE E 298 -13.14 29.73 26.91
C PHE E 298 -14.57 29.32 26.53
N PHE E 299 -15.10 29.97 25.50
CA PHE E 299 -16.48 29.79 25.11
C PHE E 299 -16.76 28.74 24.01
N GLU E 300 -15.74 28.03 23.54
CA GLU E 300 -15.93 27.20 22.35
C GLU E 300 -17.06 26.16 22.44
N SER E 301 -17.26 25.59 23.60
CA SER E 301 -18.34 24.60 23.73
C SER E 301 -19.70 25.20 24.01
N VAL E 302 -19.82 26.52 23.98
CA VAL E 302 -21.09 27.16 24.27
C VAL E 302 -21.86 27.50 22.98
N THR E 303 -23.18 27.39 23.04
CA THR E 303 -24.03 27.80 21.92
C THR E 303 -24.61 29.16 22.25
N TRP E 304 -24.17 30.18 21.51
CA TRP E 304 -24.55 31.56 21.81
C TRP E 304 -25.98 31.88 21.45
N GLU E 305 -26.53 31.18 20.48
CA GLU E 305 -27.89 31.46 20.01
C GLU E 305 -28.97 30.98 20.99
N ASN E 306 -29.88 31.87 21.35
CA ASN E 306 -31.02 31.54 22.19
C ASN E 306 -30.65 30.88 23.50
N LEU E 307 -29.70 31.48 24.19
CA LEU E 307 -29.21 30.95 25.45
C LEU E 307 -30.36 30.86 26.43
N HIS E 308 -31.29 31.80 26.32
CA HIS E 308 -32.42 31.83 27.25
C HIS E 308 -33.36 30.66 26.99
N GLN E 309 -33.19 29.99 25.85
CA GLN E 309 -34.03 28.86 25.49
C GLN E 309 -33.35 27.52 25.75
N GLN E 310 -32.15 27.56 26.31
CA GLN E 310 -31.47 26.30 26.58
C GLN E 310 -31.68 25.94 28.02
N THR E 311 -31.44 24.67 28.35
CA THR E 311 -31.58 24.22 29.72
C THR E 311 -30.22 24.33 30.39
N PRO E 312 -30.13 25.14 31.45
CA PRO E 312 -28.87 25.33 32.15
C PRO E 312 -28.39 24.04 32.78
N PRO E 313 -27.08 23.80 32.76
CA PRO E 313 -26.59 22.66 33.53
C PRO E 313 -27.02 22.79 34.99
N LYS E 314 -27.35 21.69 35.65
CA LYS E 314 -27.72 21.73 37.06
C LYS E 314 -26.53 22.14 37.92
N LEU E 315 -26.75 23.10 38.82
CA LEU E 315 -25.71 23.52 39.77
C LEU E 315 -25.65 22.50 40.91
N THR E 316 -24.50 21.86 41.08
CA THR E 316 -24.38 20.75 42.02
C THR E 316 -23.02 20.72 42.71
N ARG F 32 -54.76 -57.57 -16.67
CA ARG F 32 -55.06 -56.45 -17.56
C ARG F 32 -54.63 -56.71 -18.98
N LYS F 33 -55.39 -56.15 -19.90
CA LYS F 33 -55.10 -56.13 -21.31
C LYS F 33 -56.01 -55.10 -21.91
N LYS F 34 -55.79 -54.76 -23.16
CA LYS F 34 -56.59 -53.76 -23.81
C LYS F 34 -57.27 -54.37 -25.05
N ARG F 35 -58.31 -53.74 -25.59
CA ARG F 35 -58.95 -54.29 -26.75
C ARG F 35 -59.47 -53.23 -27.70
N PRO F 36 -59.47 -53.53 -28.98
CA PRO F 36 -59.80 -52.55 -30.03
C PRO F 36 -61.08 -51.77 -29.75
N GLU F 37 -61.97 -52.35 -28.95
CA GLU F 37 -63.26 -51.73 -28.67
C GLU F 37 -63.10 -50.61 -27.64
N ASP F 38 -61.94 -50.59 -26.96
CA ASP F 38 -61.66 -49.57 -25.95
C ASP F 38 -61.28 -48.25 -26.58
N PHE F 39 -61.24 -48.21 -27.90
CA PHE F 39 -60.74 -47.04 -28.62
C PHE F 39 -61.67 -46.60 -29.75
N LYS F 40 -61.83 -45.30 -29.90
CA LYS F 40 -62.48 -44.74 -31.08
C LYS F 40 -61.40 -44.30 -32.07
N PHE F 41 -61.17 -45.11 -33.09
CA PHE F 41 -60.18 -44.77 -34.12
C PHE F 41 -60.70 -43.69 -35.05
N GLY F 42 -59.80 -42.82 -35.52
CA GLY F 42 -60.21 -41.70 -36.35
C GLY F 42 -59.24 -41.38 -37.47
N LYS F 43 -58.58 -40.24 -37.37
CA LYS F 43 -57.65 -39.79 -38.40
C LYS F 43 -56.49 -40.76 -38.57
N ILE F 44 -56.24 -41.15 -39.81
CA ILE F 44 -55.09 -41.99 -40.12
C ILE F 44 -53.84 -41.10 -40.23
N LEU F 45 -52.97 -41.21 -39.23
CA LEU F 45 -51.74 -40.41 -39.21
C LEU F 45 -50.82 -40.80 -40.37
N GLY F 46 -50.33 -42.04 -40.34
CA GLY F 46 -49.39 -42.49 -41.34
C GLY F 46 -49.72 -43.85 -41.93
N GLU F 47 -49.10 -44.15 -43.06
CA GLU F 47 -49.28 -45.42 -43.74
C GLU F 47 -47.96 -45.93 -44.31
N GLY F 48 -47.60 -47.16 -43.95
CA GLY F 48 -46.48 -47.85 -44.55
C GLY F 48 -47.02 -49.09 -45.23
N SER F 49 -46.19 -49.78 -46.00
CA SER F 49 -46.62 -51.01 -46.66
C SER F 49 -47.07 -52.02 -45.61
N PHE F 50 -46.26 -52.18 -44.56
CA PHE F 50 -46.52 -53.17 -43.52
C PHE F 50 -47.33 -52.62 -42.35
N SER F 51 -47.34 -51.30 -42.21
CA SER F 51 -47.94 -50.70 -41.02
C SER F 51 -48.92 -49.57 -41.31
N THR F 52 -49.76 -49.29 -40.33
CA THR F 52 -50.63 -48.12 -40.36
C THR F 52 -50.59 -47.46 -38.98
N VAL F 53 -50.53 -46.13 -38.96
CA VAL F 53 -50.63 -45.41 -37.69
C VAL F 53 -51.90 -44.58 -37.69
N VAL F 54 -52.78 -44.89 -36.74
CA VAL F 54 -54.08 -44.22 -36.67
C VAL F 54 -54.25 -43.56 -35.30
N LEU F 55 -54.95 -42.43 -35.26
CA LEU F 55 -55.10 -41.75 -33.99
C LEU F 55 -56.38 -42.13 -33.31
N ALA F 56 -56.26 -42.73 -32.15
CA ALA F 56 -57.39 -43.22 -31.41
C ALA F 56 -57.54 -42.60 -30.06
N ARG F 57 -58.77 -42.27 -29.69
CA ARG F 57 -59.08 -41.70 -28.40
C ARG F 57 -59.67 -42.79 -27.56
N GLU F 58 -59.17 -42.96 -26.37
CA GLU F 58 -59.64 -44.02 -25.52
C GLU F 58 -60.74 -43.50 -24.67
N LEU F 59 -61.87 -44.20 -24.69
CA LEU F 59 -63.04 -43.82 -23.93
C LEU F 59 -62.92 -43.82 -22.41
N ALA F 60 -62.27 -44.79 -21.83
CA ALA F 60 -62.19 -44.85 -20.39
C ALA F 60 -61.44 -43.72 -19.76
N THR F 61 -60.38 -43.27 -20.42
CA THR F 61 -59.56 -42.23 -19.86
C THR F 61 -59.55 -40.91 -20.64
N SER F 62 -60.20 -40.90 -21.79
CA SER F 62 -60.31 -39.70 -22.58
C SER F 62 -59.05 -39.47 -23.41
N ARG F 63 -58.03 -40.26 -23.12
CA ARG F 63 -56.71 -40.09 -23.70
C ARG F 63 -56.59 -40.37 -25.15
N GLU F 64 -55.74 -39.60 -25.81
CA GLU F 64 -55.49 -39.72 -27.21
C GLU F 64 -54.17 -40.44 -27.45
N TYR F 65 -54.14 -41.34 -28.43
CA TYR F 65 -52.97 -42.12 -28.72
C TYR F 65 -52.75 -42.19 -30.23
N ALA F 66 -51.54 -42.59 -30.67
CA ALA F 66 -51.22 -42.93 -32.04
C ALA F 66 -51.02 -44.43 -32.06
N ILE F 67 -51.94 -45.15 -32.69
CA ILE F 67 -51.88 -46.61 -32.71
C ILE F 67 -51.22 -47.12 -33.98
N LYS F 68 -50.16 -47.92 -33.80
CA LYS F 68 -49.52 -48.58 -34.93
C LYS F 68 -50.19 -49.93 -35.12
N ILE F 69 -50.87 -50.10 -36.25
CA ILE F 69 -51.61 -51.33 -36.54
C ILE F 69 -50.95 -52.18 -37.63
N LEU F 70 -50.72 -53.45 -37.34
CA LEU F 70 -50.18 -54.37 -38.32
C LEU F 70 -51.16 -55.51 -38.60
N GLU F 71 -50.90 -56.28 -39.66
CA GLU F 71 -51.68 -57.49 -39.96
C GLU F 71 -50.73 -58.66 -39.86
N LYS F 72 -51.03 -59.61 -38.97
CA LYS F 72 -50.09 -60.70 -38.67
C LYS F 72 -49.70 -61.49 -39.91
N ARG F 73 -50.68 -61.81 -40.75
CA ARG F 73 -50.42 -62.53 -41.99
C ARG F 73 -49.30 -61.85 -42.78
N HIS F 74 -49.46 -60.55 -42.98
CA HIS F 74 -48.47 -59.74 -43.66
C HIS F 74 -47.07 -59.98 -43.08
N ILE F 75 -46.96 -59.79 -41.77
CA ILE F 75 -45.66 -59.87 -41.10
C ILE F 75 -45.01 -61.24 -41.26
N ILE F 76 -45.81 -62.31 -41.11
CA ILE F 76 -45.30 -63.65 -41.36
C ILE F 76 -44.95 -63.81 -42.84
N LYS F 77 -45.76 -63.20 -43.70
CA LYS F 77 -45.56 -63.26 -45.15
C LYS F 77 -44.20 -62.68 -45.58
N GLU F 78 -44.01 -61.39 -45.35
CA GLU F 78 -42.76 -60.75 -45.72
C GLU F 78 -41.65 -61.16 -44.76
N ASN F 79 -41.98 -62.07 -43.84
CA ASN F 79 -41.05 -62.53 -42.83
C ASN F 79 -40.45 -61.37 -42.02
N LYS F 80 -41.32 -60.46 -41.57
CA LYS F 80 -40.90 -59.22 -40.92
C LYS F 80 -41.07 -59.22 -39.39
N VAL F 81 -41.46 -60.36 -38.83
CA VAL F 81 -41.62 -60.45 -37.38
C VAL F 81 -40.37 -60.09 -36.58
N PRO F 82 -39.19 -60.57 -37.02
CA PRO F 82 -37.97 -60.21 -36.29
C PRO F 82 -37.78 -58.70 -36.31
N TYR F 83 -38.20 -58.08 -37.41
CA TYR F 83 -38.13 -56.63 -37.55
C TYR F 83 -38.99 -55.94 -36.50
N VAL F 84 -40.21 -56.43 -36.32
CA VAL F 84 -41.15 -55.80 -35.39
C VAL F 84 -40.81 -56.11 -33.94
N THR F 85 -40.39 -57.35 -33.67
CA THR F 85 -39.95 -57.72 -32.34
C THR F 85 -38.78 -56.82 -31.92
N ARG F 86 -37.89 -56.56 -32.88
CA ARG F 86 -36.70 -55.74 -32.65
C ARG F 86 -37.07 -54.29 -32.35
N GLU F 87 -37.99 -53.74 -33.15
CA GLU F 87 -38.43 -52.35 -32.95
C GLU F 87 -39.13 -52.14 -31.62
N ARG F 88 -40.14 -52.96 -31.35
CA ARG F 88 -40.90 -52.89 -30.12
C ARG F 88 -39.94 -52.89 -28.94
N ASP F 89 -38.94 -53.75 -29.01
CA ASP F 89 -37.97 -53.88 -27.94
C ASP F 89 -37.16 -52.60 -27.76
N VAL F 90 -37.06 -51.81 -28.80
CA VAL F 90 -36.24 -50.60 -28.75
C VAL F 90 -37.02 -49.41 -28.20
N MET F 91 -38.23 -49.19 -28.69
CA MET F 91 -39.09 -48.15 -28.12
C MET F 91 -39.38 -48.37 -26.64
N SER F 92 -39.25 -49.60 -26.17
CA SER F 92 -39.54 -49.92 -24.78
C SER F 92 -38.38 -49.50 -23.89
N ARG F 93 -37.22 -49.24 -24.48
CA ARG F 93 -36.08 -48.73 -23.71
C ARG F 93 -36.17 -47.22 -23.52
N LEU F 94 -36.84 -46.54 -24.45
CA LEU F 94 -36.85 -45.08 -24.48
C LEU F 94 -37.76 -44.45 -23.41
N ASP F 95 -37.19 -43.54 -22.63
CA ASP F 95 -37.95 -42.76 -21.67
C ASP F 95 -37.44 -41.32 -21.65
N HIS F 96 -37.95 -40.50 -22.55
CA HIS F 96 -37.41 -39.17 -22.75
C HIS F 96 -38.40 -38.28 -23.46
N PRO F 97 -38.47 -37.01 -23.05
CA PRO F 97 -39.48 -36.11 -23.61
C PRO F 97 -39.36 -35.82 -25.11
N PHE F 98 -38.22 -36.16 -25.69
CA PHE F 98 -38.01 -35.88 -27.11
C PHE F 98 -38.17 -37.14 -27.96
N PHE F 99 -38.45 -38.26 -27.31
CA PHE F 99 -38.73 -39.51 -28.01
C PHE F 99 -40.16 -39.99 -27.79
N VAL F 100 -40.82 -40.38 -28.88
CA VAL F 100 -42.12 -41.03 -28.83
C VAL F 100 -42.13 -42.17 -27.82
N LYS F 101 -43.23 -42.30 -27.10
CA LYS F 101 -43.33 -43.34 -26.07
C LYS F 101 -44.30 -44.45 -26.51
N LEU F 102 -43.95 -45.69 -26.17
CA LEU F 102 -44.82 -46.84 -26.39
C LEU F 102 -45.47 -47.22 -25.07
N TYR F 103 -46.77 -46.95 -24.97
CA TYR F 103 -47.48 -47.18 -23.72
C TYR F 103 -47.97 -48.62 -23.54
N PHE F 104 -48.68 -49.11 -24.55
CA PHE F 104 -49.31 -50.44 -24.48
C PHE F 104 -49.24 -51.23 -25.80
N CYS F 105 -49.33 -52.54 -25.68
CA CYS F 105 -49.45 -53.43 -26.86
C CYS F 105 -50.50 -54.49 -26.65
N PHE F 106 -51.40 -54.64 -27.62
CA PHE F 106 -52.34 -55.74 -27.57
C PHE F 106 -52.57 -56.29 -28.98
N GLN F 107 -53.32 -57.37 -29.05
CA GLN F 107 -53.60 -58.02 -30.32
C GLN F 107 -54.94 -58.66 -30.29
N ASP F 108 -55.44 -58.91 -31.47
CA ASP F 108 -56.67 -59.61 -31.67
C ASP F 108 -56.30 -60.67 -32.70
N ASP F 109 -57.19 -61.58 -33.03
CA ASP F 109 -56.81 -62.69 -33.86
C ASP F 109 -56.22 -62.21 -35.17
N GLU F 110 -56.71 -61.14 -35.74
CA GLU F 110 -56.16 -60.63 -36.99
C GLU F 110 -55.10 -59.51 -36.89
N LYS F 111 -55.28 -58.58 -35.95
CA LYS F 111 -54.43 -57.39 -35.91
C LYS F 111 -53.52 -57.16 -34.72
N LEU F 112 -52.47 -56.38 -34.99
CA LEU F 112 -51.53 -55.96 -33.96
C LEU F 112 -51.69 -54.49 -33.70
N TYR F 113 -51.78 -54.15 -32.44
CA TYR F 113 -51.90 -52.78 -32.02
C TYR F 113 -50.83 -52.33 -31.03
N PHE F 114 -50.06 -51.32 -31.42
CA PHE F 114 -49.09 -50.65 -30.55
C PHE F 114 -49.53 -49.22 -30.25
N GLY F 115 -49.68 -48.91 -28.96
CA GLY F 115 -50.08 -47.58 -28.53
C GLY F 115 -48.89 -46.64 -28.32
N LEU F 116 -48.87 -45.55 -29.08
CA LEU F 116 -47.72 -44.65 -29.06
C LEU F 116 -48.16 -43.23 -28.80
N SER F 117 -47.25 -42.41 -28.27
CA SER F 117 -47.53 -40.99 -28.05
C SER F 117 -48.03 -40.34 -29.33
N TYR F 118 -48.95 -39.40 -29.19
CA TYR F 118 -49.46 -38.67 -30.32
C TYR F 118 -48.80 -37.29 -30.38
N ALA F 119 -48.36 -36.90 -31.57
CA ALA F 119 -47.68 -35.64 -31.76
C ALA F 119 -48.55 -34.74 -32.62
N LYS F 120 -49.35 -33.92 -31.94
CA LYS F 120 -50.43 -33.19 -32.60
C LYS F 120 -49.98 -32.36 -33.78
N ASN F 121 -48.76 -31.84 -33.73
CA ASN F 121 -48.38 -30.87 -34.75
C ASN F 121 -47.73 -31.40 -36.02
N GLY F 122 -47.52 -32.72 -36.08
CA GLY F 122 -47.05 -33.35 -37.30
C GLY F 122 -45.55 -33.34 -37.51
N GLU F 123 -45.15 -33.25 -38.77
CA GLU F 123 -43.75 -33.37 -39.15
C GLU F 123 -43.01 -32.04 -39.20
N LEU F 124 -41.78 -32.03 -38.74
CA LEU F 124 -40.91 -30.88 -38.92
C LEU F 124 -40.88 -30.43 -40.37
N LEU F 125 -40.88 -31.40 -41.28
CA LEU F 125 -40.89 -31.13 -42.70
C LEU F 125 -42.01 -30.17 -43.13
N LYS F 126 -43.18 -30.33 -42.53
CA LYS F 126 -44.31 -29.46 -42.83
C LYS F 126 -43.95 -27.97 -42.67
N TYR F 127 -43.22 -27.65 -41.60
CA TYR F 127 -42.92 -26.26 -41.26
C TYR F 127 -41.85 -25.69 -42.15
N ILE F 128 -40.88 -26.54 -42.48
CA ILE F 128 -39.82 -26.14 -43.38
C ILE F 128 -40.47 -25.68 -44.68
N ARG F 129 -41.46 -26.43 -45.14
CA ARG F 129 -42.11 -26.16 -46.42
C ARG F 129 -42.79 -24.78 -46.50
N LYS F 130 -43.71 -24.48 -45.62
CA LYS F 130 -44.36 -23.18 -45.74
C LYS F 130 -43.51 -21.97 -45.49
N ILE F 131 -42.81 -21.96 -44.38
CA ILE F 131 -41.93 -20.85 -44.05
C ILE F 131 -40.74 -20.74 -45.00
N GLY F 132 -40.25 -21.88 -45.40
CA GLY F 132 -39.22 -21.95 -46.40
C GLY F 132 -37.80 -21.98 -45.92
N SER F 133 -37.53 -21.50 -44.72
CA SER F 133 -36.24 -21.61 -44.09
C SER F 133 -36.43 -21.17 -42.67
N PHE F 134 -35.77 -21.78 -41.71
CA PHE F 134 -35.83 -21.28 -40.35
C PHE F 134 -34.89 -20.10 -40.18
N ASP F 135 -35.22 -19.20 -39.27
CA ASP F 135 -34.30 -18.16 -38.86
C ASP F 135 -33.23 -18.71 -37.92
N GLU F 136 -32.19 -17.97 -37.63
CA GLU F 136 -31.10 -18.45 -36.83
C GLU F 136 -31.47 -18.90 -35.42
N THR F 137 -32.31 -18.16 -34.72
CA THR F 137 -32.76 -18.59 -33.41
C THR F 137 -33.63 -19.86 -33.44
N CYS F 138 -34.50 -19.97 -34.44
CA CYS F 138 -35.35 -21.17 -34.53
C CYS F 138 -34.51 -22.39 -34.92
N THR F 139 -33.62 -22.22 -35.90
CA THR F 139 -32.69 -23.29 -36.24
C THR F 139 -31.90 -23.77 -35.03
N ARG F 140 -31.36 -22.84 -34.26
CA ARG F 140 -30.52 -23.16 -33.11
C ARG F 140 -31.29 -23.92 -32.05
N PHE F 141 -32.49 -23.47 -31.75
CA PHE F 141 -33.29 -24.14 -30.71
C PHE F 141 -33.63 -25.59 -31.08
N TYR F 142 -34.09 -25.79 -32.31
CA TYR F 142 -34.51 -27.13 -32.72
C TYR F 142 -33.33 -28.07 -32.95
N THR F 143 -32.23 -27.53 -33.49
CA THR F 143 -30.99 -28.30 -33.58
C THR F 143 -30.54 -28.76 -32.20
N ALA F 144 -30.61 -27.86 -31.22
CA ALA F 144 -30.23 -28.22 -29.86
C ALA F 144 -31.12 -29.31 -29.25
N GLU F 145 -32.42 -29.26 -29.51
CA GLU F 145 -33.32 -30.34 -29.08
C GLU F 145 -32.91 -31.69 -29.72
N ILE F 146 -32.71 -31.68 -31.03
CA ILE F 146 -32.25 -32.90 -31.71
C ILE F 146 -30.93 -33.42 -31.12
N VAL F 147 -29.97 -32.52 -30.90
CA VAL F 147 -28.69 -32.92 -30.29
C VAL F 147 -28.89 -33.53 -28.90
N SER F 148 -29.77 -32.94 -28.10
CA SER F 148 -30.06 -33.49 -26.78
C SER F 148 -30.64 -34.90 -26.96
N ALA F 149 -31.57 -35.04 -27.88
CA ALA F 149 -32.22 -36.33 -28.11
C ALA F 149 -31.19 -37.36 -28.50
N LEU F 150 -30.32 -37.03 -29.45
CA LEU F 150 -29.28 -37.97 -29.89
C LEU F 150 -28.33 -38.35 -28.78
N GLU F 151 -28.00 -37.38 -27.94
CA GLU F 151 -27.09 -37.67 -26.84
C GLU F 151 -27.74 -38.73 -25.96
N TYR F 152 -29.02 -38.54 -25.65
CA TYR F 152 -29.77 -39.51 -24.87
C TYR F 152 -29.78 -40.88 -25.55
N LEU F 153 -30.17 -40.91 -26.83
CA LEU F 153 -30.16 -42.14 -27.62
C LEU F 153 -28.83 -42.89 -27.61
N HIS F 154 -27.76 -42.20 -28.00
CA HIS F 154 -26.46 -42.86 -28.08
C HIS F 154 -25.93 -43.26 -26.70
N GLY F 155 -26.37 -42.56 -25.66
CA GLY F 155 -26.05 -42.95 -24.30
C GLY F 155 -26.64 -44.32 -23.96
N LYS F 156 -27.75 -44.66 -24.60
CA LYS F 156 -28.36 -45.97 -24.44
C LYS F 156 -27.86 -46.98 -25.48
N GLY F 157 -26.73 -46.66 -26.10
CA GLY F 157 -26.11 -47.54 -27.08
C GLY F 157 -27.04 -47.89 -28.23
N ILE F 158 -27.84 -46.93 -28.67
CA ILE F 158 -28.77 -47.13 -29.77
C ILE F 158 -28.55 -46.14 -30.91
N ILE F 159 -28.64 -46.63 -32.14
CA ILE F 159 -28.45 -45.82 -33.33
C ILE F 159 -29.73 -45.77 -34.16
N HIS F 160 -30.24 -44.59 -34.45
CA HIS F 160 -31.47 -44.46 -35.21
C HIS F 160 -31.48 -44.89 -36.68
N ARG F 161 -30.50 -44.43 -37.43
CA ARG F 161 -30.26 -44.85 -38.78
C ARG F 161 -31.17 -44.30 -39.83
N ASP F 162 -32.23 -43.64 -39.45
CA ASP F 162 -33.13 -43.03 -40.41
C ASP F 162 -33.58 -41.65 -40.01
N LEU F 163 -32.72 -40.92 -39.32
CA LEU F 163 -33.08 -39.57 -38.90
C LEU F 163 -33.30 -38.64 -40.09
N LYS F 164 -34.46 -38.00 -40.11
CA LYS F 164 -34.80 -37.03 -41.15
C LYS F 164 -36.03 -36.21 -40.72
N PRO F 165 -36.28 -35.08 -41.39
CA PRO F 165 -37.36 -34.18 -40.94
C PRO F 165 -38.76 -34.82 -40.85
N GLU F 166 -38.98 -35.99 -41.46
CA GLU F 166 -40.30 -36.63 -41.43
C GLU F 166 -40.46 -37.50 -40.20
N ASN F 167 -39.34 -37.94 -39.63
CA ASN F 167 -39.34 -38.76 -38.43
C ASN F 167 -39.17 -37.91 -37.18
N ILE F 168 -39.10 -36.61 -37.38
CA ILE F 168 -39.04 -35.68 -36.27
C ILE F 168 -40.36 -34.97 -36.21
N LEU F 169 -41.18 -35.38 -35.24
CA LEU F 169 -42.53 -34.85 -35.12
C LEU F 169 -42.52 -33.68 -34.14
N LEU F 170 -43.58 -32.88 -34.20
CA LEU F 170 -43.80 -31.78 -33.27
C LEU F 170 -45.05 -31.99 -32.38
N ASN F 171 -44.83 -32.08 -31.07
CA ASN F 171 -45.98 -32.22 -30.15
C ASN F 171 -46.84 -30.95 -30.00
N GLU F 172 -47.77 -30.95 -29.05
CA GLU F 172 -48.73 -29.84 -28.92
C GLU F 172 -48.05 -28.57 -28.49
N ASP F 173 -47.02 -28.72 -27.66
CA ASP F 173 -46.19 -27.61 -27.20
C ASP F 173 -45.10 -27.18 -28.19
N MET F 174 -45.10 -27.78 -29.38
CA MET F 174 -44.11 -27.49 -30.41
C MET F 174 -42.67 -27.88 -30.02
N HIS F 175 -42.54 -28.88 -29.17
CA HIS F 175 -41.27 -29.55 -28.95
C HIS F 175 -41.18 -30.76 -29.89
N ILE F 176 -39.98 -31.22 -30.17
CA ILE F 176 -39.78 -32.35 -31.03
C ILE F 176 -40.13 -33.68 -30.41
N GLN F 177 -40.58 -34.58 -31.26
CA GLN F 177 -40.77 -35.95 -30.91
C GLN F 177 -40.18 -36.84 -31.98
N ILE F 178 -39.29 -37.73 -31.56
CA ILE F 178 -38.57 -38.60 -32.48
C ILE F 178 -39.09 -40.04 -32.54
N THR F 179 -39.49 -40.44 -33.73
CA THR F 179 -40.18 -41.69 -34.05
C THR F 179 -39.49 -42.55 -35.14
N ASP F 180 -40.19 -43.54 -35.70
CA ASP F 180 -39.65 -44.36 -36.78
C ASP F 180 -38.44 -45.23 -36.40
N PHE F 181 -38.58 -46.07 -35.41
CA PHE F 181 -37.52 -46.85 -34.88
C PHE F 181 -37.33 -48.23 -35.50
N GLY F 182 -37.95 -48.45 -36.63
CA GLY F 182 -37.90 -49.73 -37.32
C GLY F 182 -36.48 -50.12 -37.68
N THR F 183 -35.65 -49.12 -37.96
CA THR F 183 -34.34 -49.39 -38.53
C THR F 183 -33.16 -49.24 -37.56
N ALA F 184 -33.46 -49.16 -36.27
CA ALA F 184 -32.43 -48.92 -35.27
C ALA F 184 -31.52 -50.10 -35.04
N LYS F 185 -30.36 -49.84 -34.43
CA LYS F 185 -29.43 -50.89 -34.06
C LYS F 185 -29.09 -50.73 -32.58
N VAL F 186 -28.97 -51.83 -31.87
CA VAL F 186 -28.68 -51.77 -30.45
C VAL F 186 -27.38 -52.48 -30.10
N LEU F 187 -26.95 -52.32 -28.84
CA LEU F 187 -25.79 -53.00 -28.28
C LEU F 187 -26.02 -54.50 -28.33
N SEP F 198 -27.05 -53.74 -43.33
CA SEP F 198 -28.39 -54.23 -42.99
CB SEP F 198 -28.58 -54.29 -41.48
OG SEP F 198 -29.92 -54.64 -41.17
C SEP F 198 -29.52 -53.40 -43.62
O SEP F 198 -30.45 -53.96 -44.21
P SEP F 198 -30.12 -54.88 -39.59
O1P SEP F 198 -30.03 -56.46 -39.27
O2P SEP F 198 -28.99 -54.09 -38.74
O3P SEP F 198 -31.58 -54.34 -39.18
N PHE F 199 -29.43 -52.07 -43.49
CA PHE F 199 -30.45 -51.17 -44.02
C PHE F 199 -29.90 -49.80 -44.41
N VAL F 200 -30.34 -49.32 -45.57
CA VAL F 200 -30.03 -47.96 -46.01
C VAL F 200 -31.28 -47.07 -46.04
N GLY F 201 -31.27 -46.02 -45.23
CA GLY F 201 -32.39 -45.10 -45.12
C GLY F 201 -32.49 -44.15 -46.31
N THR F 202 -33.43 -43.22 -46.21
CA THR F 202 -33.63 -42.19 -47.23
C THR F 202 -32.30 -41.64 -47.79
N ALA F 203 -32.08 -41.83 -49.08
CA ALA F 203 -30.82 -41.44 -49.71
C ALA F 203 -30.21 -40.09 -49.27
N GLN F 204 -31.02 -39.05 -49.18
CA GLN F 204 -30.51 -37.71 -48.89
C GLN F 204 -29.81 -37.57 -47.53
N TYR F 205 -30.22 -38.36 -46.55
CA TYR F 205 -29.67 -38.21 -45.21
C TYR F 205 -28.69 -39.33 -44.81
N VAL F 206 -28.40 -40.21 -45.75
CA VAL F 206 -27.56 -41.36 -45.44
C VAL F 206 -26.06 -41.07 -45.53
N SER F 207 -25.31 -41.56 -44.56
CA SER F 207 -23.86 -41.34 -44.51
C SER F 207 -23.11 -42.28 -45.45
N PRO F 208 -21.93 -41.88 -45.84
CA PRO F 208 -21.13 -42.63 -46.78
C PRO F 208 -20.79 -44.01 -46.29
N GLU F 209 -20.50 -44.18 -45.01
CA GLU F 209 -20.16 -45.47 -44.49
C GLU F 209 -21.28 -46.46 -44.61
N LEU F 210 -22.52 -46.05 -44.44
CA LEU F 210 -23.63 -46.91 -44.66
C LEU F 210 -23.74 -47.35 -46.09
N LEU F 211 -23.48 -46.46 -47.02
CA LEU F 211 -23.56 -46.78 -48.42
C LEU F 211 -22.52 -47.78 -48.84
N THR F 212 -21.32 -47.61 -48.37
CA THR F 212 -20.25 -48.45 -48.76
C THR F 212 -20.13 -49.60 -47.80
N GLU F 213 -21.09 -49.67 -46.90
CA GLU F 213 -21.42 -50.78 -46.06
C GLU F 213 -20.23 -51.06 -45.24
N LYS F 214 -19.37 -50.08 -45.14
CA LYS F 214 -18.13 -50.24 -44.43
C LYS F 214 -18.19 -49.83 -42.97
N SER F 215 -19.29 -49.27 -42.54
CA SER F 215 -19.39 -48.93 -41.15
C SER F 215 -20.77 -48.68 -40.59
N ALA F 216 -20.84 -48.76 -39.27
CA ALA F 216 -21.99 -48.37 -38.48
C ALA F 216 -21.43 -47.82 -37.20
N CYS F 217 -22.00 -46.72 -36.75
CA CYS F 217 -21.57 -46.11 -35.52
C CYS F 217 -22.55 -45.01 -35.26
N LYS F 218 -22.50 -44.41 -34.10
CA LYS F 218 -23.39 -43.34 -33.76
C LYS F 218 -23.11 -42.19 -34.68
N SER F 219 -21.92 -42.18 -35.20
CA SER F 219 -21.44 -41.13 -36.01
C SER F 219 -22.31 -40.90 -37.24
N SER F 220 -22.94 -41.95 -37.72
CA SER F 220 -23.80 -41.80 -38.89
C SER F 220 -25.06 -40.98 -38.59
N ASP F 221 -25.51 -40.97 -37.33
CA ASP F 221 -26.61 -40.10 -36.92
C ASP F 221 -26.16 -38.62 -36.96
N LEU F 222 -24.88 -38.38 -36.64
CA LEU F 222 -24.32 -37.03 -36.62
C LEU F 222 -24.24 -36.46 -38.03
N TRP F 223 -23.98 -37.34 -39.00
CA TRP F 223 -23.98 -36.94 -40.40
C TRP F 223 -25.38 -36.50 -40.84
N ALA F 224 -26.39 -37.29 -40.46
CA ALA F 224 -27.79 -36.95 -40.72
C ALA F 224 -28.16 -35.60 -40.05
N LEU F 225 -27.69 -35.39 -38.82
CA LEU F 225 -27.86 -34.10 -38.16
C LEU F 225 -27.28 -32.95 -39.00
N GLY F 226 -26.06 -33.12 -39.49
CA GLY F 226 -25.48 -32.15 -40.41
C GLY F 226 -26.44 -31.83 -41.56
N CYS F 227 -27.00 -32.87 -42.18
CA CYS F 227 -27.95 -32.71 -43.28
C CYS F 227 -29.22 -31.98 -42.86
N ILE F 228 -29.76 -32.32 -41.69
CA ILE F 228 -30.94 -31.60 -41.19
C ILE F 228 -30.68 -30.11 -40.89
N ILE F 229 -29.56 -29.80 -40.24
CA ILE F 229 -29.22 -28.41 -39.98
C ILE F 229 -29.13 -27.65 -41.29
N TYR F 230 -28.47 -28.25 -42.27
CA TYR F 230 -28.34 -27.61 -43.57
C TYR F 230 -29.76 -27.31 -44.09
N GLN F 231 -30.65 -28.27 -43.90
CA GLN F 231 -31.97 -28.14 -44.51
C GLN F 231 -32.81 -27.10 -43.79
N LEU F 232 -32.68 -27.02 -42.47
CA LEU F 232 -33.33 -25.95 -41.70
C LEU F 232 -32.93 -24.56 -42.19
N VAL F 233 -31.65 -24.38 -42.46
CA VAL F 233 -31.13 -23.08 -42.88
C VAL F 233 -31.42 -22.76 -44.34
N ALA F 234 -31.10 -23.69 -45.24
CA ALA F 234 -31.17 -23.45 -46.66
C ALA F 234 -32.54 -23.78 -47.24
N GLY F 235 -33.35 -24.50 -46.48
CA GLY F 235 -34.67 -24.90 -46.95
C GLY F 235 -34.65 -26.09 -47.88
N LEU F 236 -33.47 -26.68 -48.10
CA LEU F 236 -33.29 -27.86 -48.93
C LEU F 236 -32.12 -28.67 -48.38
N PRO F 237 -32.17 -30.01 -48.50
CA PRO F 237 -31.06 -30.85 -48.06
C PRO F 237 -29.81 -30.66 -48.93
N PRO F 238 -28.63 -30.97 -48.39
CA PRO F 238 -27.41 -30.59 -49.11
C PRO F 238 -27.12 -31.39 -50.38
N PHE F 239 -27.44 -32.69 -50.40
CA PHE F 239 -27.10 -33.53 -51.54
C PHE F 239 -28.35 -33.73 -52.41
N ARG F 240 -28.30 -33.19 -53.61
CA ARG F 240 -29.46 -33.17 -54.49
C ARG F 240 -29.01 -33.54 -55.88
N ALA F 241 -29.82 -34.31 -56.58
CA ALA F 241 -29.50 -34.68 -57.95
C ALA F 241 -30.72 -35.38 -58.53
N GLY F 242 -30.62 -35.80 -59.78
CA GLY F 242 -31.77 -36.33 -60.51
C GLY F 242 -32.35 -37.63 -60.01
N ASN F 243 -31.52 -38.48 -59.42
CA ASN F 243 -32.01 -39.72 -58.83
C ASN F 243 -31.15 -40.17 -57.64
N GLU F 244 -31.63 -41.16 -56.91
CA GLU F 244 -30.94 -41.62 -55.72
C GLU F 244 -29.50 -42.02 -56.04
N TYR F 245 -29.25 -42.56 -57.23
CA TYR F 245 -27.89 -42.96 -57.57
C TYR F 245 -26.94 -41.77 -57.72
N LEU F 246 -27.41 -40.69 -58.33
CA LEU F 246 -26.61 -39.49 -58.49
C LEU F 246 -26.40 -38.81 -57.13
N ILE F 247 -27.40 -38.93 -56.26
CA ILE F 247 -27.28 -38.44 -54.89
C ILE F 247 -26.18 -39.20 -54.12
N PHE F 248 -26.19 -40.52 -54.18
CA PHE F 248 -25.13 -41.33 -53.59
C PHE F 248 -23.76 -40.87 -54.05
N GLN F 249 -23.60 -40.65 -55.33
CA GLN F 249 -22.34 -40.24 -55.88
C GLN F 249 -21.85 -38.91 -55.29
N LYS F 250 -22.75 -37.98 -55.01
CA LYS F 250 -22.38 -36.71 -54.37
C LYS F 250 -22.02 -36.90 -52.91
N ILE F 251 -22.75 -37.77 -52.23
CA ILE F 251 -22.46 -38.09 -50.83
C ILE F 251 -21.06 -38.65 -50.66
N ILE F 252 -20.73 -39.65 -51.48
CA ILE F 252 -19.46 -40.32 -51.45
C ILE F 252 -18.29 -39.36 -51.75
N LYS F 253 -18.54 -38.40 -52.63
CA LYS F 253 -17.51 -37.39 -52.98
C LYS F 253 -17.59 -36.15 -52.11
N LEU F 254 -18.58 -36.09 -51.23
CA LEU F 254 -18.76 -34.94 -50.36
C LEU F 254 -18.97 -33.71 -51.23
N GLU F 255 -19.85 -33.87 -52.20
CA GLU F 255 -20.05 -32.84 -53.21
C GLU F 255 -21.33 -32.03 -52.92
N TYR F 256 -21.15 -30.88 -52.27
CA TYR F 256 -22.23 -29.94 -51.97
C TYR F 256 -21.68 -28.53 -51.72
N ASP F 257 -22.57 -27.54 -51.75
CA ASP F 257 -22.15 -26.15 -51.58
C ASP F 257 -23.16 -25.39 -50.72
N PHE F 258 -22.71 -24.39 -49.97
CA PHE F 258 -23.63 -23.57 -49.19
C PHE F 258 -23.99 -22.32 -49.99
N PRO F 259 -25.24 -21.88 -49.89
CA PRO F 259 -25.65 -20.56 -50.40
C PRO F 259 -24.76 -19.46 -49.82
N GLU F 260 -24.51 -18.41 -50.59
CA GLU F 260 -23.71 -17.28 -50.09
C GLU F 260 -24.27 -16.78 -48.77
N LYS F 261 -25.59 -16.69 -48.67
CA LYS F 261 -26.22 -16.35 -47.41
C LYS F 261 -26.59 -17.62 -46.66
N PHE F 262 -25.80 -17.93 -45.61
CA PHE F 262 -26.01 -19.13 -44.81
C PHE F 262 -25.32 -18.79 -43.50
N PHE F 263 -26.04 -18.87 -42.39
CA PHE F 263 -25.49 -18.48 -41.08
C PHE F 263 -24.10 -19.08 -40.85
N PRO F 264 -23.10 -18.20 -40.71
CA PRO F 264 -21.69 -18.59 -40.64
C PRO F 264 -21.39 -19.64 -39.57
N LYS F 265 -21.95 -19.50 -38.38
CA LYS F 265 -21.64 -20.47 -37.32
C LYS F 265 -22.32 -21.82 -37.59
N ALA F 266 -23.39 -21.79 -38.37
CA ALA F 266 -24.12 -23.00 -38.73
C ALA F 266 -23.34 -23.69 -39.82
N ARG F 267 -22.78 -22.90 -40.74
CA ARG F 267 -21.95 -23.45 -41.80
C ARG F 267 -20.71 -24.15 -41.23
N ASP F 268 -20.03 -23.48 -40.32
CA ASP F 268 -18.94 -24.11 -39.59
C ASP F 268 -19.35 -25.44 -38.92
N LEU F 269 -20.51 -25.45 -38.25
CA LEU F 269 -21.04 -26.67 -37.63
C LEU F 269 -21.31 -27.76 -38.64
N VAL F 270 -21.97 -27.42 -39.74
CA VAL F 270 -22.26 -28.39 -40.77
C VAL F 270 -20.98 -28.99 -41.34
N GLU F 271 -19.98 -28.13 -41.56
CA GLU F 271 -18.68 -28.61 -42.04
C GLU F 271 -17.94 -29.57 -41.04
N LYS F 272 -18.24 -29.49 -39.76
CA LYS F 272 -17.69 -30.45 -38.79
C LYS F 272 -18.54 -31.74 -38.61
N LEU F 273 -19.69 -31.78 -39.28
CA LEU F 273 -20.56 -32.94 -39.18
C LEU F 273 -20.54 -33.76 -40.47
N LEU F 274 -20.58 -33.07 -41.61
CA LEU F 274 -20.52 -33.73 -42.90
C LEU F 274 -19.06 -33.99 -43.27
N VAL F 275 -18.48 -34.98 -42.61
CA VAL F 275 -17.08 -35.36 -42.77
C VAL F 275 -17.08 -36.81 -43.16
N LEU F 276 -16.36 -37.14 -44.24
CA LEU F 276 -16.42 -38.51 -44.79
C LEU F 276 -15.94 -39.55 -43.78
N ASP F 277 -14.84 -39.23 -43.08
CA ASP F 277 -14.35 -40.12 -42.04
C ASP F 277 -15.25 -40.05 -40.81
N ALA F 278 -15.92 -41.15 -40.51
CA ALA F 278 -16.87 -41.19 -39.41
C ALA F 278 -16.22 -40.95 -38.02
N THR F 279 -14.92 -41.13 -37.90
CA THR F 279 -14.28 -40.92 -36.60
C THR F 279 -13.86 -39.47 -36.40
N LYS F 280 -14.11 -38.63 -37.41
CA LYS F 280 -13.79 -37.21 -37.28
C LYS F 280 -15.00 -36.28 -37.29
N ARG F 281 -16.18 -36.80 -36.98
CA ARG F 281 -17.37 -35.98 -36.89
C ARG F 281 -17.52 -35.39 -35.48
N LEU F 282 -17.78 -34.10 -35.40
CA LEU F 282 -17.99 -33.46 -34.12
C LEU F 282 -19.12 -34.17 -33.38
N GLY F 283 -18.89 -34.46 -32.11
CA GLY F 283 -19.88 -35.17 -31.34
C GLY F 283 -19.59 -36.64 -31.17
N CYS F 284 -18.74 -37.21 -32.02
CA CYS F 284 -18.47 -38.64 -31.93
C CYS F 284 -17.39 -38.95 -30.90
N GLU F 285 -17.33 -40.20 -30.45
CA GLU F 285 -16.45 -40.57 -29.33
C GLU F 285 -14.98 -40.25 -29.61
N GLU F 286 -14.50 -40.54 -30.82
CA GLU F 286 -13.10 -40.27 -31.16
C GLU F 286 -12.79 -38.78 -31.23
N MET F 287 -13.83 -37.95 -31.12
CA MET F 287 -13.66 -36.50 -31.08
C MET F 287 -14.06 -35.95 -29.72
N GLU F 288 -14.11 -36.84 -28.72
CA GLU F 288 -14.38 -36.48 -27.32
C GLU F 288 -15.86 -36.21 -26.97
N GLY F 289 -16.77 -36.64 -27.83
CA GLY F 289 -18.16 -36.76 -27.45
C GLY F 289 -18.98 -35.51 -27.61
N TYR F 290 -20.09 -35.49 -26.91
CA TYR F 290 -21.08 -34.45 -27.02
C TYR F 290 -20.65 -33.09 -26.48
N GLY F 291 -19.70 -33.07 -25.55
CA GLY F 291 -19.22 -31.83 -24.96
C GLY F 291 -18.80 -30.78 -25.98
N PRO F 292 -17.79 -31.10 -26.81
CA PRO F 292 -17.36 -30.18 -27.88
C PRO F 292 -18.47 -29.84 -28.88
N LEU F 293 -19.40 -30.75 -29.10
CA LEU F 293 -20.47 -30.49 -30.05
C LEU F 293 -21.39 -29.44 -29.45
N LYS F 294 -21.75 -29.63 -28.18
CA LYS F 294 -22.61 -28.68 -27.47
C LYS F 294 -21.93 -27.33 -27.21
N ALA F 295 -20.60 -27.32 -27.10
CA ALA F 295 -19.84 -26.09 -26.90
C ALA F 295 -19.62 -25.32 -28.18
N HIS F 296 -20.06 -25.86 -29.30
CA HIS F 296 -19.85 -25.17 -30.55
C HIS F 296 -20.52 -23.78 -30.53
N PRO F 297 -19.77 -22.79 -30.99
CA PRO F 297 -20.21 -21.39 -31.06
C PRO F 297 -21.62 -21.25 -31.60
N PHE F 298 -22.03 -22.12 -32.52
CA PHE F 298 -23.41 -22.09 -33.03
C PHE F 298 -24.42 -22.08 -31.88
N PHE F 299 -24.08 -22.76 -30.80
CA PHE F 299 -25.01 -22.93 -29.71
C PHE F 299 -24.91 -21.91 -28.55
N GLU F 300 -24.04 -20.92 -28.66
CA GLU F 300 -23.79 -20.06 -27.48
C GLU F 300 -25.03 -19.40 -26.85
N SER F 301 -26.00 -19.03 -27.66
CA SER F 301 -27.20 -18.38 -27.11
C SER F 301 -28.27 -19.35 -26.65
N VAL F 302 -27.95 -20.64 -26.66
CA VAL F 302 -28.92 -21.65 -26.26
C VAL F 302 -28.74 -22.06 -24.79
N THR F 303 -29.85 -22.35 -24.12
CA THR F 303 -29.79 -22.89 -22.77
C THR F 303 -30.05 -24.38 -22.85
N TRP F 304 -29.00 -25.16 -22.61
CA TRP F 304 -29.07 -26.62 -22.72
C TRP F 304 -29.92 -27.29 -21.67
N GLU F 305 -30.02 -26.68 -20.50
CA GLU F 305 -30.75 -27.31 -19.39
C GLU F 305 -32.25 -27.23 -19.57
N ASN F 306 -32.92 -28.37 -19.42
CA ASN F 306 -34.39 -28.42 -19.48
C ASN F 306 -35.00 -27.78 -20.73
N LEU F 307 -34.48 -28.17 -21.88
CA LEU F 307 -34.94 -27.62 -23.13
C LEU F 307 -36.39 -27.93 -23.30
N HIS F 308 -36.82 -29.07 -22.78
CA HIS F 308 -38.21 -29.50 -22.94
C HIS F 308 -39.14 -28.62 -22.11
N GLN F 309 -38.55 -27.84 -21.20
CA GLN F 309 -39.33 -26.97 -20.34
C GLN F 309 -39.33 -25.52 -20.82
N GLN F 310 -38.69 -25.25 -21.95
CA GLN F 310 -38.62 -23.90 -22.44
C GLN F 310 -39.66 -23.72 -23.49
N THR F 311 -40.07 -22.49 -23.72
CA THR F 311 -41.02 -22.21 -24.79
C THR F 311 -40.26 -22.00 -26.09
N PRO F 312 -40.55 -22.83 -27.09
CA PRO F 312 -39.90 -22.71 -28.40
C PRO F 312 -40.23 -21.39 -29.08
N PRO F 313 -39.26 -20.81 -29.77
CA PRO F 313 -39.59 -19.62 -30.57
C PRO F 313 -40.68 -19.99 -31.57
N LYS F 314 -41.61 -19.07 -31.83
CA LYS F 314 -42.67 -19.33 -32.78
C LYS F 314 -42.10 -19.47 -34.21
N LEU F 315 -42.50 -20.54 -34.90
CA LEU F 315 -42.10 -20.71 -36.30
C LEU F 315 -42.95 -19.81 -37.18
N THR F 316 -42.31 -18.88 -37.88
CA THR F 316 -43.04 -17.85 -38.65
C THR F 316 -42.36 -17.51 -39.97
N ARG G 32 59.92 -27.63 -6.76
CA ARG G 32 60.54 -26.33 -6.47
C ARG G 32 59.48 -25.23 -6.36
N LYS G 33 59.83 -24.11 -5.72
CA LYS G 33 58.88 -23.01 -5.48
C LYS G 33 59.18 -21.78 -6.33
N LYS G 34 58.15 -20.99 -6.61
CA LYS G 34 58.28 -19.86 -7.52
C LYS G 34 58.65 -18.55 -6.81
N ARG G 35 58.98 -17.54 -7.61
CA ARG G 35 59.35 -16.24 -7.09
C ARG G 35 58.93 -15.16 -8.08
N PRO G 36 58.63 -13.94 -7.57
CA PRO G 36 58.10 -12.82 -8.37
C PRO G 36 58.93 -12.52 -9.61
N GLU G 37 60.21 -12.86 -9.58
CA GLU G 37 61.12 -12.54 -10.68
C GLU G 37 60.90 -13.49 -11.84
N ASP G 38 60.20 -14.58 -11.58
CA ASP G 38 59.93 -15.59 -12.60
C ASP G 38 58.80 -15.15 -13.53
N PHE G 39 58.24 -13.97 -13.26
CA PHE G 39 57.07 -13.49 -13.98
C PHE G 39 57.23 -12.06 -14.47
N LYS G 40 56.74 -11.80 -15.68
CA LYS G 40 56.60 -10.44 -16.18
C LYS G 40 55.15 -10.01 -15.98
N PHE G 41 54.91 -9.20 -14.94
CA PHE G 41 53.58 -8.71 -14.66
C PHE G 41 53.20 -7.60 -15.63
N GLY G 42 51.91 -7.53 -15.97
CA GLY G 42 51.46 -6.58 -16.98
C GLY G 42 50.10 -5.97 -16.67
N LYS G 43 49.11 -6.30 -17.49
CA LYS G 43 47.76 -5.76 -17.33
C LYS G 43 47.15 -6.14 -15.99
N ILE G 44 46.65 -5.14 -15.27
CA ILE G 44 45.93 -5.41 -14.03
C ILE G 44 44.50 -5.81 -14.34
N LEU G 45 44.19 -7.08 -14.14
CA LEU G 45 42.87 -7.60 -14.41
C LEU G 45 41.83 -6.99 -13.48
N GLY G 46 41.97 -7.25 -12.19
CA GLY G 46 41.01 -6.77 -11.21
C GLY G 46 41.63 -6.15 -9.97
N GLU G 47 40.81 -5.41 -9.23
CA GLU G 47 41.26 -4.76 -8.01
C GLU G 47 40.17 -4.84 -6.94
N GLY G 48 40.54 -5.34 -5.77
CA GLY G 48 39.68 -5.31 -4.61
C GLY G 48 40.40 -4.51 -3.53
N SER G 49 39.71 -4.20 -2.44
CA SER G 49 40.34 -3.47 -1.35
C SER G 49 41.54 -4.25 -0.82
N PHE G 50 41.34 -5.54 -0.59
CA PHE G 50 42.36 -6.41 -0.03
C PHE G 50 43.24 -7.10 -1.08
N SER G 51 42.76 -7.17 -2.31
CA SER G 51 43.44 -7.97 -3.31
C SER G 51 43.65 -7.25 -4.64
N THR G 52 44.60 -7.76 -5.41
CA THR G 52 44.79 -7.31 -6.78
C THR G 52 45.00 -8.55 -7.66
N VAL G 53 44.39 -8.56 -8.84
CA VAL G 53 44.65 -9.61 -9.79
C VAL G 53 45.33 -9.05 -11.02
N VAL G 54 46.54 -9.52 -11.28
CA VAL G 54 47.35 -9.02 -12.38
C VAL G 54 47.71 -10.15 -13.33
N LEU G 55 47.77 -9.83 -14.62
CA LEU G 55 48.13 -10.79 -15.66
C LEU G 55 49.64 -10.95 -15.76
N ALA G 56 50.11 -12.03 -15.18
CA ALA G 56 51.47 -12.36 -15.10
C ALA G 56 51.81 -13.33 -16.20
N ARG G 57 52.79 -12.98 -17.03
CA ARG G 57 53.30 -13.89 -18.02
C ARG G 57 54.49 -14.50 -17.37
N GLU G 58 54.57 -15.82 -17.38
CA GLU G 58 55.69 -16.46 -16.78
C GLU G 58 56.70 -16.59 -17.85
N LEU G 59 57.88 -16.07 -17.60
CA LEU G 59 58.92 -16.07 -18.59
C LEU G 59 59.39 -17.42 -19.03
N ALA G 60 59.61 -18.31 -18.10
CA ALA G 60 60.19 -19.56 -18.46
C ALA G 60 59.34 -20.36 -19.36
N THR G 61 58.04 -20.39 -19.11
CA THR G 61 57.15 -21.22 -19.88
C THR G 61 56.31 -20.50 -20.90
N SER G 62 56.22 -19.20 -20.83
CA SER G 62 55.41 -18.50 -21.79
C SER G 62 53.92 -18.43 -21.42
N ARG G 63 53.54 -19.08 -20.34
CA ARG G 63 52.13 -19.15 -19.95
C ARG G 63 51.54 -17.94 -19.29
N GLU G 64 50.40 -17.48 -19.75
CA GLU G 64 49.72 -16.42 -19.06
C GLU G 64 48.96 -16.92 -17.84
N TYR G 65 49.02 -16.14 -16.79
CA TYR G 65 48.39 -16.50 -15.58
C TYR G 65 47.75 -15.28 -15.08
N ALA G 66 46.82 -15.47 -14.18
CA ALA G 66 46.19 -14.39 -13.45
C ALA G 66 46.67 -14.51 -12.01
N ILE G 67 47.48 -13.56 -11.57
CA ILE G 67 48.06 -13.63 -10.23
C ILE G 67 47.24 -12.78 -9.26
N LYS G 68 46.79 -13.42 -8.18
CA LYS G 68 46.12 -12.71 -7.11
C LYS G 68 47.16 -12.29 -6.07
N ILE G 69 47.37 -10.98 -5.93
CA ILE G 69 48.40 -10.45 -5.05
C ILE G 69 47.81 -9.77 -3.81
N LEU G 70 48.28 -10.18 -2.64
CA LEU G 70 47.86 -9.55 -1.39
C LEU G 70 49.04 -8.92 -0.66
N GLU G 71 48.75 -8.10 0.35
CA GLU G 71 49.79 -7.56 1.22
C GLU G 71 49.54 -8.10 2.61
N LYS G 72 50.52 -8.82 3.15
CA LYS G 72 50.33 -9.51 4.43
C LYS G 72 49.87 -8.58 5.55
N ARG G 73 50.51 -7.42 5.67
CA ARG G 73 50.13 -6.44 6.69
C ARG G 73 48.63 -6.19 6.64
N HIS G 74 48.13 -5.88 5.45
CA HIS G 74 46.70 -5.67 5.23
C HIS G 74 45.89 -6.81 5.84
N ILE G 75 46.21 -8.04 5.44
CA ILE G 75 45.43 -9.20 5.85
C ILE G 75 45.41 -9.38 7.36
N ILE G 76 46.56 -9.19 8.00
CA ILE G 76 46.64 -9.24 9.45
C ILE G 76 45.86 -8.06 10.05
N LYS G 77 45.93 -6.92 9.37
CA LYS G 77 45.24 -5.71 9.81
C LYS G 77 43.73 -5.89 9.88
N GLU G 78 43.09 -6.12 8.74
CA GLU G 78 41.65 -6.31 8.69
C GLU G 78 41.28 -7.67 9.28
N ASN G 79 42.29 -8.38 9.77
CA ASN G 79 42.11 -9.72 10.32
C ASN G 79 41.43 -10.66 9.32
N LYS G 80 41.93 -10.66 8.08
CA LYS G 80 41.30 -11.39 6.99
C LYS G 80 42.01 -12.69 6.60
N VAL G 81 43.02 -13.08 7.37
CA VAL G 81 43.76 -14.31 7.10
C VAL G 81 42.88 -15.56 7.06
N PRO G 82 41.95 -15.70 8.02
CA PRO G 82 41.07 -16.87 7.98
C PRO G 82 40.25 -16.87 6.69
N TYR G 83 39.91 -15.68 6.21
CA TYR G 83 39.19 -15.54 4.95
C TYR G 83 40.00 -16.09 3.78
N VAL G 84 41.29 -15.75 3.74
CA VAL G 84 42.14 -16.15 2.63
C VAL G 84 42.54 -17.61 2.73
N THR G 85 42.81 -18.08 3.94
CA THR G 85 43.11 -19.49 4.16
C THR G 85 41.92 -20.34 3.69
N ARG G 86 40.73 -19.85 3.99
CA ARG G 86 39.49 -20.54 3.63
C ARG G 86 39.29 -20.59 2.12
N GLU G 87 39.53 -19.47 1.44
CA GLU G 87 39.36 -19.40 -0.01
C GLU G 87 40.35 -20.30 -0.74
N ARG G 88 41.63 -20.13 -0.42
CA ARG G 88 42.69 -20.91 -1.03
C ARG G 88 42.36 -22.40 -0.91
N ASP G 89 41.87 -22.79 0.25
CA ASP G 89 41.52 -24.18 0.49
C ASP G 89 40.37 -24.66 -0.40
N VAL G 90 39.53 -23.73 -0.85
CA VAL G 90 38.38 -24.07 -1.67
C VAL G 90 38.74 -24.20 -3.15
N MET G 91 39.46 -23.23 -3.69
CA MET G 91 39.94 -23.32 -5.06
C MET G 91 40.82 -24.55 -5.29
N SER G 92 41.42 -25.06 -4.22
CA SER G 92 42.30 -26.21 -4.34
C SER G 92 41.51 -27.49 -4.50
N ARG G 93 40.22 -27.45 -4.18
CA ARG G 93 39.37 -28.63 -4.38
C ARG G 93 38.86 -28.70 -5.81
N LEU G 94 38.79 -27.55 -6.49
CA LEU G 94 38.17 -27.46 -7.81
C LEU G 94 39.04 -27.99 -8.94
N ASP G 95 38.48 -28.91 -9.72
CA ASP G 95 39.15 -29.45 -10.91
C ASP G 95 38.12 -29.64 -12.02
N HIS G 96 37.84 -28.58 -12.76
CA HIS G 96 36.75 -28.59 -13.71
C HIS G 96 36.91 -27.48 -14.73
N PRO G 97 36.60 -27.78 -16.00
CA PRO G 97 36.84 -26.82 -17.07
C PRO G 97 36.04 -25.53 -16.98
N PHE G 98 35.03 -25.48 -16.12
CA PHE G 98 34.22 -24.29 -15.99
C PHE G 98 34.55 -23.48 -14.73
N PHE G 99 35.49 -23.99 -13.96
CA PHE G 99 36.00 -23.28 -12.79
C PHE G 99 37.46 -22.88 -12.93
N VAL G 100 37.75 -21.63 -12.59
CA VAL G 100 39.12 -21.14 -12.48
C VAL G 100 39.97 -22.10 -11.68
N LYS G 101 41.22 -22.26 -12.09
CA LYS G 101 42.14 -23.18 -11.43
C LYS G 101 43.23 -22.40 -10.67
N LEU G 102 43.60 -22.89 -9.50
CA LEU G 102 44.73 -22.36 -8.74
C LEU G 102 45.93 -23.28 -8.92
N TYR G 103 46.93 -22.81 -9.67
CA TYR G 103 48.08 -23.65 -10.00
C TYR G 103 49.16 -23.63 -8.93
N PHE G 104 49.58 -22.44 -8.52
CA PHE G 104 50.68 -22.28 -7.56
C PHE G 104 50.46 -21.16 -6.55
N CYS G 105 51.13 -21.28 -5.40
CA CYS G 105 51.17 -20.19 -4.39
C CYS G 105 52.56 -19.95 -3.89
N PHE G 106 52.99 -18.70 -3.87
CA PHE G 106 54.26 -18.36 -3.23
C PHE G 106 54.15 -17.02 -2.51
N GLN G 107 55.20 -16.69 -1.77
CA GLN G 107 55.25 -15.41 -1.08
C GLN G 107 56.62 -14.76 -1.04
N ASP G 108 56.60 -13.47 -0.81
CA ASP G 108 57.78 -12.67 -0.62
C ASP G 108 57.57 -11.96 0.73
N ASP G 109 58.52 -11.22 1.25
CA ASP G 109 58.38 -10.74 2.63
C ASP G 109 57.16 -9.89 2.87
N GLU G 110 56.83 -9.03 1.93
CA GLU G 110 55.61 -8.23 2.03
C GLU G 110 54.37 -8.81 1.31
N LYS G 111 54.57 -9.47 0.18
CA LYS G 111 53.44 -9.86 -0.64
C LYS G 111 53.12 -11.35 -0.73
N LEU G 112 51.84 -11.64 -0.99
CA LEU G 112 51.31 -12.98 -1.13
C LEU G 112 50.82 -13.16 -2.53
N TYR G 113 51.20 -14.25 -3.16
CA TYR G 113 50.89 -14.50 -4.55
C TYR G 113 50.17 -15.79 -4.87
N PHE G 114 49.06 -15.71 -5.57
CA PHE G 114 48.33 -16.91 -6.00
C PHE G 114 48.20 -16.94 -7.51
N GLY G 115 48.62 -18.04 -8.11
CA GLY G 115 48.54 -18.21 -9.55
C GLY G 115 47.25 -18.87 -10.00
N LEU G 116 46.49 -18.15 -10.82
CA LEU G 116 45.17 -18.63 -11.23
C LEU G 116 45.03 -18.62 -12.74
N SER G 117 44.14 -19.47 -13.25
CA SER G 117 43.85 -19.51 -14.69
C SER G 117 43.52 -18.10 -15.17
N TYR G 118 43.90 -17.81 -16.40
CA TYR G 118 43.58 -16.53 -17.02
C TYR G 118 42.44 -16.71 -18.02
N ALA G 119 41.46 -15.82 -17.95
CA ALA G 119 40.30 -15.89 -18.81
C ALA G 119 40.31 -14.72 -19.77
N LYS G 120 40.89 -14.95 -20.93
CA LYS G 120 41.22 -13.89 -21.87
C LYS G 120 40.04 -12.99 -22.20
N ASN G 121 38.84 -13.54 -22.24
CA ASN G 121 37.74 -12.74 -22.76
C ASN G 121 36.94 -11.90 -21.75
N GLY G 122 37.31 -11.97 -20.48
CA GLY G 122 36.73 -11.11 -19.48
C GLY G 122 35.39 -11.57 -18.90
N GLU G 123 34.56 -10.60 -18.56
CA GLU G 123 33.31 -10.85 -17.84
C GLU G 123 32.12 -11.07 -18.76
N LEU G 124 31.28 -12.03 -18.42
CA LEU G 124 30.01 -12.21 -19.10
C LEU G 124 29.24 -10.90 -19.19
N LEU G 125 29.31 -10.12 -18.11
CA LEU G 125 28.66 -8.82 -18.06
C LEU G 125 29.02 -7.94 -19.26
N LYS G 126 30.28 -7.98 -19.67
CA LYS G 126 30.74 -7.17 -20.81
C LYS G 126 29.87 -7.43 -22.06
N TYR G 127 29.55 -8.69 -22.31
CA TYR G 127 28.82 -9.06 -23.52
C TYR G 127 27.36 -8.72 -23.46
N ILE G 128 26.80 -8.87 -22.26
CA ILE G 128 25.42 -8.50 -22.04
C ILE G 128 25.26 -7.02 -22.41
N ARG G 129 26.21 -6.20 -21.97
CA ARG G 129 26.16 -4.76 -22.21
C ARG G 129 26.11 -4.35 -23.69
N LYS G 130 27.07 -4.75 -24.50
CA LYS G 130 27.05 -4.36 -25.90
C LYS G 130 25.98 -4.93 -26.81
N ILE G 131 25.80 -6.23 -26.80
CA ILE G 131 24.74 -6.86 -27.57
C ILE G 131 23.37 -6.49 -26.99
N GLY G 132 23.32 -6.43 -25.69
CA GLY G 132 22.15 -5.99 -24.97
C GLY G 132 21.13 -7.03 -24.51
N SER G 133 21.14 -8.21 -25.10
CA SER G 133 20.35 -9.32 -24.65
C SER G 133 20.82 -10.48 -25.49
N PHE G 134 20.92 -11.67 -24.94
CA PHE G 134 21.22 -12.84 -25.72
C PHE G 134 19.98 -13.31 -26.45
N ASP G 135 20.19 -14.00 -27.55
CA ASP G 135 19.13 -14.71 -28.24
C ASP G 135 18.87 -16.02 -27.51
N GLU G 136 17.81 -16.73 -27.85
CA GLU G 136 17.46 -17.94 -27.14
C GLU G 136 18.51 -19.03 -27.17
N THR G 137 19.14 -19.24 -28.30
CA THR G 137 20.16 -20.27 -28.35
C THR G 137 21.39 -19.90 -27.53
N CYS G 138 21.77 -18.63 -27.53
CA CYS G 138 22.95 -18.23 -26.74
C CYS G 138 22.63 -18.29 -25.26
N THR G 139 21.45 -17.80 -24.88
CA THR G 139 21.01 -17.91 -23.50
C THR G 139 21.05 -19.36 -23.04
N ARG G 140 20.48 -20.25 -23.85
CA ARG G 140 20.36 -21.64 -23.48
C ARG G 140 21.70 -22.31 -23.29
N PHE G 141 22.62 -22.06 -24.22
CA PHE G 141 23.96 -22.66 -24.11
C PHE G 141 24.71 -22.21 -22.83
N TYR G 142 24.71 -20.91 -22.57
CA TYR G 142 25.49 -20.43 -21.42
C TYR G 142 24.81 -20.77 -20.10
N THR G 143 23.48 -20.73 -20.08
CA THR G 143 22.74 -21.22 -18.90
C THR G 143 23.09 -22.67 -18.59
N ALA G 144 23.12 -23.49 -19.63
CA ALA G 144 23.51 -24.91 -19.48
C ALA G 144 24.93 -25.11 -18.93
N GLU G 145 25.88 -24.32 -19.43
CA GLU G 145 27.23 -24.35 -18.86
C GLU G 145 27.25 -24.01 -17.36
N ILE G 146 26.56 -22.93 -16.99
CA ILE G 146 26.47 -22.53 -15.58
C ILE G 146 25.80 -23.62 -14.75
N VAL G 147 24.72 -24.21 -15.25
CA VAL G 147 24.07 -25.33 -14.57
C VAL G 147 25.00 -26.52 -14.39
N SER G 148 25.76 -26.87 -15.42
CA SER G 148 26.77 -27.93 -15.30
C SER G 148 27.78 -27.59 -14.21
N ALA G 149 28.26 -26.35 -14.23
CA ALA G 149 29.25 -25.91 -13.25
C ALA G 149 28.68 -26.05 -11.82
N LEU G 150 27.47 -25.54 -11.62
CA LEU G 150 26.85 -25.62 -10.30
C LEU G 150 26.65 -27.04 -9.84
N GLU G 151 26.29 -27.92 -10.77
CA GLU G 151 26.09 -29.30 -10.40
C GLU G 151 27.40 -29.88 -9.87
N TYR G 152 28.50 -29.56 -10.57
CA TYR G 152 29.81 -30.00 -10.13
C TYR G 152 30.14 -29.43 -8.74
N LEU G 153 29.94 -28.13 -8.58
CA LEU G 153 30.22 -27.44 -7.32
C LEU G 153 29.43 -28.03 -6.15
N HIS G 154 28.11 -28.12 -6.30
CA HIS G 154 27.30 -28.63 -5.21
C HIS G 154 27.56 -30.10 -4.93
N GLY G 155 28.04 -30.82 -5.95
CA GLY G 155 28.46 -32.20 -5.79
C GLY G 155 29.63 -32.31 -4.82
N LYS G 156 30.46 -31.28 -4.80
CA LYS G 156 31.58 -31.19 -3.86
C LYS G 156 31.19 -30.51 -2.55
N GLY G 157 29.89 -30.42 -2.29
CA GLY G 157 29.39 -29.84 -1.06
C GLY G 157 29.88 -28.42 -0.84
N ILE G 158 29.97 -27.66 -1.92
CA ILE G 158 30.39 -26.27 -1.83
C ILE G 158 29.36 -25.30 -2.41
N ILE G 159 29.14 -24.16 -1.77
CA ILE G 159 28.20 -23.16 -2.23
C ILE G 159 28.94 -21.88 -2.52
N HIS G 160 28.78 -21.30 -3.69
CA HIS G 160 29.45 -20.07 -4.06
C HIS G 160 29.08 -18.77 -3.32
N ARG G 161 27.80 -18.48 -3.23
CA ARG G 161 27.22 -17.39 -2.48
C ARG G 161 27.36 -16.04 -3.14
N ASP G 162 28.08 -15.96 -4.24
CA ASP G 162 28.28 -14.70 -4.90
C ASP G 162 28.20 -14.76 -6.41
N LEU G 163 27.41 -15.65 -6.93
CA LEU G 163 27.31 -15.83 -8.34
C LEU G 163 26.64 -14.67 -9.01
N LYS G 164 27.29 -14.16 -10.02
CA LYS G 164 26.77 -13.04 -10.79
C LYS G 164 27.59 -12.87 -12.09
N PRO G 165 27.06 -12.13 -13.05
CA PRO G 165 27.73 -12.06 -14.36
C PRO G 165 29.19 -11.54 -14.32
N GLU G 166 29.62 -10.92 -13.22
CA GLU G 166 30.99 -10.41 -13.12
C GLU G 166 31.97 -11.48 -12.65
N ASN G 167 31.46 -12.49 -11.95
CA ASN G 167 32.27 -13.60 -11.48
C ASN G 167 32.21 -14.77 -12.46
N ILE G 168 31.52 -14.55 -13.57
CA ILE G 168 31.50 -15.56 -14.62
C ILE G 168 32.32 -15.01 -15.77
N LEU G 169 33.53 -15.54 -15.90
CA LEU G 169 34.45 -15.05 -16.91
C LEU G 169 34.32 -15.90 -18.16
N LEU G 170 34.85 -15.36 -19.27
CA LEU G 170 34.91 -16.07 -20.53
C LEU G 170 36.35 -16.36 -20.99
N ASN G 171 36.70 -17.64 -21.13
CA ASN G 171 38.05 -17.99 -21.62
C ASN G 171 38.28 -17.70 -23.11
N GLU G 172 39.41 -18.16 -23.65
CA GLU G 172 39.79 -17.82 -25.03
C GLU G 172 38.84 -18.46 -26.03
N ASP G 173 38.36 -19.65 -25.68
CA ASP G 173 37.39 -20.39 -26.49
C ASP G 173 35.94 -19.95 -26.25
N MET G 174 35.75 -18.88 -25.46
CA MET G 174 34.41 -18.38 -25.14
C MET G 174 33.52 -19.36 -24.34
N HIS G 175 34.17 -20.21 -23.55
CA HIS G 175 33.50 -20.99 -22.53
C HIS G 175 33.59 -20.23 -21.21
N ILE G 176 32.69 -20.52 -20.29
CA ILE G 176 32.69 -19.87 -18.99
C ILE G 176 33.77 -20.30 -18.03
N GLN G 177 34.19 -19.37 -17.20
CA GLN G 177 35.00 -19.69 -16.05
C GLN G 177 34.50 -19.06 -14.80
N ILE G 178 34.21 -19.85 -13.81
CA ILE G 178 33.68 -19.31 -12.59
C ILE G 178 34.73 -19.09 -11.52
N THR G 179 34.77 -17.86 -11.06
CA THR G 179 35.75 -17.37 -10.10
C THR G 179 35.16 -16.75 -8.82
N ASP G 180 35.92 -15.93 -8.09
CA ASP G 180 35.49 -15.27 -6.84
C ASP G 180 35.07 -16.19 -5.70
N PHE G 181 35.95 -17.05 -5.28
CA PHE G 181 35.61 -18.00 -4.25
C PHE G 181 35.73 -17.54 -2.80
N GLY G 182 35.97 -16.27 -2.59
CA GLY G 182 36.15 -15.78 -1.26
C GLY G 182 35.00 -16.03 -0.32
N THR G 183 33.80 -15.98 -0.82
CA THR G 183 32.63 -16.03 0.03
C THR G 183 31.95 -17.40 0.10
N ALA G 184 32.64 -18.45 -0.37
CA ALA G 184 32.07 -19.79 -0.42
C ALA G 184 31.91 -20.42 0.96
N LYS G 185 31.07 -21.45 1.02
CA LYS G 185 30.91 -22.23 2.22
C LYS G 185 31.11 -23.70 1.89
N VAL G 186 31.74 -24.45 2.79
CA VAL G 186 32.02 -25.85 2.52
C VAL G 186 31.40 -26.75 3.57
N LEU G 187 31.46 -28.06 3.34
CA LEU G 187 31.01 -29.08 4.26
C LEU G 187 31.91 -29.13 5.49
N SEP G 198 26.56 -15.22 7.21
CA SEP G 198 27.90 -14.72 7.53
CB SEP G 198 28.89 -15.87 7.66
OG SEP G 198 29.77 -15.90 6.54
C SEP G 198 28.38 -13.70 6.50
O SEP G 198 29.26 -12.88 6.79
P SEP G 198 30.80 -17.14 6.62
O1P SEP G 198 31.80 -16.95 7.86
O2P SEP G 198 29.98 -18.54 6.79
O3P SEP G 198 31.64 -17.17 5.25
N PHE G 199 27.82 -13.77 5.29
CA PHE G 199 28.11 -12.82 4.22
C PHE G 199 26.94 -12.66 3.26
N VAL G 200 26.65 -11.41 2.93
CA VAL G 200 25.65 -11.13 1.93
C VAL G 200 26.29 -10.50 0.71
N GLY G 201 26.14 -11.19 -0.41
CA GLY G 201 26.77 -10.85 -1.67
C GLY G 201 26.00 -9.74 -2.34
N THR G 202 26.29 -9.48 -3.61
CA THR G 202 25.69 -8.35 -4.31
C THR G 202 24.19 -8.36 -4.21
N ALA G 203 23.64 -7.22 -3.89
CA ALA G 203 22.25 -7.13 -3.54
C ALA G 203 21.33 -7.68 -4.60
N GLN G 204 21.63 -7.45 -5.86
CA GLN G 204 20.77 -7.91 -6.91
C GLN G 204 20.60 -9.42 -7.01
N TYR G 205 21.63 -10.20 -6.74
CA TYR G 205 21.56 -11.64 -6.89
C TYR G 205 21.35 -12.47 -5.62
N VAL G 206 21.16 -11.80 -4.51
CA VAL G 206 21.02 -12.46 -3.25
C VAL G 206 19.64 -13.00 -2.95
N SER G 207 19.58 -14.22 -2.49
CA SER G 207 18.35 -14.86 -2.11
C SER G 207 17.77 -14.34 -0.80
N PRO G 208 16.50 -14.54 -0.60
CA PRO G 208 15.81 -14.07 0.57
C PRO G 208 16.30 -14.69 1.88
N GLU G 209 16.60 -15.98 1.89
CA GLU G 209 17.07 -16.67 3.06
C GLU G 209 18.39 -16.10 3.53
N LEU G 210 19.25 -15.71 2.64
CA LEU G 210 20.44 -15.02 3.00
C LEU G 210 20.19 -13.65 3.61
N LEU G 211 19.25 -12.90 3.08
CA LEU G 211 18.94 -11.63 3.64
C LEU G 211 18.34 -11.73 5.02
N THR G 212 17.45 -12.65 5.22
CA THR G 212 16.82 -12.77 6.49
C THR G 212 17.60 -13.75 7.36
N GLU G 213 18.72 -14.16 6.82
CA GLU G 213 19.81 -14.79 7.50
C GLU G 213 19.34 -16.08 8.04
N LYS G 214 18.16 -16.46 7.62
CA LYS G 214 17.50 -17.70 7.91
C LYS G 214 18.13 -18.98 7.38
N SER G 215 18.74 -18.94 6.20
CA SER G 215 19.30 -20.16 5.63
C SER G 215 20.50 -20.01 4.69
N ALA G 216 21.28 -21.08 4.59
CA ALA G 216 22.39 -21.16 3.67
C ALA G 216 22.22 -22.51 3.07
N CYS G 217 22.28 -22.61 1.77
CA CYS G 217 22.04 -23.89 1.16
C CYS G 217 22.38 -23.78 -0.27
N LYS G 218 22.46 -24.89 -0.95
CA LYS G 218 22.82 -24.88 -2.34
C LYS G 218 21.78 -24.13 -3.08
N SER G 219 20.59 -24.12 -2.53
CA SER G 219 19.46 -23.53 -3.16
C SER G 219 19.60 -22.04 -3.51
N SER G 220 20.32 -21.34 -2.67
CA SER G 220 20.62 -19.97 -2.89
C SER G 220 21.45 -19.68 -4.14
N ASP G 221 22.29 -20.60 -4.57
CA ASP G 221 22.93 -20.50 -5.87
C ASP G 221 21.90 -20.61 -7.03
N LEU G 222 20.88 -21.45 -6.86
CA LEU G 222 19.86 -21.64 -7.88
C LEU G 222 19.01 -20.38 -8.05
N TRP G 223 18.82 -19.66 -6.95
CA TRP G 223 18.12 -18.38 -7.01
C TRP G 223 18.94 -17.39 -7.85
N ALA G 224 20.25 -17.34 -7.61
CA ALA G 224 21.15 -16.47 -8.38
C ALA G 224 21.13 -16.85 -9.86
N LEU G 225 21.12 -18.16 -10.14
CA LEU G 225 20.93 -18.65 -11.49
C LEU G 225 19.66 -18.11 -12.14
N GLY G 226 18.53 -18.19 -11.43
CA GLY G 226 17.32 -17.56 -11.88
C GLY G 226 17.52 -16.11 -12.31
N CYS G 227 18.18 -15.33 -11.44
CA CYS G 227 18.50 -13.92 -11.71
C CYS G 227 19.37 -13.73 -12.94
N ILE G 228 20.38 -14.59 -13.10
CA ILE G 228 21.25 -14.49 -14.27
C ILE G 228 20.53 -14.80 -15.61
N ILE G 229 19.71 -15.85 -15.61
CA ILE G 229 18.92 -16.20 -16.79
C ILE G 229 18.01 -15.04 -17.16
N TYR G 230 17.36 -14.47 -16.16
CA TYR G 230 16.51 -13.33 -16.42
C TYR G 230 17.35 -12.25 -17.10
N GLN G 231 18.58 -12.07 -16.63
CA GLN G 231 19.38 -10.93 -17.09
C GLN G 231 19.90 -11.18 -18.49
N LEU G 232 20.27 -12.43 -18.79
CA LEU G 232 20.64 -12.79 -20.16
C LEU G 232 19.53 -12.48 -21.17
N VAL G 233 18.29 -12.80 -20.81
CA VAL G 233 17.14 -12.60 -21.68
C VAL G 233 16.68 -11.15 -21.78
N ALA G 234 16.49 -10.51 -20.62
CA ALA G 234 15.91 -9.18 -20.56
C ALA G 234 16.96 -8.08 -20.64
N GLY G 235 18.22 -8.45 -20.46
CA GLY G 235 19.29 -7.46 -20.49
C GLY G 235 19.45 -6.68 -19.20
N LEU G 236 18.64 -7.01 -18.20
CA LEU G 236 18.70 -6.36 -16.88
C LEU G 236 18.28 -7.39 -15.84
N PRO G 237 18.84 -7.30 -14.65
CA PRO G 237 18.48 -8.19 -13.56
C PRO G 237 17.06 -7.97 -13.06
N PRO G 238 16.45 -9.01 -12.54
CA PRO G 238 15.05 -8.93 -12.17
C PRO G 238 14.67 -7.92 -11.06
N PHE G 239 15.44 -7.80 -10.02
CA PHE G 239 15.09 -6.89 -8.97
C PHE G 239 15.88 -5.58 -9.05
N ARG G 240 15.17 -4.49 -9.24
CA ARG G 240 15.76 -3.20 -9.46
C ARG G 240 15.03 -2.16 -8.66
N ALA G 241 15.73 -1.22 -8.11
CA ALA G 241 15.15 -0.20 -7.30
C ALA G 241 16.16 0.87 -7.02
N GLY G 242 15.74 1.93 -6.36
CA GLY G 242 16.58 3.08 -6.10
C GLY G 242 17.84 2.87 -5.32
N ASN G 243 17.78 2.00 -4.33
CA ASN G 243 18.92 1.62 -3.53
C ASN G 243 18.89 0.14 -3.10
N GLU G 244 19.97 -0.34 -2.54
CA GLU G 244 20.05 -1.73 -2.09
C GLU G 244 18.92 -2.07 -1.14
N TYR G 245 18.50 -1.13 -0.31
CA TYR G 245 17.39 -1.42 0.62
C TYR G 245 16.05 -1.66 -0.09
N LEU G 246 15.76 -0.86 -1.10
CA LEU G 246 14.52 -1.04 -1.87
C LEU G 246 14.59 -2.31 -2.71
N ILE G 247 15.80 -2.66 -3.16
CA ILE G 247 16.01 -3.93 -3.84
C ILE G 247 15.72 -5.12 -2.91
N PHE G 248 16.24 -5.10 -1.68
CA PHE G 248 15.95 -6.16 -0.70
C PHE G 248 14.46 -6.31 -0.51
N GLN G 249 13.77 -5.19 -0.32
CA GLN G 249 12.31 -5.20 -0.19
C GLN G 249 11.59 -5.95 -1.32
N LYS G 250 12.06 -5.77 -2.56
CA LYS G 250 11.45 -6.47 -3.69
C LYS G 250 11.77 -7.95 -3.70
N ILE G 251 13.02 -8.28 -3.34
CA ILE G 251 13.44 -9.67 -3.22
C ILE G 251 12.59 -10.46 -2.21
N ILE G 252 12.41 -9.89 -1.03
CA ILE G 252 11.65 -10.50 0.04
C ILE G 252 10.17 -10.68 -0.32
N LYS G 253 9.63 -9.75 -1.10
CA LYS G 253 8.25 -9.84 -1.55
C LYS G 253 8.11 -10.55 -2.90
N LEU G 254 9.23 -10.90 -3.51
CA LEU G 254 9.22 -11.59 -4.80
C LEU G 254 8.51 -10.67 -5.79
N GLU G 255 8.92 -9.41 -5.77
CA GLU G 255 8.28 -8.38 -6.57
C GLU G 255 9.09 -8.05 -7.84
N TYR G 256 8.71 -8.68 -8.95
CA TYR G 256 9.35 -8.46 -10.25
C TYR G 256 8.39 -8.86 -11.38
N ASP G 257 8.68 -8.44 -12.59
CA ASP G 257 7.80 -8.71 -13.74
C ASP G 257 8.64 -9.03 -14.98
N PHE G 258 8.12 -9.86 -15.88
CA PHE G 258 8.81 -10.15 -17.13
C PHE G 258 8.28 -9.22 -18.22
N PRO G 259 9.17 -8.78 -19.11
CA PRO G 259 8.75 -8.09 -20.34
C PRO G 259 7.76 -8.96 -21.13
N GLU G 260 6.83 -8.33 -21.84
CA GLU G 260 5.88 -9.06 -22.68
C GLU G 260 6.63 -10.02 -23.60
N LYS G 261 7.71 -9.54 -24.19
CA LYS G 261 8.56 -10.39 -25.00
C LYS G 261 9.67 -10.95 -24.14
N PHE G 262 9.57 -12.23 -23.81
CA PHE G 262 10.54 -12.92 -22.97
C PHE G 262 10.32 -14.38 -23.26
N PHE G 263 11.36 -15.09 -23.71
CA PHE G 263 11.23 -16.47 -24.13
C PHE G 263 10.42 -17.30 -23.13
N PRO G 264 9.29 -17.85 -23.59
CA PRO G 264 8.33 -18.53 -22.74
C PRO G 264 8.92 -19.66 -21.91
N LYS G 265 9.77 -20.50 -22.49
CA LYS G 265 10.33 -21.59 -21.72
C LYS G 265 11.35 -21.10 -20.69
N ALA G 266 11.94 -19.93 -20.95
CA ALA G 266 12.91 -19.35 -20.06
C ALA G 266 12.16 -18.72 -18.92
N ARG G 267 11.02 -18.10 -19.22
CA ARG G 267 10.19 -17.54 -18.17
C ARG G 267 9.68 -18.61 -17.20
N ASP G 268 9.13 -19.70 -17.75
CA ASP G 268 8.81 -20.85 -16.92
C ASP G 268 9.98 -21.29 -16.04
N LEU G 269 11.19 -21.36 -16.61
CA LEU G 269 12.36 -21.79 -15.84
C LEU G 269 12.67 -20.82 -14.71
N VAL G 270 12.67 -19.53 -15.04
CA VAL G 270 12.92 -18.49 -14.05
C VAL G 270 11.91 -18.56 -12.92
N GLU G 271 10.63 -18.74 -13.25
CA GLU G 271 9.60 -18.90 -12.22
C GLU G 271 9.79 -20.13 -11.31
N LYS G 272 10.49 -21.17 -11.78
CA LYS G 272 10.80 -22.31 -10.91
C LYS G 272 12.11 -22.15 -10.10
N LEU G 273 12.83 -21.07 -10.35
CA LEU G 273 14.07 -20.82 -9.66
C LEU G 273 13.92 -19.71 -8.62
N LEU G 274 13.27 -18.61 -9.02
CA LEU G 274 12.99 -17.50 -8.12
C LEU G 274 11.75 -17.81 -7.26
N VAL G 275 11.93 -18.72 -6.31
CA VAL G 275 10.87 -19.15 -5.42
C VAL G 275 11.35 -18.81 -4.03
N LEU G 276 10.50 -18.17 -3.23
CA LEU G 276 10.91 -17.72 -1.90
C LEU G 276 11.34 -18.89 -1.01
N ASP G 277 10.57 -19.97 -1.04
CA ASP G 277 10.91 -21.16 -0.26
C ASP G 277 12.10 -21.88 -0.89
N ALA G 278 13.23 -21.87 -0.20
CA ALA G 278 14.46 -22.47 -0.74
C ALA G 278 14.35 -24.00 -1.03
N THR G 279 13.38 -24.68 -0.44
CA THR G 279 13.26 -26.13 -0.66
C THR G 279 12.37 -26.46 -1.86
N LYS G 280 11.83 -25.42 -2.47
CA LYS G 280 11.01 -25.61 -3.66
C LYS G 280 11.63 -25.04 -4.95
N ARG G 281 12.94 -24.87 -4.98
CA ARG G 281 13.60 -24.38 -6.19
C ARG G 281 13.99 -25.55 -7.08
N LEU G 282 13.70 -25.44 -8.36
CA LEU G 282 14.06 -26.51 -9.30
C LEU G 282 15.56 -26.70 -9.26
N GLY G 283 15.98 -27.95 -9.14
CA GLY G 283 17.40 -28.24 -9.04
C GLY G 283 17.84 -28.56 -7.63
N CYS G 284 17.06 -28.20 -6.63
CA CYS G 284 17.49 -28.46 -5.26
C CYS G 284 17.13 -29.87 -4.80
N GLU G 285 17.78 -30.35 -3.74
CA GLU G 285 17.63 -31.73 -3.30
C GLU G 285 16.18 -32.13 -2.99
N GLU G 286 15.45 -31.26 -2.28
CA GLU G 286 14.04 -31.53 -1.95
C GLU G 286 13.15 -31.54 -3.18
N MET G 287 13.70 -31.18 -4.34
CA MET G 287 12.95 -31.23 -5.59
C MET G 287 13.56 -32.27 -6.53
N GLU G 288 14.35 -33.18 -5.96
CA GLU G 288 14.95 -34.32 -6.67
C GLU G 288 16.16 -34.00 -7.56
N GLY G 289 16.79 -32.86 -7.31
CA GLY G 289 18.13 -32.62 -7.81
C GLY G 289 18.21 -32.05 -9.20
N TYR G 290 19.38 -32.20 -9.78
CA TYR G 290 19.70 -31.61 -11.07
C TYR G 290 18.97 -32.24 -12.25
N GLY G 291 18.54 -33.48 -12.08
CA GLY G 291 17.84 -34.19 -13.15
C GLY G 291 16.68 -33.40 -13.73
N PRO G 292 15.66 -33.09 -12.91
CA PRO G 292 14.50 -32.27 -13.35
C PRO G 292 14.90 -30.89 -13.86
N LEU G 293 15.96 -30.32 -13.31
CA LEU G 293 16.40 -29.01 -13.78
C LEU G 293 16.93 -29.13 -15.20
N LYS G 294 17.76 -30.14 -15.43
CA LYS G 294 18.34 -30.36 -16.74
C LYS G 294 17.32 -30.84 -17.78
N ALA G 295 16.25 -31.50 -17.32
CA ALA G 295 15.19 -31.96 -18.22
C ALA G 295 14.16 -30.87 -18.51
N HIS G 296 14.35 -29.69 -17.96
CA HIS G 296 13.41 -28.64 -18.23
C HIS G 296 13.37 -28.32 -19.74
N PRO G 297 12.16 -28.20 -20.28
CA PRO G 297 11.91 -27.90 -21.69
C PRO G 297 12.82 -26.78 -22.21
N PHE G 298 13.16 -25.80 -21.37
CA PHE G 298 14.12 -24.77 -21.81
C PHE G 298 15.38 -25.38 -22.43
N PHE G 299 15.79 -26.52 -21.91
CA PHE G 299 17.04 -27.11 -22.35
C PHE G 299 16.96 -28.16 -23.48
N GLU G 300 15.78 -28.41 -24.03
CA GLU G 300 15.64 -29.54 -24.96
C GLU G 300 16.62 -29.56 -26.16
N SER G 301 16.93 -28.41 -26.72
CA SER G 301 17.86 -28.34 -27.85
C SER G 301 19.33 -28.33 -27.44
N VAL G 302 19.62 -28.52 -26.16
CA VAL G 302 21.01 -28.47 -25.71
C VAL G 302 21.58 -29.89 -25.60
N THR G 303 22.88 -30.02 -25.86
CA THR G 303 23.56 -31.30 -25.65
C THR G 303 24.38 -31.16 -24.39
N TRP G 304 23.97 -31.88 -23.35
CA TRP G 304 24.60 -31.77 -22.02
C TRP G 304 25.97 -32.39 -21.94
N GLU G 305 26.23 -33.38 -22.76
CA GLU G 305 27.51 -34.08 -22.70
C GLU G 305 28.67 -33.27 -23.31
N ASN G 306 29.75 -33.12 -22.54
CA ASN G 306 30.95 -32.45 -23.03
C ASN G 306 30.70 -31.05 -23.58
N LEU G 307 29.99 -30.25 -22.79
CA LEU G 307 29.67 -28.89 -23.17
C LEU G 307 30.94 -28.11 -23.37
N HIS G 308 31.98 -28.43 -22.60
CA HIS G 308 33.24 -27.72 -22.72
C HIS G 308 33.95 -28.05 -24.03
N GLN G 309 33.48 -29.08 -24.72
CA GLN G 309 34.08 -29.50 -25.99
C GLN G 309 33.27 -29.02 -27.19
N GLN G 310 32.20 -28.27 -26.95
CA GLN G 310 31.39 -27.82 -28.05
C GLN G 310 31.80 -26.40 -28.38
N THR G 311 31.48 -25.96 -29.59
CA THR G 311 31.76 -24.60 -29.97
C THR G 311 30.56 -23.74 -29.62
N PRO G 312 30.76 -22.75 -28.75
CA PRO G 312 29.68 -21.85 -28.34
C PRO G 312 29.14 -21.06 -29.52
N PRO G 313 27.82 -20.83 -29.55
CA PRO G 313 27.30 -19.93 -30.57
C PRO G 313 27.97 -18.56 -30.43
N LYS G 314 28.24 -17.89 -31.54
CA LYS G 314 28.85 -16.56 -31.50
C LYS G 314 27.91 -15.54 -30.86
N LEU G 315 28.43 -14.76 -29.92
CA LEU G 315 27.65 -13.70 -29.29
C LEU G 315 27.65 -12.50 -30.23
N THR G 316 26.46 -12.11 -30.69
CA THR G 316 26.33 -11.08 -31.71
C THR G 316 25.13 -10.18 -31.49
N ARG H 32 50.53 31.55 -9.54
CA ARG H 32 51.41 30.37 -9.40
C ARG H 32 50.60 29.12 -9.07
N LYS H 33 50.99 28.00 -9.68
CA LYS H 33 50.33 26.71 -9.45
C LYS H 33 51.35 25.66 -9.00
N LYS H 34 50.88 24.65 -8.27
CA LYS H 34 51.78 23.66 -7.67
C LYS H 34 52.06 22.46 -8.58
N ARG H 35 53.02 21.65 -8.17
CA ARG H 35 53.40 20.45 -8.92
C ARG H 35 53.86 19.37 -7.94
N PRO H 36 53.69 18.09 -8.32
CA PRO H 36 53.97 16.94 -7.45
C PRO H 36 55.37 16.95 -6.86
N GLU H 37 56.29 17.62 -7.54
CA GLU H 37 57.69 17.63 -7.11
C GLU H 37 57.88 18.58 -5.94
N ASP H 38 56.88 19.42 -5.69
CA ASP H 38 56.93 20.39 -4.60
C ASP H 38 56.64 19.73 -3.26
N PHE H 39 56.36 18.43 -3.28
CA PHE H 39 55.94 17.70 -2.09
C PHE H 39 56.71 16.40 -1.88
N LYS H 40 57.02 16.13 -0.62
CA LYS H 40 57.53 14.82 -0.23
C LYS H 40 56.38 13.98 0.33
N PHE H 41 55.84 13.09 -0.49
CA PHE H 41 54.75 12.23 -0.07
C PHE H 41 55.26 11.13 0.88
N GLY H 42 54.43 10.74 1.84
CA GLY H 42 54.85 9.78 2.83
C GLY H 42 53.75 8.80 3.24
N LYS H 43 53.30 8.92 4.48
CA LYS H 43 52.28 8.02 5.01
C LYS H 43 50.98 8.13 4.22
N ILE H 44 50.45 6.98 3.81
CA ILE H 44 49.15 6.95 3.16
C ILE H 44 48.06 6.97 4.22
N LEU H 45 47.36 8.10 4.31
CA LEU H 45 46.29 8.25 5.28
C LEU H 45 45.12 7.30 4.99
N GLY H 46 44.49 7.50 3.85
CA GLY H 46 43.32 6.71 3.50
C GLY H 46 43.33 6.20 2.07
N GLU H 47 42.48 5.20 1.81
CA GLU H 47 42.36 4.62 0.49
C GLU H 47 40.90 4.32 0.17
N GLY H 48 40.43 4.83 -0.97
CA GLY H 48 39.14 4.47 -1.51
C GLY H 48 39.36 3.81 -2.85
N SER H 49 38.31 3.25 -3.44
CA SER H 49 38.44 2.63 -4.75
C SER H 49 38.93 3.67 -5.78
N PHE H 50 38.30 4.84 -5.75
CA PHE H 50 38.58 5.91 -6.70
C PHE H 50 39.66 6.88 -6.22
N SER H 51 39.90 6.92 -4.92
CA SER H 51 40.77 7.95 -4.36
C SER H 51 41.83 7.41 -3.42
N THR H 52 42.87 8.21 -3.22
CA THR H 52 43.88 7.94 -2.21
C THR H 52 44.17 9.24 -1.47
N VAL H 53 44.31 9.16 -0.15
CA VAL H 53 44.74 10.33 0.62
C VAL H 53 46.09 10.07 1.25
N VAL H 54 47.08 10.87 0.86
CA VAL H 54 48.45 10.68 1.31
C VAL H 54 48.96 11.94 2.01
N LEU H 55 49.78 11.73 3.04
CA LEU H 55 50.35 12.83 3.81
C LEU H 55 51.59 13.40 3.12
N ALA H 56 51.47 14.62 2.61
CA ALA H 56 52.59 15.28 1.93
C ALA H 56 53.17 16.51 2.64
N ARG H 57 54.49 16.60 2.68
CA ARG H 57 55.15 17.74 3.29
C ARG H 57 55.71 18.61 2.21
N GLU H 58 55.34 19.87 2.19
CA GLU H 58 55.81 20.74 1.14
C GLU H 58 57.10 21.37 1.57
N LEU H 59 58.16 21.14 0.82
CA LEU H 59 59.48 21.64 1.19
C LEU H 59 59.66 23.18 1.28
N ALA H 60 59.12 23.94 0.36
CA ALA H 60 59.31 25.36 0.55
C ALA H 60 58.63 25.90 1.82
N THR H 61 57.37 25.58 2.03
CA THR H 61 56.66 26.00 3.22
C THR H 61 57.15 25.27 4.43
N SER H 62 57.41 24.00 4.24
CA SER H 62 57.68 23.07 5.31
C SER H 62 56.33 22.62 5.89
N ARG H 63 55.23 23.11 5.29
CA ARG H 63 53.87 22.83 5.76
C ARG H 63 53.35 21.50 5.36
N GLU H 64 52.82 20.74 6.31
CA GLU H 64 52.20 19.44 6.05
C GLU H 64 50.84 19.52 5.41
N TYR H 65 50.38 18.47 4.77
CA TYR H 65 49.10 18.45 4.12
C TYR H 65 48.58 17.04 3.89
N ALA H 66 47.28 16.88 3.63
CA ALA H 66 46.67 15.61 3.27
C ALA H 66 46.25 15.76 1.82
N ILE H 67 46.92 15.03 0.94
CA ILE H 67 46.64 15.13 -0.49
C ILE H 67 45.70 14.03 -0.96
N LYS H 68 44.59 14.43 -1.57
CA LYS H 68 43.67 13.49 -2.18
C LYS H 68 44.10 13.29 -3.63
N ILE H 69 44.54 12.09 -3.96
CA ILE H 69 45.03 11.79 -5.32
C ILE H 69 44.07 10.90 -6.10
N LEU H 70 43.73 11.33 -7.31
CA LEU H 70 42.89 10.53 -8.19
C LEU H 70 43.63 10.18 -9.48
N GLU H 71 43.09 9.23 -10.25
CA GLU H 71 43.60 8.91 -11.58
C GLU H 71 42.52 9.27 -12.58
N LYS H 72 42.82 10.17 -13.51
CA LYS H 72 41.81 10.70 -14.42
C LYS H 72 41.08 9.60 -15.21
N ARG H 73 41.84 8.65 -15.73
CA ARG H 73 41.27 7.53 -16.48
C ARG H 73 40.15 6.88 -15.66
N HIS H 74 40.46 6.54 -14.42
CA HIS H 74 39.49 5.98 -13.50
C HIS H 74 38.21 6.80 -13.46
N ILE H 75 38.34 8.09 -13.20
CA ILE H 75 37.19 8.98 -13.03
C ILE H 75 36.33 9.03 -14.30
N ILE H 76 36.96 9.12 -15.46
CA ILE H 76 36.24 9.07 -16.72
C ILE H 76 35.61 7.70 -16.91
N LYS H 77 36.33 6.66 -16.48
CA LYS H 77 35.88 5.28 -16.60
C LYS H 77 34.57 5.05 -15.84
N GLU H 78 34.61 5.17 -14.51
CA GLU H 78 33.42 4.97 -13.70
C GLU H 78 32.46 6.14 -13.88
N ASN H 79 32.81 7.06 -14.78
CA ASN H 79 32.00 8.26 -15.03
C ASN H 79 31.74 9.04 -13.75
N LYS H 80 32.79 9.27 -12.96
CA LYS H 80 32.68 9.88 -11.63
C LYS H 80 33.11 11.35 -11.58
N VAL H 81 33.42 11.93 -12.74
CA VAL H 81 33.83 13.34 -12.79
C VAL H 81 32.79 14.30 -12.19
N PRO H 82 31.50 14.10 -12.50
CA PRO H 82 30.50 15.00 -11.90
C PRO H 82 30.54 14.88 -10.38
N TYR H 83 30.84 13.69 -9.90
CA TYR H 83 30.96 13.44 -8.47
C TYR H 83 32.08 14.28 -7.87
N VAL H 84 33.22 14.31 -8.54
CA VAL H 84 34.40 15.01 -8.01
C VAL H 84 34.26 16.52 -8.18
N THR H 85 33.73 16.94 -9.32
CA THR H 85 33.48 18.36 -9.54
C THR H 85 32.55 18.89 -8.45
N ARG H 86 31.55 18.08 -8.10
CA ARG H 86 30.55 18.44 -7.10
C ARG H 86 31.17 18.54 -5.70
N GLU H 87 32.01 17.57 -5.34
CA GLU H 87 32.68 17.58 -4.04
C GLU H 87 33.62 18.76 -3.87
N ARG H 88 34.54 18.91 -4.82
CA ARG H 88 35.51 20.00 -4.80
C ARG H 88 34.79 21.30 -4.59
N ASP H 89 33.67 21.47 -5.31
CA ASP H 89 32.88 22.69 -5.21
C ASP H 89 32.30 22.91 -3.81
N VAL H 90 32.12 21.82 -3.06
CA VAL H 90 31.52 21.90 -1.73
C VAL H 90 32.56 22.23 -0.65
N MET H 91 33.69 21.52 -0.64
CA MET H 91 34.78 21.87 0.26
C MET H 91 35.28 23.31 0.09
N SER H 92 35.06 23.88 -1.10
CA SER H 92 35.53 25.23 -1.37
C SER H 92 34.62 26.25 -0.73
N ARG H 93 33.42 25.84 -0.34
CA ARG H 93 32.54 26.74 0.39
C ARG H 93 32.87 26.79 1.88
N LEU H 94 33.49 25.74 2.40
CA LEU H 94 33.70 25.58 3.84
C LEU H 94 34.86 26.40 4.39
N ASP H 95 34.56 27.22 5.40
CA ASP H 95 35.60 27.97 6.10
C ASP H 95 35.29 27.95 7.60
N HIS H 96 35.75 26.91 8.29
CA HIS H 96 35.38 26.70 9.67
C HIS H 96 36.37 25.77 10.35
N PRO H 97 36.73 26.08 11.60
CA PRO H 97 37.74 25.29 12.31
C PRO H 97 37.38 23.81 12.54
N PHE H 98 36.12 23.42 12.31
CA PHE H 98 35.70 22.06 12.57
C PHE H 98 35.52 21.28 11.26
N PHE H 99 35.74 21.97 10.15
CA PHE H 99 35.73 21.35 8.84
C PHE H 99 37.10 21.35 8.16
N VAL H 100 37.47 20.21 7.60
CA VAL H 100 38.66 20.10 6.76
C VAL H 100 38.67 21.18 5.70
N LYS H 101 39.84 21.71 5.41
CA LYS H 101 39.98 22.77 4.43
C LYS H 101 40.67 22.27 3.18
N LEU H 102 40.21 22.74 2.02
CA LEU H 102 40.86 22.50 0.73
C LEU H 102 41.67 23.72 0.34
N TYR H 103 43.00 23.60 0.40
CA TYR H 103 43.87 24.74 0.13
C TYR H 103 44.17 24.93 -1.36
N PHE H 104 44.63 23.86 -2.01
CA PHE H 104 45.04 23.94 -3.41
C PHE H 104 44.62 22.72 -4.25
N CYS H 105 44.54 22.92 -5.55
CA CYS H 105 44.31 21.81 -6.51
C CYS H 105 45.21 21.94 -7.71
N PHE H 106 45.90 20.86 -8.05
CA PHE H 106 46.67 20.83 -9.29
C PHE H 106 46.56 19.46 -9.95
N GLN H 107 47.16 19.34 -11.12
CA GLN H 107 47.13 18.13 -11.90
C GLN H 107 48.33 17.94 -12.84
N ASP H 108 48.40 16.74 -13.37
CA ASP H 108 49.39 16.37 -14.35
C ASP H 108 48.62 15.51 -15.36
N ASP H 109 49.24 15.01 -16.42
CA ASP H 109 48.43 14.28 -17.40
C ASP H 109 47.77 13.03 -16.82
N GLU H 110 48.52 12.28 -16.04
CA GLU H 110 48.00 11.14 -15.32
C GLU H 110 47.04 11.36 -14.11
N LYS H 111 47.35 12.31 -13.22
CA LYS H 111 46.68 12.39 -11.92
C LYS H 111 46.08 13.70 -11.45
N LEU H 112 45.19 13.58 -10.46
CA LEU H 112 44.56 14.70 -9.77
C LEU H 112 45.09 14.86 -8.35
N TYR H 113 45.44 16.09 -8.00
CA TYR H 113 45.97 16.39 -6.70
C TYR H 113 45.21 17.48 -5.96
N PHE H 114 44.67 17.12 -4.79
CA PHE H 114 43.89 18.02 -3.98
C PHE H 114 44.54 18.12 -2.60
N GLY H 115 44.83 19.34 -2.19
CA GLY H 115 45.50 19.59 -0.93
C GLY H 115 44.51 19.91 0.17
N LEU H 116 44.50 19.10 1.22
CA LEU H 116 43.52 19.25 2.29
C LEU H 116 44.20 19.31 3.64
N SER H 117 43.53 19.90 4.62
CA SER H 117 44.05 19.97 5.99
C SER H 117 44.43 18.58 6.46
N TYR H 118 45.47 18.51 7.26
CA TYR H 118 45.88 17.25 7.86
C TYR H 118 45.44 17.17 9.32
N ALA H 119 44.83 16.04 9.70
CA ALA H 119 44.33 15.87 11.05
C ALA H 119 45.16 14.82 11.76
N LYS H 120 46.18 15.27 12.47
CA LYS H 120 47.22 14.40 12.97
C LYS H 120 46.70 13.23 13.80
N ASN H 121 45.61 13.43 14.52
CA ASN H 121 45.20 12.42 15.48
C ASN H 121 44.24 11.33 14.97
N GLY H 122 43.85 11.43 13.71
CA GLY H 122 43.10 10.35 13.09
C GLY H 122 41.59 10.37 13.33
N GLU H 123 41.00 9.19 13.43
CA GLU H 123 39.56 9.05 13.51
C GLU H 123 39.02 9.02 14.94
N LEU H 124 37.89 9.69 15.15
CA LEU H 124 37.19 9.58 16.43
C LEU H 124 36.99 8.11 16.80
N LEU H 125 36.66 7.30 15.79
CA LEU H 125 36.47 5.87 15.98
C LEU H 125 37.62 5.20 16.73
N LYS H 126 38.84 5.63 16.44
CA LYS H 126 40.02 5.06 17.07
C LYS H 126 39.93 5.16 18.59
N TYR H 127 39.46 6.29 19.09
CA TYR H 127 39.42 6.55 20.52
C TYR H 127 38.29 5.82 21.21
N ILE H 128 37.17 5.72 20.51
CA ILE H 128 36.03 4.98 21.02
C ILE H 128 36.48 3.54 21.29
N ARG H 129 37.27 2.99 20.38
CA ARG H 129 37.72 1.60 20.47
C ARG H 129 38.58 1.31 21.72
N LYS H 130 39.68 2.02 21.92
CA LYS H 130 40.50 1.73 23.08
C LYS H 130 39.94 2.07 24.45
N ILE H 131 39.39 3.26 24.59
CA ILE H 131 38.71 3.63 25.81
C ILE H 131 37.38 2.87 26.00
N GLY H 132 36.69 2.62 24.92
CA GLY H 132 35.50 1.81 24.91
C GLY H 132 34.17 2.50 25.14
N SER H 133 34.20 3.68 25.74
CA SER H 133 33.06 4.53 25.90
C SER H 133 33.65 5.81 26.45
N PHE H 134 33.08 6.96 26.08
CA PHE H 134 33.50 8.26 26.61
C PHE H 134 32.80 8.50 27.92
N ASP H 135 33.40 9.31 28.76
CA ASP H 135 32.75 9.71 29.99
C ASP H 135 31.79 10.86 29.70
N GLU H 136 30.93 11.23 30.63
CA GLU H 136 29.92 12.21 30.35
C GLU H 136 30.41 13.57 29.90
N THR H 137 31.44 14.06 30.53
CA THR H 137 32.04 15.32 30.12
C THR H 137 32.69 15.26 28.73
N CYS H 138 33.35 14.15 28.42
CA CYS H 138 33.98 14.01 27.09
C CYS H 138 32.91 13.87 26.00
N THR H 139 31.90 13.05 26.26
CA THR H 139 30.77 12.94 25.34
C THR H 139 30.13 14.30 25.06
N ARG H 140 29.93 15.08 26.12
CA ARG H 140 29.23 16.36 25.99
C ARG H 140 30.05 17.33 25.16
N PHE H 141 31.34 17.40 25.43
CA PHE H 141 32.19 18.33 24.69
C PHE H 141 32.24 18.02 23.19
N TYR H 142 32.45 16.77 22.84
CA TYR H 142 32.59 16.40 21.43
C TYR H 142 31.27 16.45 20.70
N THR H 143 30.18 16.08 21.37
CA THR H 143 28.85 16.24 20.82
C THR H 143 28.61 17.71 20.49
N ALA H 144 28.96 18.60 21.42
CA ALA H 144 28.79 20.04 21.22
C ALA H 144 29.59 20.56 20.04
N GLU H 145 30.82 20.08 19.89
CA GLU H 145 31.59 20.44 18.70
C GLU H 145 30.90 20.00 17.40
N ILE H 146 30.43 18.75 17.36
CA ILE H 146 29.72 18.26 16.16
C ILE H 146 28.47 19.08 15.90
N VAL H 147 27.70 19.38 16.96
CA VAL H 147 26.52 20.25 16.82
C VAL H 147 26.89 21.62 16.26
N SER H 148 27.97 22.20 16.75
CA SER H 148 28.43 23.47 16.22
C SER H 148 28.74 23.33 14.73
N ALA H 149 29.48 22.29 14.40
CA ALA H 149 29.84 22.05 13.00
C ALA H 149 28.59 21.94 12.12
N LEU H 150 27.65 21.09 12.51
CA LEU H 150 26.41 20.92 11.74
C LEU H 150 25.62 22.20 11.58
N GLU H 151 25.58 23.00 12.64
CA GLU H 151 24.85 24.25 12.57
C GLU H 151 25.49 25.12 11.48
N TYR H 152 26.82 25.20 11.49
CA TYR H 152 27.53 25.92 10.45
C TYR H 152 27.20 25.36 9.07
N LEU H 153 27.32 24.04 8.92
CA LEU H 153 27.05 23.36 7.64
C LEU H 153 25.64 23.64 7.11
N HIS H 154 24.63 23.38 7.92
CA HIS H 154 23.25 23.59 7.47
C HIS H 154 22.94 25.06 7.24
N GLY H 155 23.67 25.94 7.91
CA GLY H 155 23.55 27.36 7.66
C GLY H 155 23.97 27.71 6.23
N LYS H 156 24.88 26.94 5.69
CA LYS H 156 25.30 27.09 4.29
C LYS H 156 24.48 26.22 3.33
N GLY H 157 23.32 25.78 3.78
CA GLY H 157 22.43 24.99 2.96
C GLY H 157 23.07 23.73 2.40
N ILE H 158 23.93 23.12 3.20
CA ILE H 158 24.60 21.88 2.80
C ILE H 158 24.32 20.72 3.76
N ILE H 159 24.11 19.53 3.20
CA ILE H 159 23.84 18.32 3.97
C ILE H 159 24.95 17.31 3.76
N HIS H 160 25.57 16.84 4.84
CA HIS H 160 26.67 15.86 4.72
C HIS H 160 26.34 14.44 4.22
N ARG H 161 25.32 13.83 4.80
CA ARG H 161 24.73 12.59 4.37
C ARG H 161 25.53 11.37 4.72
N ASP H 162 26.75 11.53 5.20
CA ASP H 162 27.54 10.39 5.59
C ASP H 162 28.24 10.54 6.90
N LEU H 163 27.67 11.34 7.79
CA LEU H 163 28.29 11.59 9.08
C LEU H 163 28.45 10.31 9.92
N LYS H 164 29.67 10.04 10.35
CA LYS H 164 29.95 8.87 11.18
C LYS H 164 31.34 9.00 11.80
N PRO H 165 31.64 8.21 12.84
CA PRO H 165 32.88 8.41 13.59
C PRO H 165 34.17 8.30 12.76
N GLU H 166 34.10 7.76 11.54
CA GLU H 166 35.30 7.65 10.70
C GLU H 166 35.55 8.90 9.88
N ASN H 167 34.49 9.66 9.65
CA ASN H 167 34.58 10.93 8.92
C ASN H 167 34.76 12.12 9.85
N ILE H 168 34.87 11.84 11.15
CA ILE H 168 35.14 12.88 12.13
C ILE H 168 36.55 12.64 12.60
N LEU H 169 37.45 13.50 12.14
CA LEU H 169 38.85 13.35 12.46
C LEU H 169 39.22 14.24 13.64
N LEU H 170 40.36 13.95 14.23
CA LEU H 170 40.88 14.72 15.37
C LEU H 170 42.21 15.40 15.01
N ASN H 171 42.22 16.73 15.04
CA ASN H 171 43.46 17.46 14.76
C ASN H 171 44.50 17.36 15.90
N GLU H 172 45.58 18.14 15.79
CA GLU H 172 46.71 18.03 16.73
C GLU H 172 46.31 18.47 18.13
N ASP H 173 45.42 19.46 18.18
CA ASP H 173 44.86 19.96 19.44
C ASP H 173 43.67 19.13 19.97
N MET H 174 43.40 18.01 19.32
CA MET H 174 42.28 17.14 19.72
C MET H 174 40.90 17.77 19.57
N HIS H 175 40.78 18.72 18.65
CA HIS H 175 39.48 19.20 18.19
C HIS H 175 39.05 18.40 16.96
N ILE H 176 37.76 18.42 16.64
CA ILE H 176 37.27 17.60 15.55
C ILE H 176 37.51 18.27 14.21
N GLN H 177 37.70 17.44 13.21
CA GLN H 177 37.71 17.86 11.84
C GLN H 177 36.80 16.96 10.98
N ILE H 178 35.78 17.56 10.39
CA ILE H 178 34.83 16.85 9.58
C ILE H 178 35.16 16.89 8.09
N THR H 179 35.32 15.70 7.53
CA THR H 179 35.70 15.47 6.15
C THR H 179 34.71 14.61 5.33
N ASP H 180 35.18 14.08 4.21
CA ASP H 180 34.40 13.17 3.40
C ASP H 180 33.15 13.73 2.82
N PHE H 181 33.30 14.76 2.04
CA PHE H 181 32.18 15.42 1.45
C PHE H 181 31.70 14.91 0.08
N GLY H 182 32.14 13.72 -0.32
CA GLY H 182 31.77 13.17 -1.61
C GLY H 182 30.28 13.08 -1.80
N THR H 183 29.56 12.85 -0.68
CA THR H 183 28.15 12.53 -0.77
C THR H 183 27.20 13.66 -0.38
N ALA H 184 27.74 14.87 -0.25
CA ALA H 184 26.93 16.02 0.18
C ALA H 184 25.90 16.47 -0.84
N LYS H 185 24.91 17.22 -0.36
CA LYS H 185 23.92 17.85 -1.23
C LYS H 185 23.86 19.34 -0.93
N VAL H 186 23.71 20.16 -1.96
CA VAL H 186 23.70 21.61 -1.77
C VAL H 186 22.40 22.21 -2.25
N LEU H 187 22.23 23.50 -1.97
CA LEU H 187 21.09 24.29 -2.44
C LEU H 187 21.13 24.49 -3.94
N SEP H 198 19.27 9.09 -4.07
CA SEP H 198 20.57 9.21 -4.73
CB SEP H 198 21.02 10.67 -4.76
OG SEP H 198 22.30 10.78 -5.33
C SEP H 198 21.66 8.33 -4.11
O SEP H 198 22.11 7.36 -4.72
P SEP H 198 22.80 12.30 -5.43
O1P SEP H 198 22.57 12.86 -6.93
O2P SEP H 198 21.97 13.21 -4.38
O3P SEP H 198 24.37 12.32 -5.06
N PHE H 199 22.10 8.69 -2.90
CA PHE H 199 23.14 7.93 -2.22
C PHE H 199 22.74 7.51 -0.80
N VAL H 200 23.10 6.28 -0.45
CA VAL H 200 22.93 5.75 0.90
C VAL H 200 24.30 5.49 1.55
N GLY H 201 24.50 6.12 2.70
CA GLY H 201 25.75 6.07 3.45
C GLY H 201 25.85 4.83 4.27
N THR H 202 26.82 4.74 5.15
CA THR H 202 27.02 3.53 5.96
C THR H 202 25.73 3.18 6.68
N ALA H 203 25.35 1.92 6.63
CA ALA H 203 24.04 1.51 7.07
C ALA H 203 23.67 1.86 8.50
N GLN H 204 24.61 1.75 9.40
CA GLN H 204 24.36 2.03 10.78
C GLN H 204 23.93 3.44 11.09
N TYR H 205 24.36 4.41 10.32
CA TYR H 205 24.10 5.81 10.65
C TYR H 205 23.07 6.47 9.71
N VAL H 206 22.48 5.69 8.82
CA VAL H 206 21.55 6.23 7.82
C VAL H 206 20.14 6.34 8.36
N SER H 207 19.50 7.48 8.09
CA SER H 207 18.11 7.72 8.52
C SER H 207 17.10 7.00 7.64
N PRO H 208 15.92 6.78 8.15
CA PRO H 208 14.92 6.04 7.43
C PRO H 208 14.60 6.67 6.09
N GLU H 209 14.48 7.97 6.03
CA GLU H 209 14.13 8.67 4.85
C GLU H 209 15.14 8.47 3.74
N LEU H 210 16.40 8.41 4.05
CA LEU H 210 17.36 8.06 3.07
C LEU H 210 17.14 6.66 2.58
N LEU H 211 16.81 5.75 3.47
CA LEU H 211 16.61 4.38 3.07
C LEU H 211 15.42 4.23 2.15
N THR H 212 14.33 4.87 2.45
CA THR H 212 13.19 4.68 1.64
C THR H 212 13.16 5.73 0.53
N GLU H 213 14.24 6.48 0.39
CA GLU H 213 14.45 7.47 -0.64
C GLU H 213 13.30 8.40 -0.71
N LYS H 214 12.69 8.68 0.44
CA LYS H 214 11.46 9.43 0.62
C LYS H 214 11.65 10.87 1.04
N SER H 215 12.84 11.17 1.52
CA SER H 215 13.17 12.51 1.92
C SER H 215 14.68 12.77 1.94
N ALA H 216 15.05 14.03 1.95
CA ALA H 216 16.40 14.41 2.23
C ALA H 216 16.26 15.71 2.91
N CYS H 217 17.10 15.98 3.88
CA CYS H 217 16.97 17.23 4.53
C CYS H 217 18.00 17.24 5.57
N LYS H 218 18.16 18.40 6.19
CA LYS H 218 19.22 18.61 7.16
C LYS H 218 19.02 17.62 8.27
N SER H 219 17.79 17.26 8.48
CA SER H 219 17.39 16.41 9.56
C SER H 219 18.05 15.04 9.53
N SER H 220 18.45 14.57 8.36
CA SER H 220 19.15 13.30 8.24
C SER H 220 20.46 13.30 8.98
N ASP H 221 21.13 14.43 8.95
CA ASP H 221 22.33 14.61 9.72
C ASP H 221 22.07 14.56 11.23
N LEU H 222 20.93 15.05 11.68
CA LEU H 222 20.57 15.03 13.11
C LEU H 222 20.32 13.62 13.60
N TRP H 223 19.75 12.81 12.72
CA TRP H 223 19.58 11.39 13.02
C TRP H 223 20.94 10.72 13.20
N ALA H 224 21.87 11.01 12.30
CA ALA H 224 23.23 10.48 12.39
C ALA H 224 23.90 10.95 13.69
N LEU H 225 23.68 12.20 14.06
CA LEU H 225 24.15 12.71 15.35
C LEU H 225 23.62 11.87 16.51
N GLY H 226 22.31 11.61 16.50
CA GLY H 226 21.70 10.73 17.47
C GLY H 226 22.46 9.42 17.60
N CYS H 227 22.75 8.80 16.45
CA CYS H 227 23.54 7.54 16.39
C CYS H 227 24.95 7.68 16.97
N ILE H 228 25.64 8.76 16.62
CA ILE H 228 26.99 9.00 17.16
C ILE H 228 27.02 9.23 18.70
N ILE H 229 26.09 10.05 19.20
CA ILE H 229 25.98 10.23 20.66
C ILE H 229 25.77 8.89 21.35
N TYR H 230 24.86 8.09 20.80
CA TYR H 230 24.59 6.79 21.38
C TYR H 230 25.89 6.00 21.42
N GLN H 231 26.67 6.09 20.34
CA GLN H 231 27.87 5.30 20.25
C GLN H 231 28.98 5.80 21.18
N LEU H 232 29.08 7.11 21.38
CA LEU H 232 30.04 7.67 22.34
C LEU H 232 29.77 7.14 23.74
N VAL H 233 28.49 7.10 24.11
CA VAL H 233 28.09 6.66 25.45
C VAL H 233 28.14 5.14 25.66
N ALA H 234 27.53 4.40 24.73
CA ALA H 234 27.39 2.96 24.88
C ALA H 234 28.58 2.18 24.31
N GLY H 235 29.39 2.82 23.49
CA GLY H 235 30.54 2.17 22.89
C GLY H 235 30.19 1.38 21.66
N LEU H 236 28.92 1.41 21.27
CA LEU H 236 28.44 0.73 20.07
C LEU H 236 27.29 1.53 19.48
N PRO H 237 27.14 1.50 18.15
CA PRO H 237 26.00 2.18 17.51
C PRO H 237 24.66 1.53 17.89
N PRO H 238 23.56 2.30 17.80
CA PRO H 238 22.30 1.78 18.33
C PRO H 238 21.66 0.64 17.49
N PHE H 239 21.76 0.66 16.17
CA PHE H 239 21.10 -0.35 15.32
C PHE H 239 22.12 -1.37 14.87
N ARG H 240 21.97 -2.61 15.35
CA ARG H 240 22.96 -3.64 15.14
C ARG H 240 22.23 -4.93 14.76
N ALA H 241 22.79 -5.70 13.83
CA ALA H 241 22.19 -6.95 13.43
C ALA H 241 23.18 -7.65 12.54
N GLY H 242 22.82 -8.84 12.08
CA GLY H 242 23.73 -9.71 11.33
C GLY H 242 24.16 -9.22 9.97
N ASN H 243 23.32 -8.44 9.29
CA ASN H 243 23.73 -7.84 8.03
C ASN H 243 23.03 -6.51 7.79
N GLU H 244 23.46 -5.79 6.77
CA GLU H 244 22.92 -4.47 6.49
C GLU H 244 21.41 -4.51 6.32
N TYR H 245 20.88 -5.61 5.78
CA TYR H 245 19.44 -5.67 5.57
C TYR H 245 18.67 -5.75 6.88
N LEU H 246 19.18 -6.53 7.82
CA LEU H 246 18.56 -6.63 9.15
C LEU H 246 18.70 -5.31 9.94
N ILE H 247 19.78 -4.59 9.69
CA ILE H 247 19.99 -3.30 10.28
C ILE H 247 18.95 -2.31 9.73
N PHE H 248 18.75 -2.28 8.41
CA PHE H 248 17.73 -1.43 7.80
C PHE H 248 16.38 -1.67 8.43
N GLN H 249 16.04 -2.95 8.57
CA GLN H 249 14.78 -3.34 9.21
C GLN H 249 14.59 -2.72 10.59
N LYS H 250 15.66 -2.72 11.42
CA LYS H 250 15.59 -2.11 12.73
C LYS H 250 15.44 -0.60 12.65
N ILE H 251 16.16 0.03 11.74
CA ILE H 251 16.09 1.47 11.55
C ILE H 251 14.65 1.92 11.22
N ILE H 252 14.04 1.23 10.26
CA ILE H 252 12.71 1.57 9.78
C ILE H 252 11.65 1.36 10.90
N LYS H 253 11.90 0.40 11.77
CA LYS H 253 11.00 0.13 12.90
C LYS H 253 11.37 0.89 14.15
N LEU H 254 12.52 1.58 14.12
CA LEU H 254 13.00 2.30 15.29
C LEU H 254 13.23 1.30 16.41
N GLU H 255 13.88 0.21 16.04
CA GLU H 255 14.08 -0.90 16.98
C GLU H 255 15.47 -0.88 17.62
N TYR H 256 15.57 -0.22 18.77
CA TYR H 256 16.83 -0.21 19.55
C TYR H 256 16.54 -0.01 21.04
N ASP H 257 17.52 -0.29 21.89
CA ASP H 257 17.36 -0.15 23.34
C ASP H 257 18.62 0.47 23.96
N PHE H 258 18.46 1.22 25.04
CA PHE H 258 19.61 1.74 25.78
C PHE H 258 19.99 0.78 26.89
N PRO H 259 21.30 0.62 27.14
CA PRO H 259 21.81 -0.04 28.36
C PRO H 259 21.17 0.58 29.60
N GLU H 260 20.96 -0.20 30.65
CA GLU H 260 20.46 0.32 31.91
C GLU H 260 21.32 1.49 32.39
N LYS H 261 22.63 1.35 32.27
CA LYS H 261 23.54 2.45 32.57
C LYS H 261 23.82 3.24 31.29
N PHE H 262 23.22 4.42 31.19
CA PHE H 262 23.38 5.28 30.04
C PHE H 262 22.97 6.66 30.56
N PHE H 263 23.85 7.65 30.42
CA PHE H 263 23.60 8.99 30.96
C PHE H 263 22.20 9.49 30.61
N PRO H 264 21.38 9.73 31.64
CA PRO H 264 19.96 10.04 31.49
C PRO H 264 19.69 11.22 30.57
N LYS H 265 20.48 12.29 30.67
CA LYS H 265 20.22 13.46 29.82
C LYS H 265 20.66 13.20 28.37
N ALA H 266 21.62 12.29 28.19
CA ALA H 266 22.04 11.90 26.86
C ALA H 266 20.97 11.00 26.24
N ARG H 267 20.38 10.12 27.06
CA ARG H 267 19.32 9.24 26.57
C ARG H 267 18.11 10.08 26.12
N ASP H 268 17.69 11.02 26.96
CA ASP H 268 16.66 11.97 26.53
C ASP H 268 17.00 12.66 25.20
N LEU H 269 18.26 13.09 25.02
CA LEU H 269 18.68 13.76 23.79
C LEU H 269 18.56 12.81 22.61
N VAL H 270 19.09 11.60 22.78
CA VAL H 270 19.06 10.63 21.71
C VAL H 270 17.62 10.34 21.29
N GLU H 271 16.74 10.18 22.28
CA GLU H 271 15.33 9.97 21.98
C GLU H 271 14.67 11.12 21.19
N LYS H 272 15.15 12.35 21.33
CA LYS H 272 14.65 13.47 20.52
C LYS H 272 15.30 13.60 19.13
N LEU H 273 16.33 12.79 18.87
CA LEU H 273 17.02 12.81 17.58
C LEU H 273 16.65 11.60 16.69
N LEU H 274 16.60 10.42 17.31
CA LEU H 274 16.23 9.21 16.59
C LEU H 274 14.69 9.11 16.51
N VAL H 275 14.12 9.95 15.67
CA VAL H 275 12.68 10.05 15.52
C VAL H 275 12.40 9.76 14.05
N LEU H 276 11.47 8.85 13.76
CA LEU H 276 11.24 8.46 12.36
C LEU H 276 10.79 9.62 11.49
N ASP H 277 9.88 10.44 12.01
CA ASP H 277 9.45 11.63 11.29
C ASP H 277 10.57 12.67 11.29
N ALA H 278 11.09 12.97 10.11
CA ALA H 278 12.21 13.91 9.98
C ALA H 278 11.88 15.35 10.39
N THR H 279 10.60 15.70 10.46
CA THR H 279 10.23 17.06 10.84
C THR H 279 10.07 17.20 12.35
N LYS H 280 10.21 16.09 13.07
CA LYS H 280 10.14 16.13 14.52
C LYS H 280 11.45 15.85 15.26
N ARG H 281 12.58 15.98 14.57
CA ARG H 281 13.88 15.83 15.21
C ARG H 281 14.33 17.14 15.85
N LEU H 282 14.83 17.05 17.08
CA LEU H 282 15.34 18.23 17.77
C LEU H 282 16.44 18.82 16.92
N GLY H 283 16.36 20.13 16.67
CA GLY H 283 17.40 20.80 15.92
C GLY H 283 16.96 21.15 14.51
N CYS H 284 15.91 20.50 14.03
CA CYS H 284 15.46 20.76 12.66
C CYS H 284 14.54 21.97 12.62
N GLU H 285 14.37 22.54 11.41
CA GLU H 285 13.64 23.80 11.25
C GLU H 285 12.20 23.78 11.78
N GLU H 286 11.46 22.71 11.47
CA GLU H 286 10.08 22.57 11.96
C GLU H 286 10.02 22.41 13.48
N MET H 287 11.18 22.30 14.13
CA MET H 287 11.23 22.22 15.58
C MET H 287 11.92 23.45 16.15
N GLU H 288 11.99 24.50 15.34
CA GLU H 288 12.58 25.80 15.73
C GLU H 288 14.13 25.87 15.78
N GLY H 289 14.79 24.92 15.13
CA GLY H 289 16.20 25.08 14.83
C GLY H 289 17.14 24.69 15.95
N TYR H 290 18.35 25.21 15.83
CA TYR H 290 19.45 24.81 16.69
C TYR H 290 19.32 25.30 18.13
N GLY H 291 18.53 26.35 18.34
CA GLY H 291 18.37 26.92 19.66
C GLY H 291 17.95 25.89 20.71
N PRO H 292 16.76 25.28 20.54
CA PRO H 292 16.27 24.22 21.44
C PRO H 292 17.24 23.02 21.53
N LEU H 293 17.97 22.69 20.46
CA LEU H 293 18.92 21.59 20.51
C LEU H 293 20.08 21.96 21.42
N LYS H 294 20.60 23.18 21.24
CA LYS H 294 21.71 23.64 22.08
C LYS H 294 21.30 23.91 23.55
N ALA H 295 20.03 24.23 23.77
CA ALA H 295 19.52 24.45 25.13
C ALA H 295 19.18 23.14 25.85
N HIS H 296 19.37 22.02 25.19
CA HIS H 296 19.01 20.78 25.83
C HIS H 296 19.84 20.58 27.09
N PRO H 297 19.19 20.17 28.18
CA PRO H 297 19.81 19.94 29.49
C PRO H 297 21.11 19.15 29.37
N PHE H 298 21.19 18.25 28.40
CA PHE H 298 22.46 17.52 28.18
C PHE H 298 23.65 18.48 28.08
N PHE H 299 23.42 19.65 27.52
CA PHE H 299 24.51 20.58 27.26
C PHE H 299 24.76 21.65 28.35
N GLU H 300 24.04 21.61 29.46
CA GLU H 300 24.11 22.74 30.41
C GLU H 300 25.52 23.15 30.89
N SER H 301 26.39 22.16 31.06
CA SER H 301 27.74 22.46 31.54
C SER H 301 28.72 22.80 30.41
N VAL H 302 28.22 22.95 29.20
CA VAL H 302 29.10 23.25 28.08
C VAL H 302 29.11 24.75 27.80
N THR H 303 30.28 25.25 27.37
CA THR H 303 30.38 26.63 26.93
C THR H 303 30.40 26.65 25.42
N TRP H 304 29.31 27.15 24.82
CA TRP H 304 29.14 27.10 23.37
C TRP H 304 30.04 28.04 22.61
N GLU H 305 30.45 29.12 23.27
CA GLU H 305 31.25 30.14 22.59
C GLU H 305 32.70 29.72 22.44
N ASN H 306 33.22 29.82 21.23
CA ASN H 306 34.63 29.54 20.94
C ASN H 306 35.08 28.17 21.41
N LEU H 307 34.31 27.16 21.05
CA LEU H 307 34.61 25.80 21.43
C LEU H 307 35.95 25.41 20.87
N HIS H 308 36.28 25.93 19.69
CA HIS H 308 37.55 25.60 19.06
C HIS H 308 38.74 26.18 19.82
N GLN H 309 38.45 27.12 20.72
CA GLN H 309 39.50 27.76 21.52
C GLN H 309 39.61 27.17 22.92
N GLN H 310 38.80 26.16 23.22
CA GLN H 310 38.87 25.57 24.54
C GLN H 310 39.76 24.36 24.49
N THR H 311 40.28 23.95 25.64
CA THR H 311 41.06 22.73 25.72
C THR H 311 40.12 21.55 25.98
N PRO H 312 40.11 20.58 25.06
CA PRO H 312 39.24 19.41 25.21
C PRO H 312 39.64 18.58 26.40
N PRO H 313 38.66 18.01 27.10
CA PRO H 313 39.03 17.06 28.17
C PRO H 313 39.87 15.93 27.58
N LYS H 314 40.86 15.46 28.32
CA LYS H 314 41.68 14.36 27.83
C LYS H 314 40.87 13.07 27.73
N LEU H 315 40.96 12.40 26.58
CA LEU H 315 40.29 11.10 26.39
C LEU H 315 41.10 10.02 27.09
N THR H 316 40.50 9.36 28.07
CA THR H 316 41.22 8.42 28.92
C THR H 316 40.37 7.21 29.30
SD 1F8 I . -40.92 -11.98 -1.92
C15 1F8 I . -40.79 -10.80 -3.21
C16 1F8 I . -39.32 -10.49 -3.44
N17 1F8 I . -39.10 -9.29 -2.65
C18 1F8 I . -37.96 -8.71 -2.33
O19 1F8 I . -36.87 -9.14 -2.67
C20 1F8 I . -38.07 -7.46 -1.51
C21 1F8 I . -37.18 -7.12 -0.36
C22 1F8 I . -37.68 -5.90 0.04
O23 1F8 I . -38.72 -5.44 -0.68
C24 1F8 I . -39.02 -6.34 -1.67
C25 1F8 I . -37.11 -5.22 1.12
C26 1F8 I . -36.03 -5.82 1.77
C27 1F8 I . -35.55 -7.06 1.35
C28 1F8 I . -36.11 -7.72 0.26
C29 1F8 I . -40.18 -6.01 -2.59
CL CL J . -18.77 -37.60 -21.72
SD 1F8 K . 46.33 44.53 36.82
C15 1F8 K . 46.16 43.19 37.96
C16 1F8 K . 44.74 43.20 38.50
N17 1F8 K . 44.84 43.92 39.75
C18 1F8 K . 43.87 44.39 40.52
O19 1F8 K . 42.69 44.28 40.24
C20 1F8 K . 44.29 45.07 41.77
C21 1F8 K . 43.68 46.31 42.31
C22 1F8 K . 44.42 46.54 43.46
O23 1F8 K . 45.37 45.63 43.69
C24 1F8 K . 45.37 44.67 42.71
C25 1F8 K . 44.15 47.64 44.26
C26 1F8 K . 43.11 48.49 43.88
C27 1F8 K . 42.38 48.26 42.72
C28 1F8 K . 42.66 47.15 41.91
C29 1F8 K . 46.38 43.55 42.79
CL CL L . 17.55 30.48 14.44
SD 1F8 M . 23.98 -16.10 -69.43
C15 1F8 M . 22.89 -14.95 -70.19
C16 1F8 M . 21.45 -15.37 -69.88
N17 1F8 M . 21.06 -16.14 -71.04
C18 1F8 M . 19.98 -16.90 -71.20
O19 1F8 M . 19.15 -17.06 -70.32
C20 1F8 M . 19.84 -17.56 -72.53
C21 1F8 M . 19.39 -18.95 -72.75
C22 1F8 M . 19.43 -19.06 -74.12
O23 1F8 M . 19.82 -17.96 -74.77
C24 1F8 M . 20.10 -16.96 -73.87
C25 1F8 M . 19.07 -20.26 -74.74
C26 1F8 M . 18.68 -21.32 -73.94
C27 1F8 M . 18.64 -21.19 -72.55
C28 1F8 M . 19.00 -19.99 -71.93
C29 1F8 M . 20.57 -15.63 -74.40
CL CL N . 9.00 -8.67 -33.76
SD 1F8 O . -29.23 -16.41 34.91
C15 1F8 O . -28.08 -17.40 35.82
C16 1F8 O . -26.70 -17.28 35.17
N17 1F8 O . -26.62 -18.43 34.29
C18 1F8 O . -25.73 -18.69 33.33
O19 1F8 O . -24.82 -17.94 33.05
C20 1F8 O . -25.92 -19.98 32.62
C21 1F8 O . -25.75 -20.16 31.15
C22 1F8 O . -26.02 -21.51 30.98
O23 1F8 O . -26.33 -22.15 32.10
C24 1F8 O . -26.29 -21.30 33.17
C25 1F8 O . -25.96 -22.07 29.72
C26 1F8 O . -25.62 -21.27 28.64
C27 1F8 O . -25.35 -19.91 28.83
C28 1F8 O . -25.40 -19.33 30.09
C29 1F8 O . -26.62 -21.85 34.54
CL CL P . -7.96 15.74 41.46
SD 1F8 Q . -45.54 55.68 39.80
C15 1F8 Q . -45.19 56.69 38.39
C16 1F8 Q . -43.82 57.31 38.56
N17 1F8 Q . -43.96 58.38 39.55
C18 1F8 Q . -42.98 59.15 39.99
O19 1F8 Q . -41.84 59.01 39.61
C20 1F8 Q . -43.28 60.20 40.99
C21 1F8 Q . -42.57 60.32 42.29
C22 1F8 Q . -43.16 61.43 42.87
O23 1F8 Q . -44.11 62.00 42.12
C24 1F8 Q . -44.26 61.32 40.94
C25 1F8 Q . -42.75 61.86 44.12
C26 1F8 Q . -41.74 61.17 44.77
C27 1F8 Q . -41.14 60.04 44.17
C28 1F8 Q . -41.55 59.61 42.91
C29 1F8 Q . -45.30 61.79 39.95
SD 1F8 R . -48.81 -57.02 -28.37
C15 1F8 R . -47.50 -57.77 -27.47
C16 1F8 R . -46.34 -57.99 -28.41
N17 1F8 R . -46.72 -59.12 -29.24
C18 1F8 R . -45.97 -59.62 -30.22
O19 1F8 R . -44.90 -59.14 -30.50
C20 1F8 R . -46.47 -60.80 -30.99
C21 1F8 R . -46.59 -60.82 -32.47
C22 1F8 R . -47.07 -62.09 -32.72
O23 1F8 R . -47.25 -62.84 -31.63
C24 1F8 R . -46.90 -62.14 -30.50
C25 1F8 R . -47.30 -62.49 -34.03
C26 1F8 R . -47.05 -61.59 -35.06
C27 1F8 R . -46.57 -60.30 -34.79
C28 1F8 R . -46.33 -59.91 -33.48
C29 1F8 R . -47.06 -62.81 -29.15
SD 1F8 S . 51.62 -19.22 -0.62
C15 1F8 S . 51.19 -20.61 0.37
C16 1F8 S . 49.98 -20.27 1.20
N17 1F8 S . 50.46 -19.40 2.27
C18 1F8 S . 49.68 -18.86 3.20
O19 1F8 S . 48.48 -19.05 3.21
C20 1F8 S . 50.30 -17.99 4.24
C21 1F8 S . 49.85 -16.62 4.52
C22 1F8 S . 50.68 -16.23 5.55
O23 1F8 S . 51.56 -17.15 5.94
C24 1F8 S . 51.41 -18.30 5.18
C25 1F8 S . 50.56 -14.95 6.10
C26 1F8 S . 49.58 -14.10 5.59
C27 1F8 S . 48.74 -14.51 4.56
C28 1F8 S . 48.86 -15.79 4.01
C29 1F8 S . 52.32 -19.47 5.45
SD 1F8 T . 42.92 20.74 -10.03
C15 1F8 T . 41.69 21.89 -10.52
C16 1F8 T . 40.36 21.16 -10.61
N17 1F8 T . 40.41 20.38 -11.84
C18 1F8 T . 39.43 19.59 -12.26
O19 1F8 T . 38.41 19.45 -11.63
C20 1F8 T . 39.61 18.85 -13.54
C21 1F8 T . 39.45 17.39 -13.66
C22 1F8 T . 39.68 17.16 -15.00
O23 1F8 T . 39.94 18.26 -15.71
C24 1F8 T . 39.91 19.37 -14.90
C25 1F8 T . 39.63 15.87 -15.52
C26 1F8 T . 39.34 14.82 -14.64
C27 1F8 T . 39.11 15.07 -13.29
C28 1F8 T . 39.16 16.36 -12.77
C29 1F8 T . 40.19 20.72 -15.50
#